data_9J7L
#
_entry.id   9J7L
#
loop_
_entity.id
_entity.type
_entity.pdbx_description
1 polymer 'Capsid protein'
2 polymer 'Carboxypeptidase D'
#
loop_
_entity_poly.entity_id
_entity_poly.type
_entity_poly.pdbx_seq_one_letter_code
_entity_poly.pdbx_strand_id
1 'polypeptide(L)'
;MAADGYLPDWLEDNLSEGIREWWALKPGAPKPKANQQKQDDGRGLVLPGYKYLGPFNGLDKGEPVNAADAAALEHDKAYD
QQLQAGDNPYLRYNHADAEFQERLQEDTSFGGNLGRAVFQAKKRVLEPLGLVEEGAKTAPGKKRPVEPSPQRSPDSSTGI
GKKGQQPARKRLNFGQTGDSESVPDPQPLGEPPAAPSGVGPNTMAAGGGAPMADNNEGADGVGSSSGNWHCDSTWLGDRV
ITTSTRTWALPTYNNHLYKQISNGTSGGATNDNTYFGYSTPWGYFDFNRFHCHFSPRDWQRLINNNWGFRPKRLSFKLFN
IQVKEVTQNEGTKTIANNLTSTIQVFTDSEYQLPYVLGSAHQGCLPPFPADVFMIPQYGYLTLNNGSQAVGRSSFYCLEY
FPSQMLRTGNNFQFTYTFEDVPFHSSYAHSQSLDRLMNPLIDQYLYYLSRTQTTGGTANTQTLGFSQGGPNTMANQAKNW
LPGPCYRQQRVSTTTGQNNNSNFAWTAGTKYHLNGRNSLANPGIAMATHKDDEERFFPSNGILIFGKQNAARDNADYSDV
MLTSEEEIKTTNPVATEEYGIVADNLQQQNTAPQIGTVNSQGALPGMVWQNRDVYLQGPIWAKIPHTDGNFHPSPLMGGF
GLKHPPPQILIKNTPVPADPPTTFNQSKLNSFITQYSTGQVSVEIEWELQKENSKRWNPEIQYTSNYYKSTSVDFAVNTE
GVYSEPRPIGTRYLTRNL
;
5,6,7,c,o,p
2 'polypeptide(L)'
;AHIKKAEATTTTTSAGAEAAEGQFDRYYHEEELESALREAAAAGLPGLARLFSIGRSVEGRPLWVLRLTAGLGSLIPEGD
AGPDAAGPDAAGPLLPGRPQVKLVGNMHGDETVSRQVLIYLARELAAGYRRGDPRLVRLLNTTDVYLLPSLNPDGFERAR
EGDCGFGDGGPSGASGRDNSRGRDLNRSFPDQFSTGEPPALDEVPEVRALIEWIRRNKFVLSGNLHGGSVVASYPFDDSP
EHKATGIYSKTSDDEVFKYLAKAYASNHPIMKTGEPHCPGDEDETFKDGITNGAHWYDVEGGMQDYNYVWANCFEITLEL
SCCKYPPASQLRQEWENNRESLITLIEKVHIGVKGFVKDSITGSGLENATISVAGINHNITTGRFGDFYRLLVPGTYNLT
VVLTGYMPLTVTNVVVKEGPATEVDFSLRPTVTSVIPDTTEAVSTASTVAIPNILSGTSSSYHHHHHHHH
;
A
#
# COMPACT_ATOMS: atom_id res chain seq x y z
N HIS A 429 28.79 40.20 -16.10
CA HIS A 429 28.47 38.85 -16.54
C HIS A 429 28.57 38.73 -18.05
N SER A 430 29.27 37.70 -18.52
CA SER A 430 29.46 37.49 -19.95
C SER A 430 28.28 36.81 -20.62
N GLN A 431 27.38 36.21 -19.86
CA GLN A 431 26.22 35.53 -20.44
C GLN A 431 24.99 35.83 -19.59
N SER A 432 23.83 35.76 -20.24
CA SER A 432 22.57 36.10 -19.61
C SER A 432 22.05 34.95 -18.76
N LEU A 433 21.08 35.27 -17.90
CA LEU A 433 20.51 34.26 -17.01
C LEU A 433 19.67 33.24 -17.78
N ASP A 434 18.95 33.69 -18.80
CA ASP A 434 18.11 32.82 -19.60
C ASP A 434 18.84 32.23 -20.80
N ARG A 435 20.16 32.44 -20.91
CA ARG A 435 20.94 31.94 -22.02
C ARG A 435 22.23 31.31 -21.50
N LEU A 436 22.11 30.49 -20.46
CA LEU A 436 23.26 29.80 -19.88
C LEU A 436 23.24 28.30 -20.17
N MET A 437 22.40 27.87 -21.10
CA MET A 437 22.29 26.47 -21.48
C MET A 437 23.00 26.21 -22.80
N ASN A 438 23.05 24.94 -23.17
CA ASN A 438 23.69 24.54 -24.41
C ASN A 438 22.82 24.93 -25.60
N PRO A 439 23.33 25.73 -26.54
CA PRO A 439 22.58 26.06 -27.75
C PRO A 439 22.64 25.00 -28.84
N LEU A 440 23.15 23.81 -28.53
CA LEU A 440 23.28 22.73 -29.49
C LEU A 440 22.48 21.50 -29.11
N ILE A 441 22.14 21.33 -27.83
CA ILE A 441 21.50 20.13 -27.33
C ILE A 441 20.15 20.52 -26.78
N ASP A 442 19.11 19.83 -27.24
CA ASP A 442 17.78 20.10 -26.69
C ASP A 442 17.59 19.37 -25.36
N GLN A 443 16.63 19.87 -24.58
CA GLN A 443 16.40 19.34 -23.24
C GLN A 443 15.62 18.04 -23.29
N TYR A 444 15.76 17.25 -22.23
CA TYR A 444 14.96 16.04 -22.10
C TYR A 444 13.63 16.29 -21.40
N LEU A 445 13.42 17.50 -20.89
CA LEU A 445 12.15 17.86 -20.26
C LEU A 445 11.21 18.44 -21.30
N TYR A 446 9.92 18.13 -21.15
CA TYR A 446 8.91 18.61 -22.07
C TYR A 446 8.19 19.82 -21.50
N TYR A 447 7.74 20.69 -22.41
CA TYR A 447 6.92 21.84 -22.06
C TYR A 447 5.65 21.79 -22.89
N LEU A 448 4.58 22.34 -22.33
CA LEU A 448 3.32 22.44 -23.05
C LEU A 448 3.49 23.41 -24.21
N SER A 449 3.54 22.88 -25.42
CA SER A 449 3.78 23.69 -26.61
C SER A 449 2.51 24.17 -27.28
N ARG A 450 1.45 23.37 -27.26
CA ARG A 450 0.19 23.77 -27.87
C ARG A 450 -0.96 23.09 -27.16
N THR A 451 -2.11 23.76 -27.13
CA THR A 451 -3.34 23.25 -26.54
C THR A 451 -4.46 23.11 -27.55
N GLN A 452 -4.46 23.90 -28.62
CA GLN A 452 -5.46 23.82 -29.67
C GLN A 452 -4.82 23.27 -30.93
N THR A 453 -5.56 22.44 -31.65
CA THR A 453 -5.04 21.86 -32.89
C THR A 453 -4.98 22.91 -33.99
N THR A 454 -4.28 22.57 -35.06
CA THR A 454 -4.22 23.43 -36.25
C THR A 454 -4.68 22.68 -37.49
N ASN A 459 -10.78 23.71 -35.19
CA ASN A 459 -9.70 23.61 -34.22
C ASN A 459 -10.26 23.29 -32.84
N THR A 460 -9.81 22.18 -32.26
CA THR A 460 -10.33 21.68 -31.00
C THR A 460 -9.22 21.60 -29.96
N GLN A 461 -9.62 21.21 -28.75
CA GLN A 461 -8.66 21.06 -27.66
C GLN A 461 -7.72 19.89 -27.92
N THR A 462 -6.49 20.04 -27.44
CA THR A 462 -5.51 18.96 -27.44
C THR A 462 -4.49 19.26 -26.36
N LEU A 463 -3.43 18.46 -26.30
CA LEU A 463 -2.33 18.65 -25.37
C LEU A 463 -1.05 18.24 -26.07
N GLY A 464 -0.30 19.21 -26.56
CA GLY A 464 0.96 18.95 -27.24
C GLY A 464 2.13 19.33 -26.35
N PHE A 465 3.13 18.46 -26.32
CA PHE A 465 4.34 18.68 -25.54
C PHE A 465 5.55 18.66 -26.46
N SER A 466 6.49 19.56 -26.22
CA SER A 466 7.69 19.67 -27.04
C SER A 466 8.92 19.78 -26.15
N GLN A 467 10.06 19.37 -26.69
CA GLN A 467 11.33 19.47 -25.97
C GLN A 467 11.99 20.80 -26.31
N GLY A 468 12.31 21.58 -25.28
CA GLY A 468 13.00 22.84 -25.48
C GLY A 468 14.36 22.63 -26.12
N GLY A 469 14.62 23.33 -27.22
CA GLY A 469 15.86 23.15 -27.95
C GLY A 469 16.49 24.45 -28.37
N PRO A 470 17.45 24.37 -29.28
CA PRO A 470 18.12 25.59 -29.75
C PRO A 470 17.18 26.60 -30.37
N ASN A 471 16.12 26.16 -31.03
CA ASN A 471 15.21 27.10 -31.69
C ASN A 471 14.24 27.71 -30.69
N THR A 472 13.55 26.87 -29.91
CA THR A 472 12.58 27.36 -28.93
C THR A 472 13.23 27.41 -27.55
N MET A 473 14.17 28.33 -27.41
CA MET A 473 14.90 28.49 -26.16
C MET A 473 14.17 29.33 -25.13
N ALA A 474 13.12 30.05 -25.53
CA ALA A 474 12.31 30.76 -24.54
C ALA A 474 11.51 29.80 -23.67
N ASN A 475 11.13 28.65 -24.22
CA ASN A 475 10.31 27.68 -23.52
C ASN A 475 11.13 26.67 -22.74
N GLN A 476 12.46 26.74 -22.82
CA GLN A 476 13.30 25.79 -22.12
C GLN A 476 13.14 25.94 -20.61
N ALA A 477 13.28 24.83 -19.90
CA ALA A 477 13.24 24.83 -18.44
C ALA A 477 14.51 25.50 -17.92
N LYS A 478 14.35 26.40 -16.96
CA LYS A 478 15.48 27.06 -16.34
C LYS A 478 15.57 26.71 -14.86
N ASN A 479 16.71 27.01 -14.25
CA ASN A 479 16.95 26.74 -12.84
C ASN A 479 16.80 27.97 -11.95
N TRP A 480 16.83 29.17 -12.53
CA TRP A 480 16.88 30.40 -11.76
C TRP A 480 15.99 31.47 -12.39
N LEU A 481 15.62 32.44 -11.57
CA LEU A 481 14.79 33.57 -11.99
C LEU A 481 15.54 34.87 -11.82
N PRO A 482 15.20 35.91 -12.58
CA PRO A 482 15.89 37.19 -12.43
C PRO A 482 15.64 37.80 -11.07
N GLY A 483 16.62 38.56 -10.60
CA GLY A 483 16.52 39.25 -9.33
C GLY A 483 15.52 40.38 -9.35
N GLU A 578 8.18 45.51 -16.47
CA GLU A 578 7.50 44.42 -15.79
C GLU A 578 8.48 43.33 -15.40
N TYR A 579 8.25 42.69 -14.26
CA TYR A 579 9.07 41.55 -13.88
C TYR A 579 8.72 40.31 -14.69
N GLY A 580 7.43 40.08 -14.90
CA GLY A 580 7.00 38.90 -15.62
C GLY A 580 5.51 38.88 -15.79
N ILE A 581 5.00 37.73 -16.22
CA ILE A 581 3.58 37.53 -16.49
C ILE A 581 3.12 36.33 -15.67
N VAL A 582 2.01 36.47 -14.97
CA VAL A 582 1.44 35.38 -14.17
C VAL A 582 0.00 35.16 -14.58
N ALA A 583 -0.56 34.05 -14.11
CA ALA A 583 -1.98 33.78 -14.33
C ALA A 583 -2.82 34.62 -13.40
N ASP A 584 -4.02 34.96 -13.86
CA ASP A 584 -4.93 35.81 -13.12
C ASP A 584 -6.25 35.12 -12.79
N ASN A 585 -6.48 33.91 -13.29
CA ASN A 585 -7.73 33.21 -13.09
C ASN A 585 -7.53 31.74 -13.42
N LEU A 586 -8.60 30.96 -13.26
CA LEU A 586 -8.63 29.56 -13.70
C LEU A 586 -9.37 29.52 -15.03
N GLN A 587 -8.64 29.17 -16.10
CA GLN A 587 -9.26 29.06 -17.40
C GLN A 587 -10.09 27.79 -17.51
N GLN A 588 -11.11 27.85 -18.37
CA GLN A 588 -11.95 26.71 -18.67
C GLN A 588 -12.47 26.88 -20.09
N GLN A 589 -13.30 25.94 -20.52
CA GLN A 589 -13.81 26.00 -21.90
C GLN A 589 -14.79 27.14 -22.12
N ASN A 590 -14.96 28.04 -21.15
CA ASN A 590 -15.84 29.18 -21.30
C ASN A 590 -15.16 30.51 -21.03
N THR A 591 -14.10 30.55 -20.22
CA THR A 591 -13.39 31.77 -19.90
C THR A 591 -11.96 31.66 -20.42
N ALA A 592 -11.56 32.65 -21.22
CA ALA A 592 -10.18 32.68 -21.69
C ALA A 592 -9.25 33.03 -20.52
N PRO A 593 -8.05 32.44 -20.49
CA PRO A 593 -7.09 32.77 -19.43
C PRO A 593 -6.47 34.14 -19.66
N GLN A 594 -6.82 35.09 -18.81
CA GLN A 594 -6.17 36.39 -18.83
C GLN A 594 -4.92 36.38 -17.98
N ILE A 595 -4.05 37.35 -18.21
CA ILE A 595 -2.73 37.39 -17.61
C ILE A 595 -2.57 38.66 -16.79
N GLY A 596 -1.64 38.59 -15.83
CA GLY A 596 -1.31 39.73 -15.00
C GLY A 596 0.16 40.10 -15.09
N THR A 597 0.44 41.36 -15.37
CA THR A 597 1.81 41.84 -15.45
C THR A 597 2.30 42.16 -14.05
N VAL A 598 3.36 41.48 -13.62
CA VAL A 598 3.93 41.72 -12.30
C VAL A 598 4.84 42.94 -12.38
N ASN A 599 4.46 44.01 -11.68
CA ASN A 599 5.25 45.23 -11.65
C ASN A 599 6.13 45.31 -10.42
N SER A 600 5.83 44.55 -9.38
CA SER A 600 6.65 44.49 -8.17
C SER A 600 6.71 43.04 -7.72
N GLN A 601 7.88 42.42 -7.83
CA GLN A 601 8.08 41.04 -7.44
C GLN A 601 9.07 40.99 -6.29
N GLY A 602 8.66 40.37 -5.18
CA GLY A 602 9.54 40.14 -4.07
C GLY A 602 10.46 38.96 -4.31
N ALA A 603 11.23 38.62 -3.29
CA ALA A 603 12.17 37.52 -3.40
C ALA A 603 11.45 36.19 -3.59
N LEU A 604 11.98 35.36 -4.48
CA LEU A 604 11.50 34.02 -4.72
C LEU A 604 12.69 33.07 -4.73
N PRO A 605 12.47 31.80 -4.38
CA PRO A 605 13.56 30.83 -4.48
C PRO A 605 14.08 30.73 -5.91
N GLY A 606 15.40 30.72 -6.05
CA GLY A 606 16.03 30.71 -7.35
C GLY A 606 16.32 32.07 -7.92
N MET A 607 15.91 33.15 -7.26
CA MET A 607 16.21 34.49 -7.74
C MET A 607 17.65 34.85 -7.49
N VAL A 608 18.30 35.41 -8.51
CA VAL A 608 19.69 35.83 -8.44
C VAL A 608 19.80 37.22 -9.06
N TRP A 609 20.65 38.06 -8.49
CA TRP A 609 20.80 39.42 -8.99
C TRP A 609 22.22 39.94 -8.80
N THR A 627 18.34 46.43 13.17
CA THR A 627 17.01 45.86 13.06
C THR A 627 17.03 44.38 13.39
N ASP A 628 15.84 43.79 13.54
CA ASP A 628 15.73 42.37 13.84
C ASP A 628 15.89 41.50 12.61
N GLY A 629 15.81 42.08 11.42
CA GLY A 629 15.96 41.32 10.20
C GLY A 629 16.25 42.23 9.03
N ASN A 630 16.91 41.67 8.01
CA ASN A 630 17.21 42.41 6.80
C ASN A 630 17.40 41.41 5.67
N PHE A 631 17.35 41.90 4.44
CA PHE A 631 17.47 41.05 3.28
C PHE A 631 18.69 41.39 2.43
N TRP B 229 35.20 -1.74 -15.45
CA TRP B 229 33.75 -1.76 -15.39
C TRP B 229 33.27 -2.11 -13.98
N HIS B 230 32.88 -1.09 -13.21
CA HIS B 230 32.39 -1.33 -11.85
C HIS B 230 30.87 -1.42 -11.81
N CYS B 231 30.18 -0.33 -12.13
CA CYS B 231 28.73 -0.27 -12.21
C CYS B 231 28.05 -1.05 -11.08
N ASP B 232 28.33 -0.62 -9.85
CA ASP B 232 27.82 -1.28 -8.65
C ASP B 232 27.24 -0.23 -7.72
N SER B 233 26.71 -0.69 -6.58
CA SER B 233 26.21 0.19 -5.55
C SER B 233 26.32 -0.51 -4.20
N THR B 234 27.04 0.12 -3.28
CA THR B 234 27.31 -0.46 -1.96
C THR B 234 26.68 0.43 -0.89
N TRP B 235 25.84 -0.16 -0.05
CA TRP B 235 25.19 0.55 1.03
C TRP B 235 25.91 0.24 2.34
N LEU B 236 26.62 1.22 2.87
CA LEU B 236 27.40 1.05 4.10
C LEU B 236 26.92 2.11 5.09
N GLY B 237 26.07 1.69 6.03
CA GLY B 237 25.58 2.62 7.04
C GLY B 237 24.79 3.74 6.40
N ASP B 238 25.17 4.98 6.73
CA ASP B 238 24.53 6.16 6.17
C ASP B 238 25.08 6.54 4.80
N ARG B 239 26.03 5.79 4.27
CA ARG B 239 26.62 6.08 2.98
C ARG B 239 26.13 5.09 1.94
N VAL B 240 26.03 5.56 0.70
CA VAL B 240 25.83 4.67 -0.45
C VAL B 240 26.79 5.10 -1.56
N ILE B 241 27.59 4.15 -2.02
CA ILE B 241 28.53 4.37 -3.12
C ILE B 241 27.86 3.84 -4.37
N THR B 242 27.42 4.74 -5.26
CA THR B 242 26.78 4.35 -6.51
C THR B 242 27.76 4.62 -7.64
N THR B 243 28.28 3.57 -8.23
CA THR B 243 29.16 3.67 -9.38
C THR B 243 28.48 3.09 -10.61
N SER B 244 28.82 3.66 -11.76
CA SER B 244 28.23 3.22 -13.03
C SER B 244 29.25 3.40 -14.13
N THR B 245 29.38 2.39 -14.98
CA THR B 245 30.26 2.41 -16.13
C THR B 245 29.44 2.31 -17.39
N ARG B 246 29.73 3.17 -18.36
CA ARG B 246 29.01 3.21 -19.62
C ARG B 246 30.00 3.31 -20.78
N THR B 247 29.66 2.67 -21.88
CA THR B 247 30.45 2.79 -23.10
C THR B 247 30.00 4.03 -23.86
N TRP B 248 30.98 4.84 -24.27
CA TRP B 248 30.74 6.07 -24.99
C TRP B 248 31.46 6.04 -26.33
N ALA B 249 30.99 6.87 -27.25
CA ALA B 249 31.59 6.96 -28.57
C ALA B 249 31.86 8.41 -28.95
N TYR B 253 32.87 16.61 -34.43
CA TYR B 253 32.05 17.79 -34.22
C TYR B 253 32.63 19.02 -34.91
N ASN B 254 31.79 19.71 -35.68
CA ASN B 254 32.19 20.92 -36.39
C ASN B 254 33.40 20.69 -37.28
N TYR B 258 34.84 25.35 -33.87
CA TYR B 258 34.17 26.52 -33.30
C TYR B 258 33.40 27.27 -34.37
N LYS B 259 32.08 27.26 -34.25
CA LYS B 259 31.20 27.90 -35.21
C LYS B 259 30.41 29.00 -34.51
N GLN B 260 30.41 30.19 -35.08
CA GLN B 260 29.61 31.29 -34.57
C GLN B 260 28.14 31.02 -34.89
N ILE B 261 27.39 30.53 -33.90
CA ILE B 261 25.98 30.23 -34.11
C ILE B 261 25.16 31.37 -33.53
N SER B 262 24.00 31.62 -34.12
CA SER B 262 23.13 32.70 -33.68
C SER B 262 21.73 32.45 -34.23
N ASN B 263 20.82 33.35 -33.88
CA ASN B 263 19.45 33.26 -34.38
C ASN B 263 18.82 34.65 -34.45
N THR B 270 10.53 35.04 -33.46
CA THR B 270 10.15 35.71 -32.23
C THR B 270 11.38 36.26 -31.51
N ASN B 271 11.18 37.36 -30.77
CA ASN B 271 12.29 38.02 -30.08
C ASN B 271 12.75 37.25 -28.85
N ASP B 272 11.90 36.39 -28.29
CA ASP B 272 12.23 35.69 -27.06
C ASP B 272 13.10 34.47 -27.29
N ASN B 273 13.26 34.01 -28.53
CA ASN B 273 14.03 32.82 -28.85
C ASN B 273 15.36 33.13 -29.51
N THR B 274 15.71 34.41 -29.65
CA THR B 274 16.97 34.78 -30.26
C THR B 274 18.14 34.41 -29.34
N TYR B 275 19.27 34.07 -29.96
CA TYR B 275 20.45 33.70 -29.20
C TYR B 275 21.69 33.99 -30.02
N PHE B 276 22.84 33.99 -29.34
CA PHE B 276 24.13 34.11 -29.96
C PHE B 276 25.14 33.35 -29.11
N GLY B 277 26.02 32.60 -29.77
CA GLY B 277 26.98 31.82 -29.03
C GLY B 277 27.91 31.08 -29.97
N TYR B 278 28.62 30.12 -29.40
CA TYR B 278 29.63 29.38 -30.13
C TYR B 278 29.43 27.89 -29.97
N SER B 279 29.60 27.17 -31.09
CA SER B 279 29.53 25.72 -31.15
C SER B 279 30.97 25.20 -31.18
N THR B 280 31.44 24.75 -30.04
CA THR B 280 32.78 24.20 -29.94
C THR B 280 32.82 22.79 -30.52
N PRO B 281 33.97 22.37 -31.04
CA PRO B 281 34.11 20.98 -31.51
C PRO B 281 34.36 19.97 -30.40
N TRP B 282 34.20 20.37 -29.15
CA TRP B 282 34.44 19.49 -28.02
C TRP B 282 33.15 18.78 -27.62
N GLY B 283 33.30 17.56 -27.14
CA GLY B 283 32.23 16.85 -26.47
C GLY B 283 32.46 16.90 -24.98
N TYR B 284 31.37 16.91 -24.22
CA TYR B 284 31.44 17.01 -22.77
C TYR B 284 30.72 15.82 -22.14
N PHE B 285 31.27 15.34 -21.03
CA PHE B 285 30.66 14.26 -20.27
C PHE B 285 29.65 14.83 -19.30
N ASP B 286 28.43 14.31 -19.35
CA ASP B 286 27.36 14.73 -18.45
C ASP B 286 26.81 13.51 -17.74
N PHE B 287 26.68 13.61 -16.42
CA PHE B 287 26.05 12.59 -15.60
C PHE B 287 25.17 13.23 -14.55
N ASN B 288 24.45 14.28 -14.95
CA ASN B 288 23.62 15.06 -14.03
C ASN B 288 22.18 14.60 -13.99
N ARG B 289 21.94 13.30 -14.18
CA ARG B 289 20.62 12.72 -13.98
C ARG B 289 20.73 11.58 -12.98
N PHE B 290 19.72 11.44 -12.14
CA PHE B 290 19.81 10.49 -11.04
C PHE B 290 19.88 9.05 -11.52
N HIS B 291 19.25 8.74 -12.65
CA HIS B 291 19.28 7.37 -13.14
C HIS B 291 20.66 6.96 -13.65
N CYS B 292 21.54 7.92 -13.91
CA CYS B 292 22.89 7.58 -14.36
C CYS B 292 23.69 6.87 -13.29
N HIS B 293 23.30 6.99 -12.03
CA HIS B 293 23.99 6.37 -10.92
C HIS B 293 23.12 5.42 -10.11
N PHE B 294 21.82 5.66 -10.05
CA PHE B 294 20.90 4.85 -9.27
C PHE B 294 20.08 3.94 -10.18
N SER B 295 20.07 2.67 -9.86
CA SER B 295 19.13 1.75 -10.49
C SER B 295 17.75 1.97 -9.90
N PRO B 296 16.69 1.56 -10.61
CA PRO B 296 15.35 1.69 -10.03
C PRO B 296 15.21 0.97 -8.69
N ARG B 297 15.83 -0.20 -8.55
CA ARG B 297 15.85 -0.84 -7.23
C ARG B 297 16.64 -0.03 -6.23
N ASP B 298 17.77 0.55 -6.66
CA ASP B 298 18.52 1.43 -5.78
C ASP B 298 17.71 2.65 -5.41
N TRP B 299 16.99 3.23 -6.37
CA TRP B 299 16.15 4.38 -6.07
C TRP B 299 15.07 4.03 -5.07
N GLN B 300 14.45 2.86 -5.22
CA GLN B 300 13.46 2.42 -4.25
C GLN B 300 14.07 2.25 -2.88
N ARG B 301 15.19 1.54 -2.80
CA ARG B 301 15.90 1.31 -1.55
C ARG B 301 16.38 2.60 -0.92
N LEU B 302 16.51 3.66 -1.69
CA LEU B 302 16.86 4.98 -1.19
C LEU B 302 15.67 5.78 -0.71
N ILE B 303 14.58 5.83 -1.48
CA ILE B 303 13.46 6.71 -1.18
C ILE B 303 12.46 6.08 -0.24
N ASN B 304 12.54 4.77 0.00
CA ASN B 304 11.59 4.11 0.88
C ASN B 304 11.98 4.16 2.34
N ASN B 305 13.25 4.39 2.68
CA ASN B 305 13.69 4.32 4.06
C ASN B 305 14.69 5.40 4.45
N ASN B 306 14.80 6.48 3.66
CA ASN B 306 15.69 7.58 4.00
C ASN B 306 14.94 8.90 3.91
N TRP B 307 15.06 9.72 4.95
CA TRP B 307 14.44 11.04 4.95
C TRP B 307 15.18 12.04 4.08
N GLY B 308 16.44 11.79 3.77
CA GLY B 308 17.20 12.71 2.94
C GLY B 308 18.46 12.08 2.44
N PHE B 309 19.05 12.74 1.45
CA PHE B 309 20.31 12.28 0.86
C PHE B 309 21.00 13.46 0.21
N ARG B 310 22.32 13.39 0.12
CA ARG B 310 23.10 14.42 -0.53
C ARG B 310 24.42 13.83 -0.97
N PRO B 311 24.94 14.21 -2.13
CA PRO B 311 26.24 13.67 -2.56
C PRO B 311 27.37 14.22 -1.71
N LYS B 312 28.43 13.42 -1.59
CA LYS B 312 29.61 13.79 -0.83
C LYS B 312 30.85 13.93 -1.70
N ARG B 313 31.10 12.98 -2.58
CA ARG B 313 32.26 13.01 -3.46
C ARG B 313 31.95 12.17 -4.70
N LEU B 314 32.78 12.35 -5.73
CA LEU B 314 32.67 11.53 -6.93
C LEU B 314 34.05 11.27 -7.49
N SER B 315 34.24 10.06 -8.00
CA SER B 315 35.44 9.67 -8.72
C SER B 315 35.05 9.40 -10.17
N PHE B 316 35.79 10.02 -11.09
CA PHE B 316 35.53 9.91 -12.52
C PHE B 316 36.74 9.29 -13.18
N LYS B 317 36.51 8.25 -13.99
CA LYS B 317 37.57 7.55 -14.70
C LYS B 317 37.18 7.42 -16.16
N LEU B 318 38.16 7.54 -17.04
CA LEU B 318 37.94 7.47 -18.48
C LEU B 318 38.69 6.28 -19.06
N VAL B 345 41.10 15.82 -23.37
CA VAL B 345 40.28 15.57 -22.19
C VAL B 345 40.76 16.41 -21.02
N PHE B 346 39.87 17.25 -20.49
CA PHE B 346 40.21 18.09 -19.35
C PHE B 346 38.93 18.46 -18.62
N THR B 347 39.10 18.84 -17.36
CA THR B 347 38.00 19.33 -16.53
C THR B 347 38.33 20.74 -16.06
N ASP B 348 37.35 21.63 -16.15
CA ASP B 348 37.54 23.01 -15.68
C ASP B 348 37.32 23.03 -14.17
N SER B 349 38.41 22.74 -13.44
CA SER B 349 38.34 22.74 -11.99
C SER B 349 38.15 24.15 -11.44
N GLU B 350 38.63 25.16 -12.15
CA GLU B 350 38.51 26.54 -11.71
C GLU B 350 37.27 27.23 -12.25
N TYR B 351 36.44 26.53 -13.01
CA TYR B 351 35.16 27.04 -13.51
C TYR B 351 35.36 28.31 -14.35
N GLN B 352 36.05 28.14 -15.47
CA GLN B 352 36.22 29.22 -16.43
C GLN B 352 35.20 29.17 -17.56
N LEU B 353 35.00 27.98 -18.14
CA LEU B 353 34.06 27.84 -19.24
C LEU B 353 32.63 28.00 -18.75
N PRO B 354 31.71 28.44 -19.62
CA PRO B 354 30.30 28.48 -19.25
C PRO B 354 29.80 27.10 -18.86
N TYR B 355 28.97 27.05 -17.83
CA TYR B 355 28.48 25.79 -17.29
C TYR B 355 27.19 25.42 -17.99
N VAL B 356 27.28 24.52 -18.98
CA VAL B 356 26.09 24.06 -19.69
C VAL B 356 25.42 22.88 -19.00
N LEU B 357 26.09 22.25 -18.04
CA LEU B 357 25.44 21.22 -17.24
C LEU B 357 24.42 21.86 -16.32
N GLY B 358 23.45 21.04 -15.89
CA GLY B 358 22.38 21.53 -15.05
C GLY B 358 21.24 22.20 -15.79
N SER B 359 21.32 22.28 -17.12
CA SER B 359 20.24 22.81 -17.92
C SER B 359 19.27 21.72 -18.38
N ALA B 360 19.34 20.54 -17.78
CA ALA B 360 18.46 19.42 -18.11
C ALA B 360 18.56 19.06 -19.59
N HIS B 361 19.79 19.03 -20.09
CA HIS B 361 20.03 18.66 -21.48
C HIS B 361 20.26 17.16 -21.59
N GLN B 362 20.12 16.66 -22.81
CA GLN B 362 20.39 15.25 -23.08
C GLN B 362 21.90 15.03 -23.16
N GLY B 363 22.28 13.82 -23.57
CA GLY B 363 23.67 13.44 -23.60
C GLY B 363 24.21 12.89 -22.30
N CYS B 364 23.38 12.73 -21.29
CA CYS B 364 23.82 12.16 -20.03
C CYS B 364 24.09 10.66 -20.20
N LEU B 365 24.68 10.07 -19.19
CA LEU B 365 24.90 8.63 -19.20
C LEU B 365 23.57 7.91 -19.27
N PRO B 366 23.45 6.84 -20.06
CA PRO B 366 22.17 6.17 -20.20
C PRO B 366 21.74 5.55 -18.89
N PRO B 367 20.44 5.50 -18.61
CA PRO B 367 19.98 4.80 -17.39
C PRO B 367 20.32 3.33 -17.39
N PHE B 368 20.32 2.68 -18.55
CA PHE B 368 20.63 1.27 -18.64
C PHE B 368 22.12 1.08 -18.88
N PRO B 369 22.83 0.33 -18.03
CA PRO B 369 24.28 0.21 -18.20
C PRO B 369 24.71 -0.42 -19.51
N ALA B 370 23.85 -1.21 -20.15
CA ALA B 370 24.20 -1.85 -21.40
C ALA B 370 24.11 -0.92 -22.61
N ASP B 371 23.45 0.23 -22.47
CA ASP B 371 23.31 1.15 -23.59
C ASP B 371 24.63 1.86 -23.87
N VAL B 372 24.92 2.06 -25.15
CA VAL B 372 26.07 2.83 -25.59
C VAL B 372 25.56 4.18 -26.05
N PHE B 373 26.10 5.25 -25.48
CA PHE B 373 25.68 6.60 -25.80
C PHE B 373 26.83 7.36 -26.45
N MET B 374 26.47 8.42 -27.19
CA MET B 374 27.44 9.28 -27.83
C MET B 374 27.58 10.56 -27.02
N ILE B 375 28.78 11.11 -27.01
CA ILE B 375 29.08 12.29 -26.18
C ILE B 375 28.41 13.52 -26.82
N PRO B 376 27.62 14.27 -26.08
CA PRO B 376 27.00 15.48 -26.65
C PRO B 376 28.04 16.54 -26.98
N GLN B 377 27.76 17.29 -28.04
CA GLN B 377 28.64 18.39 -28.42
C GLN B 377 28.52 19.54 -27.43
N TYR B 378 29.64 20.20 -27.17
CA TYR B 378 29.67 21.31 -26.24
C TYR B 378 29.52 22.64 -26.98
N GLY B 379 28.64 23.49 -26.48
CA GLY B 379 28.48 24.82 -27.01
C GLY B 379 27.98 25.74 -25.92
N TYR B 380 28.20 27.04 -26.12
CA TYR B 380 27.84 28.02 -25.10
C TYR B 380 27.23 29.24 -25.74
N LEU B 381 26.71 30.13 -24.90
CA LEU B 381 26.01 31.34 -25.33
C LEU B 381 26.63 32.56 -24.66
N THR B 382 26.42 33.71 -25.30
CA THR B 382 26.94 34.97 -24.79
C THR B 382 25.85 36.02 -24.65
N SER B 394 31.93 37.20 -25.44
CA SER B 394 32.91 36.37 -24.74
C SER B 394 33.15 35.07 -25.49
N PHE B 395 34.25 35.00 -26.22
CA PHE B 395 34.63 33.81 -26.98
C PHE B 395 35.59 32.98 -26.14
N TYR B 396 35.29 31.70 -26.01
CA TYR B 396 36.06 30.78 -25.18
C TYR B 396 36.67 29.70 -26.06
N CYS B 397 37.98 29.77 -26.27
CA CYS B 397 38.71 28.75 -27.00
C CYS B 397 39.11 27.65 -26.03
N LEU B 398 38.56 26.45 -26.21
CA LEU B 398 38.78 25.38 -25.26
C LEU B 398 40.17 24.76 -25.36
N GLU B 399 40.92 25.05 -26.43
CA GLU B 399 42.31 24.63 -26.51
C GLU B 399 43.23 25.55 -25.72
N TYR B 400 42.70 26.60 -25.12
CA TYR B 400 43.44 27.46 -24.22
C TYR B 400 43.43 26.94 -22.79
N PHE B 401 43.22 25.64 -22.61
CA PHE B 401 43.15 25.00 -21.31
C PHE B 401 44.16 23.86 -21.24
N PRO B 402 44.70 23.57 -20.07
CA PRO B 402 45.60 22.41 -19.94
C PRO B 402 44.84 21.10 -20.03
N SER B 403 44.98 20.40 -21.15
CA SER B 403 44.28 19.14 -21.35
C SER B 403 45.25 17.96 -21.23
N PHE B 412 42.81 8.60 -17.86
CA PHE B 412 42.39 9.84 -17.20
C PHE B 412 41.48 9.53 -16.02
N GLN B 413 41.67 10.27 -14.93
CA GLN B 413 40.81 10.12 -13.77
C GLN B 413 40.94 11.36 -12.91
N PHE B 414 39.88 11.66 -12.17
CA PHE B 414 39.91 12.76 -11.22
C PHE B 414 38.89 12.51 -10.13
N THR B 415 39.03 13.25 -9.03
CA THR B 415 38.13 13.16 -7.89
C THR B 415 37.64 14.55 -7.53
N TYR B 416 36.35 14.66 -7.20
CA TYR B 416 35.73 15.91 -6.81
C TYR B 416 35.01 15.70 -5.50
N THR B 417 35.00 16.71 -4.64
CA THR B 417 34.34 16.63 -3.35
C THR B 417 33.22 17.67 -3.31
N PHE B 418 32.00 17.20 -3.05
CA PHE B 418 30.86 18.10 -3.00
C PHE B 418 30.95 19.01 -1.77
N GLU B 419 30.59 20.27 -1.97
CA GLU B 419 30.47 21.17 -0.84
C GLU B 419 29.26 20.77 0.03
N ASP B 420 29.26 21.23 1.26
CA ASP B 420 28.20 20.88 2.20
C ASP B 420 26.89 21.50 1.72
N VAL B 421 26.03 20.67 1.15
CA VAL B 421 24.75 21.10 0.61
C VAL B 421 23.67 20.53 1.52
N PRO B 422 22.57 21.25 1.76
CA PRO B 422 21.51 20.69 2.61
C PRO B 422 20.93 19.42 2.03
N PHE B 423 20.54 18.52 2.94
CA PHE B 423 19.91 17.26 2.52
C PHE B 423 18.65 17.54 1.71
N HIS B 424 18.47 16.79 0.63
CA HIS B 424 17.21 16.88 -0.10
C HIS B 424 16.10 16.26 0.74
N SER B 425 14.99 16.98 0.86
CA SER B 425 13.88 16.54 1.71
C SER B 425 13.14 15.41 1.00
N SER B 426 13.67 14.20 1.12
CA SER B 426 13.04 13.04 0.52
C SER B 426 11.93 12.52 1.42
N TYR B 427 11.01 13.39 1.79
CA TYR B 427 9.90 13.03 2.66
C TYR B 427 8.73 13.94 2.38
N ALA B 428 7.55 13.48 2.77
CA ALA B 428 6.36 14.32 2.79
C ALA B 428 6.06 14.72 4.24
N HIS B 429 5.22 15.74 4.39
CA HIS B 429 4.87 16.25 5.71
C HIS B 429 3.56 15.64 6.16
N SER B 430 3.57 15.02 7.35
CA SER B 430 2.36 14.43 7.89
C SER B 430 1.31 15.47 8.25
N GLN B 431 1.73 16.71 8.49
CA GLN B 431 0.82 17.77 8.91
C GLN B 431 0.84 18.90 7.91
N SER B 432 -0.31 19.51 7.68
CA SER B 432 -0.36 20.73 6.90
C SER B 432 0.03 21.92 7.75
N LEU B 433 0.39 23.02 7.09
CA LEU B 433 0.88 24.19 7.80
C LEU B 433 -0.21 24.83 8.65
N ASP B 434 -1.45 24.75 8.21
CA ASP B 434 -2.57 25.36 8.93
C ASP B 434 -3.22 24.42 9.93
N ARG B 435 -2.64 23.24 10.16
CA ARG B 435 -3.18 22.26 11.09
C ARG B 435 -2.08 21.78 12.03
N LEU B 436 -1.31 22.71 12.58
CA LEU B 436 -0.25 22.42 13.53
C LEU B 436 -0.68 22.61 14.97
N MET B 437 -1.96 22.86 15.21
CA MET B 437 -2.45 23.19 16.54
C MET B 437 -3.04 21.97 17.23
N ASN B 438 -3.38 22.16 18.49
CA ASN B 438 -4.08 21.13 19.26
C ASN B 438 -5.56 21.16 18.91
N PRO B 439 -6.14 20.06 18.45
CA PRO B 439 -7.56 20.07 18.08
C PRO B 439 -8.50 19.94 19.26
N LEU B 440 -7.98 20.15 20.48
CA LEU B 440 -8.77 20.03 21.69
C LEU B 440 -8.76 21.26 22.57
N ILE B 441 -7.75 22.10 22.49
CA ILE B 441 -7.59 23.24 23.40
C ILE B 441 -7.81 24.52 22.62
N ASP B 442 -8.54 25.45 23.23
CA ASP B 442 -8.72 26.75 22.63
C ASP B 442 -7.44 27.56 22.74
N GLN B 443 -7.37 28.64 21.96
CA GLN B 443 -6.27 29.59 22.06
C GLN B 443 -6.63 30.70 23.04
N TYR B 444 -5.61 31.23 23.70
CA TYR B 444 -5.82 32.37 24.58
C TYR B 444 -5.84 33.69 23.82
N LEU B 445 -5.57 33.66 22.52
CA LEU B 445 -5.61 34.85 21.69
C LEU B 445 -6.98 34.94 21.02
N TYR B 446 -7.59 36.12 21.10
CA TYR B 446 -8.85 36.37 20.45
C TYR B 446 -8.63 36.84 19.02
N TYR B 447 -9.56 36.48 18.15
CA TYR B 447 -9.63 36.99 16.80
C TYR B 447 -10.94 37.72 16.62
N LEU B 448 -10.91 38.80 15.84
CA LEU B 448 -12.09 39.61 15.60
C LEU B 448 -13.06 38.83 14.73
N SER B 449 -14.17 38.37 15.32
CA SER B 449 -15.08 37.47 14.67
C SER B 449 -16.35 38.14 14.16
N ARG B 450 -16.74 39.28 14.73
CA ARG B 450 -17.96 39.95 14.34
C ARG B 450 -17.73 41.45 14.24
N THR B 451 -18.33 42.07 13.22
CA THR B 451 -18.32 43.52 13.09
C THR B 451 -19.72 44.11 13.03
N GLN B 452 -20.76 43.30 13.17
CA GLN B 452 -22.13 43.78 13.05
C GLN B 452 -23.04 42.90 13.89
N THR B 453 -23.90 43.54 14.69
CA THR B 453 -24.80 42.80 15.55
C THR B 453 -25.77 41.96 14.72
N THR B 454 -26.07 40.77 15.23
CA THR B 454 -26.99 39.87 14.55
C THR B 454 -28.24 39.66 15.39
N THR B 460 -26.88 46.52 14.02
CA THR B 460 -25.91 47.61 13.92
C THR B 460 -24.49 47.08 13.99
N GLN B 461 -23.54 47.87 13.49
CA GLN B 461 -22.14 47.46 13.50
C GLN B 461 -21.56 47.54 14.90
N THR B 462 -20.70 46.58 15.23
CA THR B 462 -20.11 46.47 16.56
C THR B 462 -18.72 45.86 16.40
N LEU B 463 -18.16 45.38 17.51
CA LEU B 463 -16.88 44.67 17.50
C LEU B 463 -16.99 43.49 18.44
N GLY B 464 -16.90 42.28 17.89
CA GLY B 464 -16.94 41.06 18.68
C GLY B 464 -15.70 40.23 18.44
N PHE B 465 -15.25 39.54 19.50
CA PHE B 465 -14.04 38.74 19.45
C PHE B 465 -14.32 37.34 19.97
N SER B 466 -13.61 36.36 19.42
CA SER B 466 -13.78 34.98 19.82
C SER B 466 -12.43 34.30 19.92
N GLN B 467 -12.33 33.29 20.79
CA GLN B 467 -11.10 32.54 20.95
C GLN B 467 -11.02 31.44 19.91
N GLY B 468 -9.88 31.35 19.22
CA GLY B 468 -9.67 30.30 18.25
C GLY B 468 -9.73 28.93 18.86
N GLY B 469 -10.45 28.01 18.23
CA GLY B 469 -10.65 26.69 18.78
C GLY B 469 -10.71 25.61 17.72
N PRO B 470 -11.03 24.39 18.15
CA PRO B 470 -11.11 23.27 17.20
C PRO B 470 -12.14 23.48 16.10
N ASN B 471 -13.25 24.15 16.38
CA ASN B 471 -14.31 24.34 15.40
C ASN B 471 -14.09 25.57 14.53
N THR B 472 -13.06 26.36 14.81
CA THR B 472 -12.76 27.57 14.04
C THR B 472 -11.28 27.62 13.71
N MET B 473 -10.76 26.50 13.23
CA MET B 473 -9.32 26.36 13.00
C MET B 473 -8.81 27.36 11.98
N ALA B 474 -9.65 27.74 11.02
CA ALA B 474 -9.23 28.72 10.03
C ALA B 474 -8.89 30.05 10.66
N ASN B 475 -9.55 30.40 11.77
CA ASN B 475 -9.37 31.70 12.39
C ASN B 475 -8.36 31.71 13.52
N GLN B 476 -7.72 30.58 13.80
CA GLN B 476 -6.73 30.53 14.87
C GLN B 476 -5.50 31.32 14.49
N ALA B 477 -4.88 31.94 15.50
CA ALA B 477 -3.59 32.58 15.29
C ALA B 477 -2.54 31.54 14.96
N LYS B 478 -1.69 31.86 13.99
CA LYS B 478 -0.70 30.91 13.51
C LYS B 478 0.67 31.58 13.40
N ASN B 479 1.70 30.74 13.44
CA ASN B 479 3.08 31.22 13.51
C ASN B 479 3.75 31.32 12.15
N TRP B 480 3.28 30.58 11.15
CA TRP B 480 3.98 30.46 9.88
C TRP B 480 3.02 30.59 8.71
N LEU B 481 3.54 31.10 7.60
CA LEU B 481 2.83 31.32 6.35
C LEU B 481 3.30 30.33 5.30
N PRO B 482 2.45 30.00 4.31
CA PRO B 482 2.90 29.13 3.23
C PRO B 482 3.93 29.81 2.36
N GLY B 483 4.72 28.98 1.68
CA GLY B 483 5.80 29.46 0.86
C GLY B 483 5.36 30.43 -0.22
N PRO B 484 6.32 31.09 -0.86
CA PRO B 484 5.99 32.08 -1.89
C PRO B 484 5.29 31.44 -3.07
N CYS B 485 4.46 32.23 -3.73
CA CYS B 485 3.64 31.77 -4.84
C CYS B 485 3.92 32.61 -6.08
N TYR B 486 3.99 31.93 -7.23
CA TYR B 486 4.08 32.58 -8.54
C TYR B 486 3.00 31.92 -9.39
N ARG B 487 1.79 32.47 -9.32
CA ARG B 487 0.59 31.76 -9.76
C ARG B 487 0.70 31.36 -11.23
N GLN B 488 0.27 30.14 -11.53
CA GLN B 488 0.35 29.57 -12.87
C GLN B 488 -1.04 29.22 -13.37
N GLN B 489 -1.14 29.04 -14.68
CA GLN B 489 -2.40 28.66 -15.30
C GLN B 489 -2.69 27.19 -15.06
N ARG B 490 -3.97 26.86 -14.88
CA ARG B 490 -4.39 25.49 -14.62
C ARG B 490 -4.79 24.84 -15.94
N VAL B 491 -4.17 23.71 -16.24
CA VAL B 491 -4.49 22.93 -17.43
C VAL B 491 -4.91 21.54 -16.96
N SER B 492 -6.03 21.06 -17.48
CA SER B 492 -6.55 19.76 -17.08
C SER B 492 -6.07 18.68 -18.04
N THR B 493 -5.72 17.53 -17.49
CA THR B 493 -5.38 16.38 -18.33
C THR B 493 -6.60 15.90 -19.10
N THR B 494 -7.80 16.14 -18.57
CA THR B 494 -9.03 15.95 -19.32
C THR B 494 -9.14 17.12 -20.30
N THR B 495 -8.68 16.90 -21.53
CA THR B 495 -8.55 18.00 -22.49
C THR B 495 -9.89 18.65 -22.81
N GLY B 496 -11.01 17.97 -22.54
CA GLY B 496 -12.30 18.58 -22.77
C GLY B 496 -12.59 19.78 -21.89
N GLN B 497 -12.07 19.77 -20.66
CA GLN B 497 -12.34 20.84 -19.71
C GLN B 497 -11.52 22.09 -19.98
N ASN B 498 -10.51 22.02 -20.83
CA ASN B 498 -9.67 23.18 -21.09
C ASN B 498 -10.30 24.10 -22.12
N ASN B 499 -9.81 25.34 -22.15
CA ASN B 499 -10.31 26.33 -23.09
C ASN B 499 -9.97 25.93 -24.53
N ASN B 500 -10.83 26.33 -25.45
CA ASN B 500 -10.61 26.06 -26.88
C ASN B 500 -9.73 27.14 -27.48
N SER B 501 -8.51 27.23 -26.98
CA SER B 501 -7.54 28.19 -27.46
C SER B 501 -6.14 27.64 -27.23
N ASN B 502 -5.19 28.16 -28.01
CA ASN B 502 -3.79 27.76 -27.88
C ASN B 502 -3.08 28.69 -26.90
N PHE B 503 -3.37 28.48 -25.62
CA PHE B 503 -2.87 29.32 -24.55
C PHE B 503 -1.62 28.75 -23.89
N ALA B 504 -0.94 27.81 -24.54
CA ALA B 504 0.25 27.23 -23.95
C ALA B 504 1.34 28.26 -23.70
N TRP B 505 1.45 29.25 -24.59
CA TRP B 505 2.42 30.33 -24.45
C TRP B 505 1.81 31.65 -24.02
N THR B 506 0.68 32.04 -24.63
CA THR B 506 0.09 33.33 -24.32
C THR B 506 -0.35 33.41 -22.86
N ALA B 507 -0.87 32.32 -22.32
CA ALA B 507 -1.30 32.27 -20.93
C ALA B 507 -0.21 31.77 -19.99
N GLY B 508 1.00 31.58 -20.49
CA GLY B 508 2.07 31.05 -19.67
C GLY B 508 2.47 31.99 -18.55
N THR B 509 3.28 31.46 -17.65
CA THR B 509 3.74 32.17 -16.46
C THR B 509 5.15 32.72 -16.69
N LYS B 510 5.40 33.21 -17.90
CA LYS B 510 6.74 33.64 -18.27
C LYS B 510 7.21 34.81 -17.41
N TYR B 511 8.52 34.88 -17.20
CA TYR B 511 9.15 36.04 -16.60
C TYR B 511 9.82 36.88 -17.68
N HIS B 512 9.95 38.17 -17.39
CA HIS B 512 10.53 39.09 -18.36
C HIS B 512 12.00 39.33 -18.07
N ASN B 517 11.00 37.54 -22.61
CA ASN B 517 9.91 36.72 -22.09
C ASN B 517 10.22 35.25 -22.16
N SER B 518 10.64 34.67 -21.05
CA SER B 518 10.97 33.26 -20.95
C SER B 518 10.09 32.60 -19.90
N LEU B 519 9.54 31.43 -20.24
CA LEU B 519 8.63 30.74 -19.34
C LEU B 519 9.33 30.37 -18.03
N ALA B 520 8.66 30.62 -16.92
CA ALA B 520 9.15 30.21 -15.60
C ALA B 520 8.92 28.72 -15.44
N ASN B 521 9.74 27.94 -16.16
CA ASN B 521 9.60 26.50 -16.22
C ASN B 521 10.68 25.85 -15.38
N PRO B 522 10.34 25.16 -14.30
CA PRO B 522 9.00 24.97 -13.74
C PRO B 522 8.65 26.05 -12.73
N GLY B 523 9.48 27.08 -12.62
CA GLY B 523 9.23 28.12 -11.64
C GLY B 523 9.55 27.66 -10.23
N ILE B 524 9.08 28.46 -9.28
CA ILE B 524 9.31 28.13 -7.87
C ILE B 524 8.54 26.87 -7.51
N ALA B 525 9.01 26.20 -6.46
CA ALA B 525 8.41 24.95 -6.01
C ALA B 525 7.03 25.22 -5.44
N MET B 526 6.00 24.72 -6.11
CA MET B 526 4.63 24.84 -5.64
C MET B 526 3.89 23.54 -5.86
N ALA B 527 2.85 23.32 -5.08
CA ALA B 527 2.04 22.11 -5.21
C ALA B 527 1.37 22.09 -6.59
N THR B 528 1.41 20.93 -7.23
CA THR B 528 0.81 20.80 -8.56
C THR B 528 -0.70 21.02 -8.50
N HIS B 529 -1.36 20.47 -7.50
CA HIS B 529 -2.81 20.54 -7.41
C HIS B 529 -3.22 20.37 -5.96
N LYS B 530 -4.46 20.71 -5.67
CA LYS B 530 -5.00 20.55 -4.33
C LYS B 530 -5.66 19.17 -4.22
N ASP B 531 -6.40 18.96 -3.14
CA ASP B 531 -6.99 17.65 -2.89
C ASP B 531 -8.00 17.27 -3.96
N ASP B 532 -7.91 16.02 -4.43
CA ASP B 532 -8.85 15.47 -5.41
C ASP B 532 -8.89 16.30 -6.69
N GLU B 533 -7.72 16.78 -7.12
CA GLU B 533 -7.61 17.57 -8.33
C GLU B 533 -6.41 17.10 -9.15
N GLU B 534 -6.17 15.79 -9.14
CA GLU B 534 -5.01 15.24 -9.83
C GLU B 534 -5.10 15.37 -11.34
N ARG B 535 -6.28 15.70 -11.88
CA ARG B 535 -6.40 15.92 -13.31
C ARG B 535 -5.84 17.26 -13.74
N PHE B 536 -5.63 18.19 -12.81
CA PHE B 536 -5.10 19.51 -13.11
C PHE B 536 -3.60 19.56 -12.89
N PHE B 537 -2.95 20.50 -13.56
CA PHE B 537 -1.54 20.77 -13.35
C PHE B 537 -1.23 22.17 -13.85
N PRO B 538 -0.21 22.83 -13.29
CA PRO B 538 0.19 24.13 -13.83
C PRO B 538 0.70 23.99 -15.26
N SER B 539 0.43 25.02 -16.07
CA SER B 539 0.74 24.93 -17.49
C SER B 539 2.22 24.68 -17.72
N ASN B 540 3.08 25.39 -17.01
CA ASN B 540 4.52 25.20 -17.11
C ASN B 540 5.16 25.23 -15.73
N GLY B 541 4.55 24.56 -14.77
CA GLY B 541 5.04 24.59 -13.41
C GLY B 541 5.38 23.24 -12.84
N ILE B 542 5.57 22.25 -13.71
CA ILE B 542 5.97 20.90 -13.30
C ILE B 542 7.04 20.40 -14.26
N LEU B 543 7.80 19.42 -13.78
CA LEU B 543 8.72 18.70 -14.65
C LEU B 543 7.95 17.64 -15.43
N ILE B 544 8.12 17.64 -16.74
CA ILE B 544 7.48 16.67 -17.61
C ILE B 544 8.58 15.86 -18.29
N PHE B 545 8.55 14.56 -18.11
CA PHE B 545 9.54 13.68 -18.71
C PHE B 545 8.95 12.99 -19.94
N GLY B 546 9.84 12.43 -20.76
CA GLY B 546 9.43 11.79 -21.98
C GLY B 546 9.42 10.27 -21.84
N LYS B 547 8.31 9.67 -22.25
CA LYS B 547 8.29 8.22 -22.38
C LYS B 547 9.20 7.80 -23.53
N GLN B 548 9.48 6.50 -23.59
CA GLN B 548 10.37 6.02 -24.63
C GLN B 548 9.76 6.23 -26.01
N ASN B 549 10.59 6.65 -26.96
CA ASN B 549 10.21 6.93 -28.34
C ASN B 549 9.20 8.06 -28.46
N ALA B 550 9.09 8.89 -27.42
CA ALA B 550 8.22 10.05 -27.49
C ALA B 550 8.78 11.06 -28.49
N ALA B 551 7.89 11.71 -29.22
CA ALA B 551 8.31 12.68 -30.22
C ALA B 551 8.98 13.88 -29.54
N ARG B 552 9.96 14.44 -30.23
CA ARG B 552 10.63 15.63 -29.70
C ARG B 552 9.65 16.78 -29.54
N ASP B 553 8.72 16.93 -30.49
CA ASP B 553 7.67 17.91 -30.40
C ASP B 553 6.34 17.26 -30.76
N ASN B 554 5.26 17.91 -30.33
CA ASN B 554 3.90 17.40 -30.54
C ASN B 554 3.72 16.05 -29.85
N ALA B 555 4.37 15.87 -28.72
CA ALA B 555 4.20 14.64 -27.96
C ALA B 555 2.84 14.66 -27.27
N ASP B 556 2.07 13.60 -27.48
CA ASP B 556 0.74 13.53 -26.88
C ASP B 556 0.85 13.30 -25.37
N TYR B 557 -0.25 13.52 -24.67
CA TYR B 557 -0.26 13.35 -23.23
C TYR B 557 0.06 11.91 -22.84
N SER B 558 -0.33 10.95 -23.68
CA SER B 558 0.00 9.56 -23.43
C SER B 558 1.49 9.27 -23.61
N ASP B 559 2.20 10.12 -24.35
CA ASP B 559 3.62 9.92 -24.62
C ASP B 559 4.53 10.64 -23.64
N VAL B 560 3.97 11.31 -22.64
CA VAL B 560 4.76 12.04 -21.66
C VAL B 560 4.36 11.59 -20.27
N MET B 561 5.23 11.88 -19.31
CA MET B 561 5.04 11.52 -17.91
C MET B 561 5.04 12.80 -17.09
N LEU B 562 3.91 13.10 -16.46
CA LEU B 562 3.79 14.29 -15.64
C LEU B 562 4.21 13.98 -14.21
N THR B 563 4.97 14.89 -13.62
CA THR B 563 5.39 14.78 -12.23
C THR B 563 4.48 15.64 -11.36
N SER B 564 3.94 15.03 -10.30
CA SER B 564 3.01 15.71 -9.41
C SER B 564 3.77 16.14 -8.15
N GLU B 565 3.76 17.44 -7.89
CA GLU B 565 4.38 18.00 -6.69
C GLU B 565 3.38 18.17 -5.55
N GLU B 566 2.33 17.34 -5.51
CA GLU B 566 1.29 17.51 -4.52
C GLU B 566 1.78 17.26 -3.10
N GLU B 567 2.86 16.49 -2.92
CA GLU B 567 3.35 16.17 -1.59
C GLU B 567 3.72 17.41 -0.80
N ILE B 568 4.03 18.52 -1.47
CA ILE B 568 4.42 19.75 -0.81
C ILE B 568 3.23 20.69 -0.60
N LYS B 569 2.01 20.20 -0.83
CA LYS B 569 0.83 21.02 -0.60
C LYS B 569 0.61 21.34 0.87
N THR B 570 1.31 20.67 1.78
CA THR B 570 1.19 20.97 3.19
C THR B 570 1.83 22.31 3.54
N THR B 571 2.80 22.74 2.76
CA THR B 571 3.47 24.01 2.99
C THR B 571 3.43 24.93 1.79
N ASN B 572 3.59 24.40 0.59
CA ASN B 572 3.63 25.23 -0.60
C ASN B 572 2.22 25.44 -1.14
N PRO B 573 1.84 26.68 -1.47
CA PRO B 573 0.52 26.90 -2.06
C PRO B 573 0.41 26.23 -3.42
N VAL B 574 -0.81 25.84 -3.76
CA VAL B 574 -1.05 25.22 -5.06
C VAL B 574 -0.65 26.18 -6.16
N ALA B 575 0.11 25.68 -7.14
CA ALA B 575 0.67 26.53 -8.18
C ALA B 575 -0.42 27.22 -8.98
N THR B 576 -1.51 26.51 -9.27
CA THR B 576 -2.59 27.04 -10.09
C THR B 576 -3.55 27.94 -9.32
N GLU B 577 -3.41 28.04 -8.01
CA GLU B 577 -4.30 28.85 -7.20
C GLU B 577 -3.54 29.99 -6.54
N GLU B 578 -4.29 30.98 -6.07
CA GLU B 578 -3.71 32.18 -5.50
C GLU B 578 -3.04 31.89 -4.17
N TYR B 579 -2.15 32.80 -3.76
CA TYR B 579 -1.52 32.68 -2.45
C TYR B 579 -2.50 33.03 -1.34
N GLY B 580 -3.33 34.05 -1.55
CA GLY B 580 -4.25 34.46 -0.52
C GLY B 580 -4.98 35.73 -0.90
N ILE B 581 -5.61 36.34 0.09
CA ILE B 581 -6.39 37.56 -0.10
C ILE B 581 -5.88 38.62 0.87
N VAL B 582 -5.58 39.80 0.34
CA VAL B 582 -5.17 40.93 1.17
C VAL B 582 -6.23 42.00 1.06
N ALA B 583 -6.10 43.06 1.84
CA ALA B 583 -7.04 44.17 1.74
C ALA B 583 -6.65 45.10 0.60
N ASP B 584 -7.59 45.94 0.20
CA ASP B 584 -7.35 46.94 -0.83
C ASP B 584 -7.69 48.35 -0.38
N ASN B 585 -8.74 48.52 0.41
CA ASN B 585 -9.13 49.85 0.88
C ASN B 585 -9.24 49.88 2.40
N ALA B 592 -17.17 50.38 1.99
CA ALA B 592 -17.18 48.93 1.85
C ALA B 592 -15.77 48.40 1.65
N PRO B 593 -15.40 47.39 2.44
CA PRO B 593 -14.06 46.80 2.30
C PRO B 593 -13.88 46.13 0.95
N GLN B 594 -12.67 46.22 0.43
CA GLN B 594 -12.31 45.61 -0.85
C GLN B 594 -11.17 44.63 -0.64
N ILE B 595 -11.24 43.49 -1.30
CA ILE B 595 -10.27 42.41 -1.16
C ILE B 595 -9.56 42.21 -2.48
N GLY B 596 -8.23 42.08 -2.41
CA GLY B 596 -7.41 41.82 -3.58
C GLY B 596 -6.79 40.43 -3.49
N THR B 597 -6.98 39.67 -4.55
CA THR B 597 -6.46 38.30 -4.62
C THR B 597 -5.01 38.34 -5.07
N VAL B 598 -4.09 37.99 -4.17
CA VAL B 598 -2.67 38.05 -4.50
C VAL B 598 -2.25 36.79 -5.21
N ASN B 599 -1.68 36.93 -6.41
CA ASN B 599 -1.28 35.81 -7.25
C ASN B 599 0.21 35.53 -7.17
N SER B 600 1.04 36.55 -7.30
CA SER B 600 2.48 36.44 -7.16
C SER B 600 2.87 37.03 -5.82
N GLN B 601 3.32 36.18 -4.91
CA GLN B 601 3.71 36.60 -3.57
C GLN B 601 5.18 36.29 -3.35
N GLY B 602 5.94 37.30 -2.95
CA GLY B 602 7.34 37.12 -2.67
C GLY B 602 7.56 36.58 -1.26
N ALA B 603 8.83 36.58 -0.86
CA ALA B 603 9.19 36.05 0.45
C ALA B 603 8.68 36.97 1.56
N LEU B 604 8.07 36.37 2.57
CA LEU B 604 7.60 37.07 3.75
C LEU B 604 8.16 36.40 4.99
N PRO B 605 8.43 37.16 6.04
CA PRO B 605 8.93 36.56 7.28
C PRO B 605 7.95 35.53 7.82
N GLY B 606 8.49 34.43 8.33
CA GLY B 606 7.68 33.34 8.80
C GLY B 606 7.28 32.34 7.74
N MET B 607 7.64 32.57 6.48
CA MET B 607 7.31 31.64 5.42
C MET B 607 8.15 30.37 5.54
N VAL B 608 7.53 29.24 5.22
CA VAL B 608 8.22 27.96 5.13
C VAL B 608 7.75 27.25 3.87
N TRP B 609 8.69 26.70 3.11
CA TRP B 609 8.37 26.09 1.84
C TRP B 609 9.29 24.90 1.57
N GLN B 610 8.74 23.88 0.92
CA GLN B 610 9.50 22.74 0.48
C GLN B 610 10.05 22.96 -0.92
N ASN B 611 11.22 22.40 -1.19
CA ASN B 611 11.79 22.46 -2.53
C ASN B 611 11.10 21.45 -3.44
N ARG B 612 11.29 21.64 -4.74
CA ARG B 612 10.74 20.70 -5.71
C ARG B 612 11.40 19.35 -5.57
N ASP B 613 10.60 18.30 -5.71
CA ASP B 613 11.11 16.94 -5.57
C ASP B 613 12.08 16.60 -6.68
N VAL B 614 13.07 15.79 -6.35
CA VAL B 614 13.96 15.23 -7.36
C VAL B 614 13.40 13.90 -7.81
N TYR B 615 13.81 13.46 -9.00
CA TYR B 615 13.29 12.24 -9.59
C TYR B 615 14.46 11.41 -10.12
N LEU B 616 14.19 10.12 -10.31
CA LEU B 616 15.21 9.24 -10.86
C LEU B 616 15.69 9.73 -12.22
N GLN B 617 14.79 10.31 -13.01
CA GLN B 617 15.14 10.87 -14.31
C GLN B 617 15.49 12.35 -14.24
N GLY B 618 15.34 12.99 -13.08
CA GLY B 618 15.53 14.41 -12.96
C GLY B 618 16.97 14.81 -12.74
N PRO B 619 17.25 16.09 -12.86
CA PRO B 619 18.62 16.58 -12.63
C PRO B 619 19.04 16.43 -11.17
N ILE B 620 20.35 16.29 -10.97
CA ILE B 620 20.91 16.12 -9.64
C ILE B 620 21.35 17.43 -9.04
N TRP B 621 22.04 18.27 -9.82
CA TRP B 621 22.57 19.52 -9.30
C TRP B 621 22.47 20.59 -10.37
N ALA B 622 22.75 21.83 -9.97
CA ALA B 622 22.84 22.94 -10.90
C ALA B 622 23.78 23.97 -10.29
N LYS B 623 24.60 24.59 -11.13
CA LYS B 623 25.54 25.58 -10.65
C LYS B 623 24.79 26.85 -10.24
N ILE B 624 25.00 27.28 -8.99
CA ILE B 624 24.48 28.57 -8.55
C ILE B 624 25.25 29.64 -9.31
N PRO B 625 24.58 30.54 -10.02
CA PRO B 625 25.30 31.59 -10.74
C PRO B 625 26.11 32.44 -9.79
N HIS B 626 27.30 32.86 -10.24
CA HIS B 626 28.21 33.65 -9.41
C HIS B 626 27.73 35.10 -9.38
N THR B 627 26.56 35.29 -8.76
CA THR B 627 25.94 36.59 -8.64
C THR B 627 26.23 37.19 -7.27
N ASP B 628 26.00 38.50 -7.15
CA ASP B 628 26.25 39.19 -5.89
C ASP B 628 25.37 38.65 -4.78
N GLY B 629 24.09 38.41 -5.07
CA GLY B 629 23.18 37.90 -4.08
C GLY B 629 22.17 36.96 -4.70
N ASN B 630 21.56 36.15 -3.84
CA ASN B 630 20.53 35.22 -4.27
C ASN B 630 19.66 34.89 -3.07
N PHE B 631 18.46 34.38 -3.35
CA PHE B 631 17.53 33.98 -2.32
C PHE B 631 17.29 32.48 -2.44
N HIS B 632 17.65 31.74 -1.39
CA HIS B 632 17.48 30.29 -1.32
C HIS B 632 18.07 29.63 -2.57
N PRO B 633 19.39 29.55 -2.66
CA PRO B 633 20.01 29.08 -3.91
C PRO B 633 19.76 27.61 -4.19
N SER B 634 18.53 27.27 -4.55
CA SER B 634 18.21 25.89 -4.90
C SER B 634 17.63 25.83 -6.30
N PRO B 635 18.04 24.85 -7.10
CA PRO B 635 17.55 24.78 -8.48
C PRO B 635 16.04 24.62 -8.53
N LEU B 636 15.43 25.28 -9.51
CA LEU B 636 13.97 25.20 -9.64
C LEU B 636 13.54 23.85 -10.19
N MET B 637 14.37 23.20 -11.00
CA MET B 637 14.11 21.83 -11.41
C MET B 637 14.30 20.84 -10.27
N GLY B 638 14.83 21.28 -9.15
CA GLY B 638 15.16 20.39 -8.05
C GLY B 638 16.60 19.92 -8.13
N GLY B 639 17.12 19.52 -6.97
CA GLY B 639 18.49 19.07 -6.89
C GLY B 639 19.28 19.80 -5.84
N PHE B 640 20.58 19.94 -6.06
CA PHE B 640 21.49 20.55 -5.10
C PHE B 640 22.19 21.72 -5.76
N GLY B 641 21.85 22.93 -5.32
CA GLY B 641 22.53 24.11 -5.82
C GLY B 641 23.95 24.19 -5.28
N LEU B 642 24.92 24.06 -6.17
CA LEU B 642 26.33 24.02 -5.78
C LEU B 642 27.04 25.24 -6.34
N LYS B 643 27.69 26.00 -5.46
CA LYS B 643 28.53 27.10 -5.92
C LYS B 643 29.70 26.59 -6.74
N HIS B 644 30.18 25.39 -6.43
CA HIS B 644 31.27 24.75 -7.16
C HIS B 644 30.80 23.34 -7.52
N PRO B 645 29.98 23.20 -8.55
CA PRO B 645 29.45 21.89 -8.92
C PRO B 645 30.55 21.01 -9.49
N PRO B 646 30.27 19.74 -9.75
CA PRO B 646 31.26 18.89 -10.41
C PRO B 646 31.70 19.50 -11.72
N PRO B 647 33.00 19.60 -11.96
CA PRO B 647 33.48 20.24 -13.18
C PRO B 647 33.03 19.48 -14.41
N GLN B 648 32.71 20.21 -15.47
CA GLN B 648 32.33 19.58 -16.72
C GLN B 648 33.57 19.03 -17.40
N ILE B 649 33.54 17.76 -17.77
CA ILE B 649 34.67 17.08 -18.38
C ILE B 649 34.54 17.24 -19.88
N LEU B 650 35.43 18.02 -20.48
CA LEU B 650 35.37 18.28 -21.90
C LEU B 650 36.20 17.28 -22.68
N GLY B 679 35.15 4.40 -26.01
CA GLY B 679 35.77 3.98 -24.77
C GLY B 679 34.76 3.74 -23.67
N GLN B 680 35.25 3.65 -22.43
CA GLN B 680 34.39 3.46 -21.26
C GLN B 680 34.60 4.60 -20.28
N VAL B 681 33.52 4.98 -19.60
CA VAL B 681 33.56 6.03 -18.58
C VAL B 681 32.89 5.48 -17.33
N SER B 682 33.57 5.64 -16.19
CA SER B 682 33.04 5.20 -14.91
C SER B 682 32.90 6.42 -13.99
N VAL B 683 31.74 6.57 -13.37
CA VAL B 683 31.52 7.62 -12.40
C VAL B 683 30.96 6.99 -11.13
N GLU B 684 31.58 7.28 -10.00
CA GLU B 684 31.10 6.81 -8.71
C GLU B 684 30.83 8.02 -7.83
N ILE B 685 29.69 8.00 -7.14
CA ILE B 685 29.29 9.09 -6.25
C ILE B 685 28.94 8.50 -4.90
N GLU B 686 29.44 9.14 -3.85
CA GLU B 686 29.13 8.80 -2.47
C GLU B 686 28.02 9.71 -1.99
N TRP B 687 26.88 9.13 -1.63
CA TRP B 687 25.74 9.89 -1.12
C TRP B 687 25.58 9.58 0.36
N GLU B 688 25.48 10.63 1.17
CA GLU B 688 25.18 10.49 2.58
C GLU B 688 23.68 10.45 2.77
N LEU B 689 23.21 9.43 3.48
CA LEU B 689 21.78 9.27 3.73
C LEU B 689 21.40 9.78 5.10
N GLN B 690 20.14 10.12 5.25
CA GLN B 690 19.57 10.56 6.52
C GLN B 690 18.60 9.46 6.97
N LYS B 691 19.08 8.57 7.82
CA LYS B 691 18.23 7.50 8.32
C LYS B 691 17.07 8.08 9.11
N GLU B 692 15.87 7.59 8.84
CA GLU B 692 14.66 8.13 9.44
C GLU B 692 14.38 7.46 10.77
N ASN B 693 14.06 8.26 11.78
CA ASN B 693 13.62 7.78 13.09
C ASN B 693 12.23 8.35 13.32
N SER B 694 11.22 7.64 12.81
CA SER B 694 9.84 8.07 12.91
C SER B 694 9.08 7.15 13.86
N LYS B 695 8.42 7.75 14.84
CA LYS B 695 7.59 7.01 15.77
C LYS B 695 6.15 6.88 15.29
N ARG B 696 5.91 7.15 14.02
CA ARG B 696 4.60 6.93 13.44
C ARG B 696 4.23 5.46 13.52
N TRP B 697 2.98 5.20 13.94
CA TRP B 697 2.56 3.82 14.24
C TRP B 697 2.13 3.09 12.98
N ASN B 698 1.25 3.70 12.18
CA ASN B 698 0.73 3.05 11.00
C ASN B 698 1.84 2.89 9.95
N PRO B 699 1.67 1.97 9.01
CA PRO B 699 2.65 1.82 7.94
C PRO B 699 2.74 3.07 7.08
N GLU B 700 3.94 3.32 6.55
CA GLU B 700 4.16 4.46 5.67
C GLU B 700 3.72 4.13 4.25
N ILE B 701 3.88 5.10 3.37
CA ILE B 701 3.65 4.91 1.93
C ILE B 701 4.99 4.66 1.28
N GLN B 702 5.12 3.51 0.62
CA GLN B 702 6.35 3.14 -0.05
C GLN B 702 6.10 3.04 -1.55
N TYR B 703 7.18 3.16 -2.32
CA TYR B 703 7.08 2.95 -3.75
C TYR B 703 7.18 1.46 -4.04
N THR B 704 6.18 0.93 -4.74
CA THR B 704 6.12 -0.48 -5.07
C THR B 704 5.73 -0.65 -6.52
N SER B 705 6.16 -1.77 -7.10
CA SER B 705 5.75 -2.14 -8.44
C SER B 705 4.44 -2.92 -8.37
N ASN B 706 3.59 -2.71 -9.36
CA ASN B 706 2.28 -3.37 -9.36
C ASN B 706 2.45 -4.88 -9.38
N TYR B 707 1.73 -5.55 -8.48
CA TYR B 707 1.83 -7.00 -8.41
C TYR B 707 1.15 -7.66 -9.61
N TYR B 708 0.12 -7.03 -10.15
CA TYR B 708 -0.62 -7.60 -11.26
C TYR B 708 0.30 -7.83 -12.46
N LYS B 709 0.03 -8.89 -13.19
CA LYS B 709 0.85 -9.26 -14.34
C LYS B 709 0.78 -8.19 -15.42
N SER B 710 1.86 -8.08 -16.19
CA SER B 710 1.94 -7.09 -17.26
C SER B 710 2.62 -7.73 -18.47
N THR B 711 2.43 -7.09 -19.62
CA THR B 711 3.08 -7.56 -20.84
C THR B 711 4.60 -7.51 -20.71
N SER B 712 5.11 -6.41 -20.17
CA SER B 712 6.55 -6.25 -19.95
C SER B 712 6.78 -5.75 -18.54
N VAL B 713 7.94 -6.12 -17.99
CA VAL B 713 8.29 -5.71 -16.64
C VAL B 713 8.64 -4.24 -16.63
N ASP B 714 8.12 -3.51 -15.64
CA ASP B 714 8.45 -2.10 -15.49
C ASP B 714 9.93 -1.92 -15.18
N PHE B 715 10.54 -0.90 -15.78
CA PHE B 715 11.97 -0.63 -15.64
C PHE B 715 12.79 -1.83 -16.08
N ALA B 716 12.52 -2.32 -17.28
CA ALA B 716 13.22 -3.45 -17.85
C ALA B 716 13.14 -3.37 -19.36
N VAL B 717 14.00 -4.14 -20.02
CA VAL B 717 14.02 -4.15 -21.47
C VAL B 717 12.77 -4.84 -22.02
N ASN B 718 12.33 -4.40 -23.18
CA ASN B 718 11.19 -5.01 -23.86
C ASN B 718 11.69 -6.10 -24.80
N THR B 719 10.82 -6.60 -25.66
CA THR B 719 11.21 -7.64 -26.60
C THR B 719 12.29 -7.14 -27.55
N GLU B 720 12.14 -5.92 -28.07
CA GLU B 720 13.12 -5.35 -28.97
C GLU B 720 14.43 -5.01 -28.30
N GLY B 721 14.49 -5.03 -26.97
CA GLY B 721 15.70 -4.70 -26.26
C GLY B 721 15.81 -3.26 -25.80
N VAL B 722 14.72 -2.50 -25.85
CA VAL B 722 14.74 -1.09 -25.50
C VAL B 722 14.38 -0.95 -24.04
N TYR B 723 15.33 -0.54 -23.22
CA TYR B 723 15.05 -0.26 -21.82
C TYR B 723 14.26 1.04 -21.71
N SER B 724 13.19 1.02 -20.92
CA SER B 724 12.32 2.17 -20.78
C SER B 724 11.98 2.40 -19.31
N GLU B 725 11.74 3.67 -18.98
CA GLU B 725 11.26 4.03 -17.65
C GLU B 725 9.78 4.30 -17.75
N PRO B 726 8.92 3.48 -17.13
CA PRO B 726 7.48 3.65 -17.38
C PRO B 726 6.87 4.86 -16.69
N ARG B 727 7.32 5.17 -15.48
CA ARG B 727 6.76 6.26 -14.71
C ARG B 727 7.89 7.07 -14.09
N PRO B 728 7.66 8.34 -13.82
CA PRO B 728 8.67 9.14 -13.11
C PRO B 728 8.61 8.88 -11.62
N ILE B 729 9.60 8.16 -11.09
CA ILE B 729 9.59 7.85 -9.67
C ILE B 729 9.91 9.10 -8.88
N GLY B 730 9.02 9.47 -7.97
CA GLY B 730 9.27 10.59 -7.09
C GLY B 730 10.33 10.25 -6.07
N THR B 731 10.41 11.06 -5.02
CA THR B 731 11.38 10.84 -3.96
C THR B 731 10.79 10.97 -2.58
N ARG B 732 9.69 11.69 -2.41
CA ARG B 732 9.07 11.93 -1.11
C ARG B 732 7.98 10.90 -0.90
N TYR B 733 8.31 9.83 -0.18
CA TYR B 733 7.35 8.80 0.17
C TYR B 733 7.19 8.60 1.67
N LEU B 734 8.28 8.68 2.43
CA LEU B 734 8.15 8.70 3.87
C LEU B 734 7.55 10.02 4.34
N THR B 735 6.97 9.99 5.53
CA THR B 735 6.31 11.16 6.09
C THR B 735 7.10 11.71 7.27
N ARG B 736 6.80 12.96 7.60
CA ARG B 736 7.48 13.66 8.69
C ARG B 736 6.54 14.71 9.25
N ASN B 737 6.84 15.17 10.45
CA ASN B 737 6.05 16.21 11.08
C ASN B 737 6.62 17.58 10.76
N LEU B 738 5.74 18.55 10.57
CA LEU B 738 6.17 19.93 10.34
C LEU B 738 6.78 20.52 11.60
N SER C 244 9.66 29.12 38.44
CA SER C 244 8.26 29.20 38.83
C SER C 244 7.70 27.81 39.13
N THR C 245 7.02 27.68 40.26
CA THR C 245 6.44 26.41 40.70
C THR C 245 4.92 26.56 40.77
N ARG C 246 4.21 25.62 40.18
CA ARG C 246 2.76 25.64 40.16
C ARG C 246 2.21 24.28 40.54
N THR C 247 1.03 24.28 41.15
CA THR C 247 0.33 23.05 41.46
C THR C 247 -0.56 22.68 40.29
N TRP C 248 -0.45 21.43 39.84
CA TRP C 248 -1.17 20.94 38.68
C TRP C 248 -2.04 19.76 39.07
N ALA C 249 -3.18 19.65 38.38
CA ALA C 249 -4.07 18.50 38.49
C ALA C 249 -4.26 17.92 37.09
N LEU C 250 -4.23 16.60 36.99
CA LEU C 250 -4.32 15.91 35.70
C LEU C 250 -5.40 14.84 35.80
N PRO C 251 -6.48 14.95 35.04
CA PRO C 251 -7.51 13.92 35.05
C PRO C 251 -7.28 12.86 34.00
N THR C 252 -8.15 11.86 33.96
CA THR C 252 -8.09 10.85 32.91
C THR C 252 -8.76 11.39 31.66
N TYR C 253 -8.04 11.37 30.55
CA TYR C 253 -8.52 11.93 29.29
C TYR C 253 -8.96 10.81 28.36
N ASN C 254 -10.06 11.06 27.65
CA ASN C 254 -10.66 10.10 26.71
C ASN C 254 -10.95 8.75 27.36
N ASN C 255 -10.96 8.69 28.68
CA ASN C 255 -11.08 7.42 29.41
C ASN C 255 -10.01 6.44 28.96
N HIS C 256 -8.76 6.92 28.93
CA HIS C 256 -7.59 6.12 28.56
C HIS C 256 -7.67 5.60 27.14
N LEU C 257 -8.19 6.40 26.21
CA LEU C 257 -8.37 5.96 24.83
C LEU C 257 -7.77 6.97 23.85
N TYR C 258 -7.40 6.47 22.69
CA TYR C 258 -7.05 7.32 21.56
C TYR C 258 -8.27 7.44 20.66
N LYS C 259 -8.83 8.64 20.57
CA LYS C 259 -10.06 8.85 19.82
C LYS C 259 -9.75 9.65 18.57
N GLN C 260 -10.09 9.08 17.41
CA GLN C 260 -9.99 9.84 16.17
C GLN C 260 -11.04 10.94 16.16
N ILE C 261 -10.62 12.15 15.83
CA ILE C 261 -11.51 13.31 15.79
C ILE C 261 -11.40 13.94 14.42
N SER C 262 -12.51 14.51 13.96
CA SER C 262 -12.54 15.08 12.62
C SER C 262 -13.78 15.93 12.47
N ASN C 263 -13.64 17.01 11.70
CA ASN C 263 -14.77 17.83 11.30
C ASN C 263 -14.70 18.04 9.80
N GLY C 264 -15.82 17.81 9.11
CA GLY C 264 -15.92 18.00 7.69
C GLY C 264 -16.91 19.11 7.34
N THR C 265 -17.06 19.32 6.03
CA THR C 265 -18.01 20.32 5.55
C THR C 265 -19.43 19.95 5.95
N SER C 266 -19.78 18.67 5.86
CA SER C 266 -21.10 18.21 6.26
C SER C 266 -21.27 18.26 7.78
N ALA C 269 -20.23 22.44 8.71
CA ALA C 269 -19.17 23.43 8.80
C ALA C 269 -18.72 23.89 7.41
N THR C 270 -17.53 24.47 7.33
CA THR C 270 -16.95 24.93 6.09
C THR C 270 -15.64 24.18 5.83
N ASN C 271 -15.20 24.24 4.58
CA ASN C 271 -13.96 23.56 4.22
C ASN C 271 -12.76 24.15 4.94
N ASP C 272 -12.81 25.44 5.28
CA ASP C 272 -11.71 26.09 5.96
C ASP C 272 -11.49 25.55 7.37
N ASN C 273 -12.52 24.95 7.98
CA ASN C 273 -12.43 24.45 9.33
C ASN C 273 -12.35 22.92 9.41
N THR C 274 -12.31 22.24 8.28
CA THR C 274 -12.21 20.78 8.30
C THR C 274 -10.87 20.35 8.87
N TYR C 275 -10.89 19.30 9.68
CA TYR C 275 -9.66 18.79 10.27
C TYR C 275 -9.81 17.30 10.55
N PHE C 276 -8.67 16.63 10.62
CA PHE C 276 -8.57 15.24 11.03
C PHE C 276 -7.40 15.11 11.98
N GLY C 277 -7.56 14.30 13.02
CA GLY C 277 -6.49 14.11 13.97
C GLY C 277 -6.88 13.12 15.03
N TYR C 278 -6.06 13.05 16.07
CA TYR C 278 -6.28 12.12 17.17
C TYR C 278 -6.17 12.85 18.50
N SER C 279 -7.11 12.59 19.38
CA SER C 279 -7.07 13.03 20.76
C SER C 279 -6.54 11.88 21.60
N THR C 280 -5.47 12.11 22.29
CA THR C 280 -4.76 11.13 23.08
C THR C 280 -5.14 11.24 24.56
N PRO C 281 -4.99 10.18 25.34
CA PRO C 281 -5.26 10.27 26.78
C PRO C 281 -4.19 11.03 27.55
N TRP C 282 -3.16 11.52 26.88
CA TRP C 282 -2.07 12.21 27.53
C TRP C 282 -2.36 13.69 27.65
N GLY C 283 -2.01 14.26 28.80
CA GLY C 283 -1.89 15.69 28.91
C GLY C 283 -0.47 16.13 28.67
N TYR C 284 -0.28 17.44 28.55
CA TYR C 284 1.06 17.97 28.31
C TYR C 284 1.29 19.22 29.15
N PHE C 285 2.55 19.44 29.49
CA PHE C 285 2.95 20.62 30.24
C PHE C 285 3.34 21.72 29.25
N ASP C 286 2.67 22.86 29.35
CA ASP C 286 2.97 24.01 28.53
C ASP C 286 3.34 25.18 29.43
N PHE C 287 4.49 25.77 29.16
CA PHE C 287 4.94 27.01 29.80
C PHE C 287 5.45 27.97 28.74
N ASN C 288 4.78 27.98 27.59
CA ASN C 288 5.18 28.79 26.46
C ASN C 288 4.80 30.26 26.60
N ARG C 289 4.02 30.62 27.59
CA ARG C 289 3.68 32.02 27.82
C ARG C 289 4.70 32.65 28.76
N PHE C 290 4.89 33.96 28.59
CA PHE C 290 5.93 34.65 29.35
C PHE C 290 5.60 34.74 30.83
N HIS C 291 4.33 34.88 31.18
CA HIS C 291 3.96 34.99 32.59
C HIS C 291 4.08 33.67 33.34
N CYS C 292 4.30 32.57 32.65
CA CYS C 292 4.47 31.27 33.30
C CYS C 292 5.76 31.23 34.10
N PHE C 309 16.68 40.32 25.00
CA PHE C 309 16.85 39.12 25.82
C PHE C 309 16.57 37.86 25.02
N ARG C 310 17.03 36.73 25.53
CA ARG C 310 16.83 35.44 24.90
C ARG C 310 17.03 34.35 25.94
N PRO C 311 16.31 33.24 25.85
CA PRO C 311 16.51 32.16 26.81
C PRO C 311 17.82 31.44 26.59
N LYS C 312 18.45 31.04 27.69
CA LYS C 312 19.69 30.28 27.60
C LYS C 312 19.43 28.80 27.80
N ARG C 313 18.75 28.43 28.88
CA ARG C 313 18.50 27.04 29.21
C ARG C 313 17.25 26.95 30.09
N LEU C 314 16.85 25.73 30.41
CA LEU C 314 15.73 25.54 31.33
C LEU C 314 15.91 24.22 32.07
N SER C 315 15.44 24.17 33.31
CA SER C 315 15.34 22.95 34.08
C SER C 315 13.87 22.72 34.42
N PHE C 316 13.44 21.47 34.36
CA PHE C 316 12.03 21.13 34.54
C PHE C 316 11.94 19.99 35.54
N LYS C 317 11.21 20.21 36.62
CA LYS C 317 11.02 19.26 37.71
C LYS C 317 9.53 18.96 37.89
N LEU C 318 9.25 17.74 38.32
CA LEU C 318 7.88 17.27 38.51
C LEU C 318 7.88 16.43 39.78
N PHE C 319 7.35 16.98 40.86
CA PHE C 319 7.55 16.38 42.17
C PHE C 319 6.27 16.45 43.00
N ASN C 320 6.35 15.92 44.22
CA ASN C 320 5.24 15.92 45.17
C ASN C 320 3.96 15.37 44.54
N ILE C 321 4.11 14.26 43.84
CA ILE C 321 3.01 13.68 43.07
C ILE C 321 2.13 12.86 43.99
N GLN C 322 0.83 13.13 43.95
CA GLN C 322 -0.17 12.31 44.62
C GLN C 322 -1.20 11.86 43.58
N VAL C 323 -1.48 10.56 43.55
CA VAL C 323 -2.50 10.00 42.67
C VAL C 323 -3.68 9.61 43.55
N LYS C 324 -4.87 10.10 43.21
CA LYS C 324 -6.02 9.97 44.07
C LYS C 324 -7.17 9.32 43.31
N GLU C 325 -7.80 8.34 43.96
CA GLU C 325 -8.99 7.67 43.47
C GLU C 325 -10.24 8.45 43.84
N VAL C 326 -11.23 8.40 42.97
CA VAL C 326 -12.53 9.00 43.21
C VAL C 326 -13.56 7.88 43.19
N THR C 327 -14.32 7.75 44.27
CA THR C 327 -15.31 6.69 44.42
C THR C 327 -16.69 7.33 44.59
N GLN C 328 -17.65 6.87 43.80
CA GLN C 328 -19.00 7.40 43.85
C GLN C 328 -19.92 6.47 44.64
N THR C 332 -22.70 9.30 47.24
CA THR C 332 -21.68 10.25 47.70
C THR C 332 -20.36 10.05 46.96
N LYS C 333 -19.53 11.08 46.96
CA LYS C 333 -18.23 11.05 46.31
C LYS C 333 -17.14 11.21 47.36
N THR C 334 -16.14 10.33 47.30
CA THR C 334 -15.01 10.39 48.22
C THR C 334 -13.72 10.24 47.44
N ILE C 335 -12.70 10.98 47.84
CA ILE C 335 -11.39 10.97 47.18
C ILE C 335 -10.37 10.41 48.17
N ALA C 336 -9.66 9.38 47.74
CA ALA C 336 -8.75 8.66 48.61
C ALA C 336 -7.37 8.54 47.98
N ASN C 337 -6.37 8.38 48.82
CA ASN C 337 -4.99 8.25 48.34
C ASN C 337 -4.79 6.90 47.66
N ASN C 338 -4.02 6.91 46.57
CA ASN C 338 -3.63 5.71 45.84
C ASN C 338 -2.11 5.68 45.79
N LEU C 339 -1.50 5.05 46.79
CA LEU C 339 -0.06 5.10 46.93
C LEU C 339 0.64 4.35 45.80
N THR C 340 0.08 3.23 45.37
CA THR C 340 0.75 2.39 44.39
C THR C 340 0.51 2.82 42.95
N SER C 341 -0.36 3.79 42.71
CA SER C 341 -0.64 4.23 41.35
C SER C 341 0.50 5.08 40.81
N THR C 342 0.80 4.90 39.53
CA THR C 342 1.90 5.59 38.87
C THR C 342 1.37 6.56 37.83
N ILE C 343 2.25 7.44 37.37
CA ILE C 343 1.98 8.31 36.23
C ILE C 343 3.17 8.24 35.28
N GLN C 344 2.88 8.24 33.99
CA GLN C 344 3.90 8.14 32.95
C GLN C 344 4.22 9.53 32.44
N VAL C 345 5.50 9.91 32.49
CA VAL C 345 5.97 11.21 32.04
C VAL C 345 7.14 10.99 31.09
N PHE C 346 7.10 11.65 29.94
CA PHE C 346 8.22 11.61 29.02
C PHE C 346 8.28 12.88 28.21
N THR C 347 9.48 13.29 27.86
CA THR C 347 9.70 14.44 26.98
C THR C 347 10.13 13.93 25.62
N ASP C 348 9.53 14.47 24.56
CA ASP C 348 9.93 14.13 23.20
C ASP C 348 11.16 14.94 22.84
N SER C 349 12.31 14.48 23.34
CA SER C 349 13.57 15.16 23.07
C SER C 349 13.95 15.11 21.60
N GLU C 350 13.46 14.12 20.86
CA GLU C 350 13.76 13.97 19.44
C GLU C 350 12.71 14.61 18.54
N TYR C 351 11.69 15.22 19.12
CA TYR C 351 10.64 15.90 18.36
C TYR C 351 9.99 14.96 17.34
N GLN C 352 9.70 13.75 17.78
CA GLN C 352 9.05 12.75 16.94
C GLN C 352 7.53 12.83 17.00
N LEU C 353 6.98 13.63 17.90
CA LEU C 353 5.54 13.86 18.01
C LEU C 353 5.17 15.18 17.35
N PRO C 354 3.93 15.33 16.92
CA PRO C 354 3.47 16.65 16.44
C PRO C 354 3.58 17.67 17.55
N TYR C 355 4.32 18.74 17.26
CA TYR C 355 4.63 19.77 18.25
C TYR C 355 3.45 20.74 18.34
N VAL C 356 2.51 20.43 19.25
CA VAL C 356 1.33 21.27 19.40
C VAL C 356 1.59 22.52 20.21
N LEU C 357 2.74 22.63 20.86
CA LEU C 357 3.11 23.89 21.48
C LEU C 357 3.43 24.91 20.38
N GLY C 358 3.42 26.18 20.78
CA GLY C 358 3.63 27.25 19.82
C GLY C 358 2.40 27.67 19.06
N SER C 359 1.26 27.03 19.29
CA SER C 359 -0.01 27.47 18.72
C SER C 359 -0.80 28.37 19.65
N ALA C 360 -0.19 28.77 20.77
CA ALA C 360 -0.79 29.72 21.71
C ALA C 360 -2.10 29.19 22.28
N HIS C 361 -2.06 27.96 22.76
CA HIS C 361 -3.23 27.34 23.38
C HIS C 361 -3.28 27.64 24.87
N GLN C 362 -4.45 27.41 25.46
CA GLN C 362 -4.64 27.55 26.89
C GLN C 362 -3.96 26.38 27.61
N GLY C 363 -4.12 26.32 28.93
CA GLY C 363 -3.55 25.24 29.69
C GLY C 363 -2.11 25.44 30.11
N CYS C 364 -1.53 26.59 29.84
CA CYS C 364 -0.17 26.87 30.30
C CYS C 364 -0.18 27.08 31.81
N LEU C 365 1.01 27.29 32.36
CA LEU C 365 1.12 27.58 33.78
C LEU C 365 0.44 28.91 34.10
N PRO C 366 -0.28 29.00 35.20
CA PRO C 366 -0.97 30.25 35.52
C PRO C 366 0.02 31.36 35.78
N PRO C 367 -0.32 32.60 35.43
CA PRO C 367 0.55 33.73 35.77
C PRO C 367 0.68 33.96 37.26
N PHE C 368 -0.27 33.49 38.05
CA PHE C 368 -0.23 33.64 39.50
C PHE C 368 0.21 32.33 40.13
N PRO C 369 1.29 32.30 40.91
CA PRO C 369 1.75 31.03 41.48
C PRO C 369 0.73 30.35 42.36
N ALA C 370 -0.11 31.09 43.08
CA ALA C 370 -1.07 30.48 43.98
C ALA C 370 -2.20 29.76 43.25
N ASP C 371 -2.31 29.92 41.95
CA ASP C 371 -3.38 29.28 41.19
C ASP C 371 -3.01 27.85 40.82
N VAL C 372 -3.98 26.95 40.91
CA VAL C 372 -3.81 25.56 40.53
C VAL C 372 -4.44 25.36 39.15
N PHE C 373 -3.68 24.79 38.23
CA PHE C 373 -4.11 24.64 36.85
C PHE C 373 -4.28 23.19 36.48
N MET C 374 -5.21 22.93 35.57
CA MET C 374 -5.42 21.60 35.01
C MET C 374 -4.53 21.41 33.81
N ILE C 375 -3.98 20.21 33.68
CA ILE C 375 -3.11 19.87 32.55
C ILE C 375 -3.93 19.82 31.28
N PRO C 376 -3.56 20.57 30.24
CA PRO C 376 -4.29 20.49 28.98
C PRO C 376 -4.12 19.12 28.33
N GLN C 377 -5.17 18.69 27.64
CA GLN C 377 -5.13 17.40 26.96
C GLN C 377 -4.34 17.51 25.67
N TYR C 378 -3.53 16.49 25.39
CA TYR C 378 -2.70 16.48 24.19
C TYR C 378 -3.42 15.76 23.06
N GLY C 379 -3.74 16.51 22.01
CA GLY C 379 -4.17 15.92 20.77
C GLY C 379 -3.40 16.56 19.63
N TYR C 380 -3.40 15.88 18.49
CA TYR C 380 -2.66 16.37 17.34
C TYR C 380 -3.51 16.24 16.09
N LEU C 381 -3.14 17.01 15.08
CA LEU C 381 -3.79 17.01 13.78
C LEU C 381 -2.87 16.41 12.73
N THR C 382 -3.46 16.00 11.62
CA THR C 382 -2.71 15.36 10.57
C THR C 382 -3.40 15.69 9.25
N LEU C 383 -2.83 15.23 8.14
CA LEU C 383 -3.39 15.49 6.82
C LEU C 383 -4.81 14.97 6.71
N ASN C 384 -5.65 15.70 5.99
CA ASN C 384 -7.05 15.37 5.85
C ASN C 384 -7.53 15.76 4.46
N ASN C 385 -8.60 15.09 4.02
CA ASN C 385 -9.34 15.43 2.81
C ASN C 385 -10.79 15.58 3.25
N GLY C 386 -11.15 16.77 3.71
CA GLY C 386 -12.43 16.91 4.38
C GLY C 386 -12.36 16.28 5.75
N SER C 387 -13.43 15.59 6.14
CA SER C 387 -13.43 14.87 7.40
C SER C 387 -12.63 13.58 7.33
N GLN C 388 -12.33 13.10 6.13
CA GLN C 388 -11.62 11.85 5.94
C GLN C 388 -10.11 12.08 6.01
N ALA C 389 -9.37 10.99 6.16
CA ALA C 389 -7.92 11.01 6.25
C ALA C 389 -7.32 10.47 4.97
N VAL C 390 -6.11 10.92 4.66
CA VAL C 390 -5.40 10.49 3.47
C VAL C 390 -4.39 9.42 3.86
N GLY C 391 -3.81 8.77 2.85
CA GLY C 391 -2.82 7.74 3.13
C GLY C 391 -1.60 8.27 3.86
N ARG C 392 -1.19 9.51 3.57
CA ARG C 392 -0.07 10.11 4.25
C ARG C 392 -0.35 10.43 5.72
N SER C 393 -1.61 10.34 6.14
CA SER C 393 -1.94 10.63 7.53
C SER C 393 -1.25 9.66 8.47
N SER C 394 -0.64 10.19 9.51
CA SER C 394 0.14 9.41 10.46
C SER C 394 -0.60 9.30 11.78
N PHE C 395 -0.45 8.15 12.43
CA PHE C 395 -0.99 7.91 13.76
C PHE C 395 0.17 7.72 14.73
N TYR C 396 0.16 8.48 15.81
CA TYR C 396 1.22 8.43 16.82
C TYR C 396 0.64 7.88 18.12
N CYS C 397 1.13 6.72 18.54
CA CYS C 397 0.78 6.15 19.82
C CYS C 397 1.79 6.63 20.85
N LEU C 398 1.34 7.42 21.82
CA LEU C 398 2.27 8.01 22.78
C LEU C 398 2.77 6.99 23.79
N GLU C 399 2.11 5.84 23.91
CA GLU C 399 2.66 4.77 24.72
C GLU C 399 3.83 4.08 24.04
N TYR C 400 4.07 4.37 22.78
CA TYR C 400 5.21 3.84 22.03
C TYR C 400 6.48 4.62 22.28
N PHE C 401 6.55 5.38 23.37
CA PHE C 401 7.72 6.14 23.74
C PHE C 401 8.24 5.68 25.09
N PRO C 402 9.56 5.69 25.30
CA PRO C 402 10.10 5.41 26.65
C PRO C 402 9.67 6.52 27.60
N SER C 403 8.85 6.16 28.58
CA SER C 403 8.31 7.12 29.54
C SER C 403 8.61 6.65 30.94
N GLN C 404 9.11 7.56 31.77
CA GLN C 404 9.40 7.25 33.17
C GLN C 404 8.11 7.19 33.98
N MET C 405 8.00 6.17 34.81
CA MET C 405 6.86 6.02 35.71
C MET C 405 7.19 6.58 37.08
N LEU C 406 6.23 7.27 37.67
CA LEU C 406 6.43 7.97 38.93
C LEU C 406 5.33 7.58 39.90
N ARG C 407 5.72 7.17 41.09
CA ARG C 407 4.81 7.00 42.21
C ARG C 407 4.86 8.25 43.09
N THR C 408 4.25 8.18 44.26
CA THR C 408 4.20 9.35 45.13
C THR C 408 5.60 9.79 45.58
N GLY C 409 6.56 8.87 45.59
CA GLY C 409 7.89 9.20 46.05
C GLY C 409 8.88 9.52 44.95
N ASN C 410 8.48 9.32 43.70
CA ASN C 410 9.34 9.58 42.56
C ASN C 410 9.18 11.01 42.07
N ASN C 411 10.25 11.55 41.50
CA ASN C 411 10.21 12.87 40.87
C ASN C 411 10.90 12.80 39.51
N PHE C 412 10.41 13.62 38.59
CA PHE C 412 10.90 13.69 37.23
C PHE C 412 11.72 14.96 37.06
N GLN C 413 12.74 14.90 36.20
CA GLN C 413 13.61 16.04 35.99
C GLN C 413 14.24 15.94 34.62
N PHE C 414 14.32 17.07 33.91
CA PHE C 414 15.11 17.14 32.70
C PHE C 414 15.53 18.58 32.44
N THR C 415 16.71 18.73 31.87
CA THR C 415 17.25 20.04 31.52
C THR C 415 17.40 20.13 30.01
N TYR C 416 17.07 21.29 29.45
CA TYR C 416 17.15 21.52 28.01
C TYR C 416 17.89 22.82 27.77
N THR C 417 18.93 22.77 26.94
CA THR C 417 19.70 23.95 26.59
C THR C 417 19.17 24.54 25.30
N PHE C 418 18.80 25.82 25.33
CA PHE C 418 18.31 26.49 24.15
C PHE C 418 19.41 26.64 23.11
N GLU C 419 19.03 26.50 21.85
CA GLU C 419 19.97 26.83 20.78
C GLU C 419 20.16 28.33 20.70
N ASP C 420 21.22 28.74 20.00
CA ASP C 420 21.47 30.17 19.84
C ASP C 420 20.37 30.81 19.01
N VAL C 421 19.94 31.99 19.43
CA VAL C 421 18.83 32.70 18.80
C VAL C 421 19.08 34.19 19.03
N PRO C 422 18.79 35.05 18.06
CA PRO C 422 19.00 36.49 18.27
C PRO C 422 18.15 37.02 19.42
N PHE C 423 18.71 38.00 20.13
CA PHE C 423 17.97 38.64 21.22
C PHE C 423 16.71 39.29 20.67
N HIS C 424 15.63 39.21 21.45
CA HIS C 424 14.40 39.92 21.09
C HIS C 424 14.57 41.40 21.38
N SER C 425 14.26 42.23 20.39
CA SER C 425 14.41 43.66 20.53
C SER C 425 13.39 44.24 21.50
N GLY C 483 10.20 47.42 5.45
CA GLY C 483 9.98 45.99 5.53
C GLY C 483 8.83 45.51 4.67
N PRO C 484 8.73 44.19 4.49
CA PRO C 484 7.63 43.66 3.67
C PRO C 484 6.28 43.92 4.31
N CYS C 485 5.27 44.02 3.46
CA CYS C 485 3.91 44.32 3.90
C CYS C 485 2.94 43.31 3.30
N TYR C 486 1.90 42.98 4.08
CA TYR C 486 0.80 42.12 3.66
C TYR C 486 -0.46 42.84 4.15
N ARG C 487 -1.00 43.73 3.32
CA ARG C 487 -1.90 44.76 3.81
C ARG C 487 -3.11 44.16 4.52
N GLN C 488 -3.48 44.79 5.64
CA GLN C 488 -4.61 44.41 6.47
C GLN C 488 -5.78 45.33 6.22
N GLN C 489 -6.92 45.02 6.83
CA GLN C 489 -8.11 45.85 6.75
C GLN C 489 -8.24 46.65 8.04
N ARG C 490 -8.27 47.97 7.93
CA ARG C 490 -8.33 48.82 9.11
C ARG C 490 -9.68 48.68 9.79
N VAL C 491 -9.67 48.59 11.12
CA VAL C 491 -10.87 48.60 11.93
C VAL C 491 -10.67 49.61 13.04
N SER C 492 -11.73 50.33 13.39
CA SER C 492 -11.66 51.36 14.42
C SER C 492 -12.25 50.79 15.71
N THR C 493 -11.52 50.97 16.81
CA THR C 493 -12.04 50.56 18.11
C THR C 493 -13.29 51.35 18.46
N THR C 494 -13.30 52.64 18.15
CA THR C 494 -14.51 53.43 18.31
C THR C 494 -15.48 53.07 17.20
N THR C 495 -16.38 52.13 17.48
CA THR C 495 -17.26 51.56 16.48
C THR C 495 -18.25 52.60 15.94
N ASN C 498 -16.37 52.19 11.32
CA ASN C 498 -16.39 50.84 10.77
C ASN C 498 -17.61 50.64 9.88
N ASN C 499 -17.45 49.84 8.83
CA ASN C 499 -18.54 49.61 7.90
C ASN C 499 -19.67 48.82 8.57
N ASN C 500 -20.89 49.12 8.14
CA ASN C 500 -22.08 48.47 8.69
C ASN C 500 -22.34 47.14 7.98
N SER C 501 -21.37 46.24 8.09
CA SER C 501 -21.49 44.91 7.52
C SER C 501 -20.51 43.99 8.24
N ASN C 502 -20.74 42.69 8.09
CA ASN C 502 -19.90 41.68 8.75
C ASN C 502 -18.72 41.37 7.85
N PHE C 503 -17.66 42.19 7.96
CA PHE C 503 -16.45 42.02 7.17
C PHE C 503 -15.32 41.40 8.00
N ALA C 504 -15.64 40.78 9.13
CA ALA C 504 -14.60 40.21 9.98
C ALA C 504 -13.86 39.10 9.26
N TRP C 505 -14.58 38.23 8.55
CA TRP C 505 -13.98 37.10 7.85
C TRP C 505 -13.97 37.26 6.34
N THR C 506 -15.05 37.80 5.77
CA THR C 506 -15.11 37.98 4.31
C THR C 506 -14.02 38.92 3.83
N ALA C 507 -13.82 40.03 4.53
CA ALA C 507 -12.80 41.00 4.17
C ALA C 507 -11.50 40.82 4.94
N GLY C 508 -11.40 39.77 5.75
CA GLY C 508 -10.18 39.54 6.51
C GLY C 508 -9.03 39.13 5.62
N THR C 509 -7.82 39.52 6.04
CA THR C 509 -6.61 39.15 5.32
C THR C 509 -6.32 37.67 5.55
N LYS C 510 -6.57 36.86 4.52
CA LYS C 510 -6.39 35.42 4.60
C LYS C 510 -5.29 34.98 3.66
N TYR C 511 -4.89 33.71 3.82
CA TYR C 511 -3.99 33.06 2.87
C TYR C 511 -4.59 31.73 2.46
N HIS C 512 -4.12 31.24 1.32
CA HIS C 512 -4.69 30.05 0.69
C HIS C 512 -3.68 28.91 0.77
N LEU C 513 -4.15 27.75 1.23
CA LEU C 513 -3.29 26.56 1.32
C LEU C 513 -4.15 25.34 1.09
N ASN C 514 -3.84 24.58 0.04
CA ASN C 514 -4.54 23.34 -0.29
C ASN C 514 -6.05 23.57 -0.44
N GLY C 515 -6.41 24.61 -1.18
CA GLY C 515 -7.82 24.91 -1.37
C GLY C 515 -8.54 25.28 -0.09
N ARG C 516 -7.79 25.67 0.94
CA ARG C 516 -8.35 25.96 2.25
C ARG C 516 -7.88 27.37 2.65
N ASN C 517 -8.82 28.23 3.01
CA ASN C 517 -8.46 29.57 3.43
C ASN C 517 -8.21 29.60 4.92
N SER C 518 -7.03 30.07 5.30
CA SER C 518 -6.66 30.20 6.70
C SER C 518 -6.43 31.67 7.01
N LEU C 519 -6.91 32.09 8.16
CA LEU C 519 -6.88 33.51 8.50
C LEU C 519 -5.45 33.89 8.85
N ALA C 520 -4.92 34.94 8.22
CA ALA C 520 -3.53 35.35 8.43
C ALA C 520 -3.42 36.14 9.73
N ASN C 521 -3.56 35.40 10.83
CA ASN C 521 -3.59 35.97 12.16
C ASN C 521 -2.32 35.58 12.92
N PRO C 522 -1.48 36.54 13.34
CA PRO C 522 -1.58 37.98 13.10
C PRO C 522 -0.79 38.43 11.87
N GLY C 523 -0.38 37.49 11.02
CA GLY C 523 0.38 37.84 9.85
C GLY C 523 1.79 38.29 10.18
N ILE C 524 2.40 38.96 9.20
CA ILE C 524 3.76 39.45 9.40
C ILE C 524 3.74 40.67 10.31
N ALA C 525 4.91 40.97 10.88
CA ALA C 525 5.03 42.05 11.85
C ALA C 525 4.94 43.40 11.13
N MET C 526 3.89 44.16 11.43
CA MET C 526 3.69 45.48 10.85
C MET C 526 3.14 46.41 11.91
N ALA C 527 3.24 47.70 11.65
CA ALA C 527 2.73 48.70 12.57
C ALA C 527 1.22 48.62 12.69
N THR C 528 0.71 48.98 13.86
CA THR C 528 -0.72 48.95 14.13
C THR C 528 -1.35 50.31 13.90
N GLU C 534 -4.74 56.33 16.93
CA GLU C 534 -4.44 55.19 17.78
C GLU C 534 -5.60 54.20 17.77
N ARG C 535 -6.78 54.69 17.38
CA ARG C 535 -7.97 53.85 17.31
C ARG C 535 -7.91 52.83 16.18
N PHE C 536 -7.09 53.06 15.17
CA PHE C 536 -6.95 52.11 14.08
C PHE C 536 -6.27 50.83 14.57
N PHE C 537 -6.69 49.70 14.01
CA PHE C 537 -5.94 48.46 14.22
C PHE C 537 -6.25 47.51 13.07
N PRO C 538 -5.29 46.68 12.66
CA PRO C 538 -5.56 45.72 11.60
C PRO C 538 -6.64 44.72 12.00
N SER C 539 -7.40 44.27 11.01
CA SER C 539 -8.55 43.41 11.28
C SER C 539 -8.13 42.13 11.99
N ASN C 540 -7.03 41.52 11.56
CA ASN C 540 -6.55 40.30 12.18
C ASN C 540 -5.03 40.31 12.34
N GLY C 541 -4.42 41.49 12.36
CA GLY C 541 -2.98 41.59 12.35
C GLY C 541 -2.36 41.92 13.69
N ILE C 542 -3.12 41.77 14.77
CA ILE C 542 -2.61 42.01 16.11
C ILE C 542 -2.99 40.85 17.01
N LEU C 543 -2.23 40.70 18.09
CA LEU C 543 -2.58 39.75 19.14
C LEU C 543 -3.60 40.38 20.06
N ILE C 544 -4.73 39.71 20.25
CA ILE C 544 -5.79 40.18 21.13
C ILE C 544 -5.86 39.24 22.31
N PHE C 545 -5.63 39.77 23.49
CA PHE C 545 -5.69 38.99 24.73
C PHE C 545 -7.06 39.16 25.37
N GLY C 546 -7.32 38.34 26.38
CA GLY C 546 -8.59 38.33 27.07
C GLY C 546 -8.46 38.89 28.48
N LYS C 547 -9.35 39.82 28.81
CA LYS C 547 -9.44 40.30 30.17
C LYS C 547 -9.87 39.16 31.10
N GLN C 548 -9.65 39.37 32.39
CA GLN C 548 -10.14 38.40 33.36
C GLN C 548 -11.66 38.33 33.30
N ASN C 549 -12.18 37.11 33.30
CA ASN C 549 -13.62 36.86 33.17
C ASN C 549 -14.14 37.43 31.85
N ALA C 550 -13.55 36.96 30.75
CA ALA C 550 -13.95 37.33 29.41
C ALA C 550 -14.61 36.15 28.71
N ALA C 551 -15.58 36.45 27.86
CA ALA C 551 -16.32 35.42 27.17
C ALA C 551 -15.41 34.63 26.23
N ARG C 552 -15.71 33.35 26.08
CA ARG C 552 -14.96 32.53 25.14
C ARG C 552 -15.15 32.99 23.72
N ASP C 553 -16.37 33.40 23.36
CA ASP C 553 -16.66 33.91 22.03
C ASP C 553 -17.58 35.11 22.15
N ASN C 554 -17.59 35.93 21.10
CA ASN C 554 -18.42 37.14 21.04
C ASN C 554 -18.13 38.07 22.21
N ALA C 555 -16.86 38.19 22.56
CA ALA C 555 -16.45 39.09 23.63
C ALA C 555 -16.46 40.53 23.15
N ASP C 556 -16.95 41.42 24.02
CA ASP C 556 -16.99 42.83 23.68
C ASP C 556 -15.59 43.43 23.67
N TYR C 557 -15.46 44.59 23.01
CA TYR C 557 -14.18 45.27 22.98
C TYR C 557 -13.70 45.65 24.37
N SER C 558 -14.64 45.95 25.27
CA SER C 558 -14.26 46.23 26.65
C SER C 558 -13.72 44.98 27.36
N ASP C 559 -14.03 43.80 26.85
CA ASP C 559 -13.59 42.55 27.48
C ASP C 559 -12.30 42.01 26.89
N VAL C 560 -11.72 42.67 25.88
CA VAL C 560 -10.52 42.19 25.23
C VAL C 560 -9.39 43.19 25.46
N MET C 561 -8.22 42.84 24.94
CA MET C 561 -6.96 43.49 25.25
C MET C 561 -6.19 43.64 23.95
N LEU C 562 -6.16 44.85 23.39
CA LEU C 562 -5.52 45.07 22.10
C LEU C 562 -4.04 45.40 22.29
N THR C 563 -3.21 44.79 21.47
CA THR C 563 -1.77 45.06 21.47
C THR C 563 -1.45 46.04 20.35
N SER C 564 -0.73 47.11 20.68
CA SER C 564 -0.37 48.15 19.72
C SER C 564 1.10 47.98 19.36
N GLU C 565 1.40 48.08 18.07
CA GLU C 565 2.75 47.95 17.55
C GLU C 565 3.27 49.27 17.01
N GLU C 566 2.92 50.37 17.67
CA GLU C 566 3.38 51.70 17.27
C GLU C 566 4.86 51.88 17.59
N GLY C 596 -0.01 52.12 -9.82
CA GLY C 596 -0.03 50.79 -9.23
C GLY C 596 0.24 50.80 -7.74
N THR C 597 -0.77 50.46 -6.96
CA THR C 597 -0.67 50.43 -5.50
C THR C 597 -0.19 49.07 -5.05
N VAL C 598 0.97 49.02 -4.42
CA VAL C 598 1.57 47.76 -3.95
C VAL C 598 0.96 47.47 -2.58
N ASN C 599 -0.03 46.58 -2.54
CA ASN C 599 -0.68 46.22 -1.29
C ASN C 599 0.01 45.07 -0.57
N SER C 600 0.64 44.16 -1.32
CA SER C 600 1.43 43.09 -0.74
C SER C 600 2.83 43.15 -1.34
N GLN C 601 3.85 43.21 -0.49
CA GLN C 601 5.23 43.30 -0.95
C GLN C 601 6.05 42.23 -0.24
N GLY C 602 6.83 41.49 -1.02
CA GLY C 602 7.74 40.50 -0.48
C GLY C 602 9.09 41.09 -0.16
N ALA C 603 10.04 40.19 0.08
CA ALA C 603 11.41 40.62 0.38
C ALA C 603 12.04 41.25 -0.86
N LEU C 604 12.80 42.32 -0.63
CA LEU C 604 13.46 43.02 -1.73
C LEU C 604 14.94 43.25 -1.43
N MET C 607 16.27 46.13 2.53
CA MET C 607 14.98 46.00 3.20
C MET C 607 15.16 45.50 4.62
N VAL C 608 14.77 46.32 5.60
CA VAL C 608 14.91 45.99 7.01
C VAL C 608 13.55 46.09 7.67
N TRP C 609 13.40 45.38 8.79
CA TRP C 609 12.15 45.39 9.54
C TRP C 609 12.43 44.93 10.97
N GLN C 610 11.40 45.02 11.80
CA GLN C 610 11.45 44.58 13.18
C GLN C 610 10.44 43.47 13.41
N ASN C 611 10.74 42.59 14.35
CA ASN C 611 9.84 41.50 14.68
C ASN C 611 8.71 41.98 15.57
N ARG C 612 7.65 41.18 15.62
CA ARG C 612 6.53 41.48 16.51
C ARG C 612 6.98 41.43 17.95
N ASP C 613 6.56 42.41 18.73
CA ASP C 613 6.93 42.47 20.14
C ASP C 613 6.34 41.29 20.89
N VAL C 614 7.08 40.78 21.85
CA VAL C 614 6.59 39.73 22.74
C VAL C 614 5.90 40.39 23.91
N TYR C 615 4.99 39.68 24.54
CA TYR C 615 4.18 40.22 25.62
C TYR C 615 4.20 39.28 26.81
N LEU C 616 3.97 39.86 28.00
CA LEU C 616 3.95 39.07 29.22
C LEU C 616 2.90 37.96 29.14
N GLN C 617 1.80 38.20 28.44
CA GLN C 617 0.78 37.20 28.22
C GLN C 617 0.97 36.41 26.94
N GLY C 618 1.97 36.78 26.13
CA GLY C 618 2.15 36.17 24.84
C GLY C 618 3.09 34.97 24.86
N PRO C 619 3.21 34.30 23.73
CA PRO C 619 4.08 33.12 23.66
C PRO C 619 5.55 33.49 23.79
N ILE C 620 6.33 32.53 24.28
CA ILE C 620 7.78 32.71 24.41
C ILE C 620 8.52 32.24 23.17
N TRP C 621 8.18 31.05 22.68
CA TRP C 621 8.89 30.45 21.58
C TRP C 621 7.91 29.70 20.69
N ALA C 622 8.39 29.36 19.50
CA ALA C 622 7.65 28.50 18.59
C ALA C 622 8.65 27.62 17.84
N LYS C 623 8.18 26.48 17.37
CA LYS C 623 9.02 25.54 16.66
C LYS C 623 9.04 25.91 15.17
N ILE C 624 10.23 26.14 14.64
CA ILE C 624 10.39 26.33 13.21
C ILE C 624 10.09 24.99 12.54
N PRO C 625 9.16 24.94 11.60
CA PRO C 625 8.84 23.65 10.97
C PRO C 625 10.05 23.07 10.26
N HIS C 626 10.17 21.75 10.33
CA HIS C 626 11.27 21.07 9.65
C HIS C 626 11.00 21.10 8.15
N THR C 627 11.56 22.10 7.47
CA THR C 627 11.21 22.39 6.09
C THR C 627 12.49 22.68 5.32
N ASP C 628 12.40 22.54 3.99
CA ASP C 628 13.57 22.76 3.15
C ASP C 628 14.09 24.19 3.29
N GLY C 629 13.19 25.16 3.34
CA GLY C 629 13.61 26.55 3.46
C GLY C 629 12.62 27.36 4.27
N ASN C 630 13.12 28.46 4.82
CA ASN C 630 12.29 29.41 5.53
C ASN C 630 12.94 30.78 5.44
N PHE C 631 12.12 31.82 5.33
CA PHE C 631 12.60 33.19 5.25
C PHE C 631 12.38 33.85 6.60
N HIS C 632 13.48 34.19 7.27
CA HIS C 632 13.46 34.83 8.59
C HIS C 632 12.52 34.07 9.52
N PRO C 633 12.90 32.87 9.95
CA PRO C 633 11.95 32.05 10.72
C PRO C 633 11.69 32.59 12.11
N SER C 634 11.11 33.78 12.19
CA SER C 634 10.67 34.32 13.46
C SER C 634 9.16 34.13 13.59
N PRO C 635 8.68 33.59 14.70
CA PRO C 635 7.24 33.31 14.81
C PRO C 635 6.42 34.58 14.66
N LEU C 636 5.30 34.46 13.95
CA LEU C 636 4.50 35.62 13.62
C LEU C 636 3.69 36.14 14.81
N MET C 637 3.46 35.32 15.83
CA MET C 637 2.84 35.79 17.05
C MET C 637 3.85 36.31 18.05
N GLY C 638 5.12 36.41 17.66
CA GLY C 638 6.16 36.86 18.56
C GLY C 638 6.88 35.70 19.20
N GLY C 639 8.05 36.02 19.75
CA GLY C 639 8.87 35.04 20.43
C GLY C 639 10.09 34.65 19.63
N PHE C 640 10.68 33.53 20.05
CA PHE C 640 11.91 33.03 19.45
C PHE C 640 11.61 31.79 18.63
N GLY C 641 11.99 31.81 17.36
CA GLY C 641 11.85 30.65 16.51
C GLY C 641 12.96 29.66 16.78
N LEU C 642 12.60 28.45 17.17
CA LEU C 642 13.57 27.44 17.57
C LEU C 642 13.41 26.21 16.69
N LYS C 643 14.52 25.77 16.08
CA LYS C 643 14.50 24.50 15.35
C LYS C 643 14.39 23.33 16.30
N HIS C 644 14.96 23.44 17.49
CA HIS C 644 14.87 22.43 18.54
C HIS C 644 14.31 23.11 19.78
N PRO C 645 13.01 23.34 19.83
CA PRO C 645 12.41 24.04 20.96
C PRO C 645 12.41 23.15 22.20
N PRO C 646 12.07 23.70 23.36
CA PRO C 646 11.92 22.87 24.55
C PRO C 646 10.95 21.72 24.27
N PRO C 647 11.38 20.48 24.46
CA PRO C 647 10.52 19.34 24.14
C PRO C 647 9.26 19.36 24.98
N GLN C 648 8.15 18.97 24.36
CA GLN C 648 6.88 18.95 25.08
C GLN C 648 6.86 17.79 26.06
N ILE C 649 6.48 18.09 27.30
CA ILE C 649 6.42 17.09 28.36
C ILE C 649 5.03 16.47 28.34
N LEU C 650 4.96 15.16 28.19
CA LEU C 650 3.70 14.44 28.13
C LEU C 650 3.55 13.63 29.40
N ILE C 651 2.38 13.74 30.03
CA ILE C 651 2.10 13.13 31.31
C ILE C 651 0.73 12.45 31.24
N LYS C 652 0.61 11.28 31.85
CA LYS C 652 -0.62 10.53 31.77
C LYS C 652 -0.80 9.69 33.03
N ASN C 653 -2.03 9.64 33.54
CA ASN C 653 -2.34 8.72 34.62
C ASN C 653 -2.32 7.30 34.10
N THR C 654 -1.51 6.44 34.70
CA THR C 654 -1.45 5.05 34.28
C THR C 654 -2.80 4.39 34.54
N PRO C 655 -3.39 3.73 33.55
CA PRO C 655 -4.69 3.09 33.77
C PRO C 655 -4.61 2.00 34.82
N VAL C 656 -5.45 2.11 35.83
CA VAL C 656 -5.58 1.08 36.87
C VAL C 656 -6.95 0.43 36.70
N PRO C 657 -7.01 -0.77 36.14
CA PRO C 657 -8.32 -1.39 35.86
C PRO C 657 -9.07 -1.73 37.13
N ALA C 658 -10.40 -1.69 37.02
CA ALA C 658 -11.25 -2.22 38.07
C ALA C 658 -11.16 -3.74 38.04
N ASP C 659 -11.96 -4.40 38.86
CA ASP C 659 -11.86 -5.84 38.96
C ASP C 659 -12.23 -6.50 37.62
N PRO C 660 -11.32 -7.25 37.01
CA PRO C 660 -11.66 -7.95 35.77
C PRO C 660 -12.53 -9.15 36.07
N PRO C 661 -13.19 -9.72 35.06
CA PRO C 661 -14.05 -10.88 35.30
C PRO C 661 -13.27 -12.06 35.84
N THR C 662 -14.02 -13.03 36.37
CA THR C 662 -13.38 -14.25 36.87
C THR C 662 -12.93 -15.14 35.72
N THR C 663 -13.63 -15.11 34.60
CA THR C 663 -13.28 -15.89 33.42
C THR C 663 -12.60 -14.99 32.40
N PHE C 664 -11.64 -15.57 31.67
CA PHE C 664 -10.85 -14.78 30.73
C PHE C 664 -11.71 -14.22 29.62
N ASN C 665 -11.41 -12.98 29.23
CA ASN C 665 -12.08 -12.31 28.11
C ASN C 665 -11.02 -11.65 27.25
N GLN C 666 -11.07 -11.90 25.94
CA GLN C 666 -10.05 -11.38 25.04
C GLN C 666 -10.15 -9.87 24.87
N SER C 667 -11.36 -9.32 24.93
CA SER C 667 -11.55 -7.90 24.67
C SER C 667 -10.77 -7.05 25.68
N LYS C 668 -10.26 -5.92 25.20
CA LYS C 668 -9.48 -5.04 26.06
C LYS C 668 -10.35 -4.49 27.19
N LEU C 669 -9.71 -4.23 28.33
CA LEU C 669 -10.44 -3.76 29.49
C LEU C 669 -11.00 -2.37 29.24
N ASN C 670 -12.29 -2.20 29.54
CA ASN C 670 -12.96 -0.91 29.36
C ASN C 670 -13.46 -0.34 30.68
N SER C 671 -13.13 -0.96 31.80
CA SER C 671 -13.54 -0.49 33.12
C SER C 671 -12.28 -0.21 33.94
N PHE C 672 -12.15 1.04 34.39
CA PHE C 672 -11.01 1.47 35.18
C PHE C 672 -11.50 2.24 36.40
N ILE C 673 -10.67 2.29 37.43
CA ILE C 673 -10.99 3.10 38.59
C ILE C 673 -10.72 4.57 38.25
N THR C 674 -11.59 5.45 38.73
CA THR C 674 -11.46 6.87 38.42
C THR C 674 -10.29 7.45 39.20
N GLN C 675 -9.28 7.95 38.49
CA GLN C 675 -8.06 8.44 39.10
C GLN C 675 -7.69 9.79 38.54
N TYR C 676 -7.09 10.62 39.40
CA TYR C 676 -6.52 11.89 38.96
C TYR C 676 -5.26 12.15 39.77
N SER C 677 -4.24 12.71 39.11
CA SER C 677 -2.95 12.93 39.77
C SER C 677 -2.69 14.41 39.89
N THR C 678 -2.44 14.88 41.09
CA THR C 678 -2.00 16.24 41.33
C THR C 678 -0.54 16.23 41.76
N GLY C 679 0.08 17.40 41.68
CA GLY C 679 1.48 17.50 42.03
C GLY C 679 1.98 18.90 41.82
N GLN C 680 3.30 19.08 41.94
CA GLN C 680 3.93 20.36 41.71
C GLN C 680 4.85 20.25 40.51
N VAL C 681 4.81 21.25 39.64
CA VAL C 681 5.68 21.35 38.48
C VAL C 681 6.51 22.62 38.63
N SER C 682 7.82 22.50 38.47
CA SER C 682 8.71 23.64 38.58
C SER C 682 9.48 23.79 37.28
N VAL C 683 9.45 24.99 36.70
CA VAL C 683 10.21 25.31 35.51
C VAL C 683 11.09 26.51 35.82
N GLU C 684 12.40 26.36 35.56
CA GLU C 684 13.37 27.42 35.83
C GLU C 684 14.11 27.69 34.54
N ILE C 685 13.82 28.82 33.91
CA ILE C 685 14.45 29.20 32.64
C ILE C 685 15.50 30.26 32.92
N GLU C 686 16.74 29.97 32.50
CA GLU C 686 17.82 30.94 32.53
C GLU C 686 17.88 31.66 31.19
N TRP C 687 17.80 32.98 31.24
CA TRP C 687 17.77 33.80 30.03
C TRP C 687 19.11 34.49 29.80
N VAL C 713 -5.66 47.27 42.60
CA VAL C 713 -4.24 47.27 42.29
C VAL C 713 -3.97 46.46 41.04
N ASP C 714 -3.26 47.05 40.08
CA ASP C 714 -2.96 46.36 38.83
C ASP C 714 -2.08 45.15 39.10
N PHE C 715 -2.37 44.06 38.39
CA PHE C 715 -1.66 42.80 38.53
C PHE C 715 -1.71 42.30 39.97
N ALA C 716 -2.94 42.12 40.46
CA ALA C 716 -3.18 41.66 41.81
C ALA C 716 -4.55 41.02 41.87
N VAL C 717 -4.79 40.28 42.95
CA VAL C 717 -6.10 39.66 43.15
C VAL C 717 -7.13 40.74 43.48
N ASN C 718 -8.39 40.46 43.15
CA ASN C 718 -9.46 41.40 43.41
C ASN C 718 -10.09 41.16 44.77
N GLU C 720 -12.27 38.93 45.98
CA GLU C 720 -12.69 37.60 45.53
C GLU C 720 -11.49 36.70 45.27
N GLY C 721 -10.30 37.31 45.30
CA GLY C 721 -9.08 36.55 45.12
C GLY C 721 -8.87 35.97 43.74
N VAL C 722 -9.14 36.75 42.70
CA VAL C 722 -8.92 36.32 41.32
C VAL C 722 -7.84 37.20 40.71
N TYR C 723 -6.76 36.57 40.25
CA TYR C 723 -5.66 37.31 39.65
C TYR C 723 -6.09 37.89 38.30
N SER C 724 -5.76 39.16 38.07
CA SER C 724 -6.15 39.85 36.86
C SER C 724 -4.94 40.56 36.26
N GLU C 725 -4.84 40.52 34.93
CA GLU C 725 -3.82 41.27 34.21
C GLU C 725 -4.49 42.43 33.49
N PRO C 726 -4.36 43.67 33.97
CA PRO C 726 -5.19 44.74 33.41
C PRO C 726 -4.80 45.15 32.00
N ARG C 727 -3.52 45.37 31.72
CA ARG C 727 -3.12 45.82 30.40
C ARG C 727 -1.99 44.95 29.87
N PRO C 728 -1.92 44.76 28.56
CA PRO C 728 -0.84 43.95 27.98
C PRO C 728 0.46 44.72 28.02
N ILE C 729 1.53 44.05 28.43
CA ILE C 729 2.84 44.67 28.57
C ILE C 729 3.73 44.18 27.45
N GLY C 730 4.24 45.11 26.65
CA GLY C 730 5.22 44.80 25.64
C GLY C 730 6.62 45.15 26.12
N THR C 731 7.61 44.54 25.48
CA THR C 731 8.99 44.73 25.88
C THR C 731 9.65 45.93 25.20
N ARG C 732 8.92 46.68 24.38
CA ARG C 732 9.47 47.84 23.70
C ARG C 732 9.02 49.12 24.36
N PHE D 24 -34.93 -13.05 -8.18
CA PHE D 24 -33.61 -12.71 -8.68
C PHE D 24 -32.58 -12.79 -7.56
N ASP D 25 -32.02 -11.61 -7.23
CA ASP D 25 -31.06 -11.42 -6.13
C ASP D 25 -30.04 -12.57 -6.03
N ARG D 26 -29.49 -12.95 -7.18
CA ARG D 26 -28.47 -13.98 -7.21
C ARG D 26 -27.77 -13.96 -8.56
N TYR D 27 -26.44 -13.97 -8.53
CA TYR D 27 -25.66 -14.08 -9.75
C TYR D 27 -25.60 -15.53 -10.21
N TYR D 28 -25.37 -15.72 -11.50
CA TYR D 28 -25.31 -17.04 -12.10
C TYR D 28 -23.86 -17.36 -12.45
N HIS D 29 -23.34 -18.44 -11.88
CA HIS D 29 -21.95 -18.84 -11.99
C HIS D 29 -21.85 -20.08 -12.89
N GLU D 30 -20.66 -20.69 -12.90
CA GLU D 30 -20.38 -21.90 -13.67
C GLU D 30 -21.51 -22.91 -13.52
N GLU D 31 -22.03 -23.36 -14.67
CA GLU D 31 -23.10 -24.35 -14.74
C GLU D 31 -24.40 -23.82 -14.16
N GLU D 32 -24.38 -22.59 -13.64
CA GLU D 32 -25.60 -21.88 -13.29
C GLU D 32 -26.05 -20.97 -14.41
N LEU D 33 -25.12 -20.44 -15.20
CA LEU D 33 -25.49 -19.73 -16.41
C LEU D 33 -26.15 -20.67 -17.41
N GLU D 34 -25.56 -21.86 -17.60
CA GLU D 34 -26.15 -22.84 -18.50
C GLU D 34 -27.51 -23.29 -17.99
N SER D 35 -27.63 -23.52 -16.68
CA SER D 35 -28.92 -23.92 -16.12
C SER D 35 -29.96 -22.82 -16.28
N ALA D 36 -29.57 -21.56 -16.07
CA ALA D 36 -30.48 -20.45 -16.25
C ALA D 36 -30.94 -20.34 -17.70
N LEU D 37 -30.02 -20.54 -18.65
CA LEU D 37 -30.42 -20.48 -20.05
C LEU D 37 -31.31 -21.66 -20.43
N ARG D 38 -31.04 -22.84 -19.87
CA ARG D 38 -31.90 -24.00 -20.13
C ARG D 38 -33.31 -23.78 -19.57
N GLU D 39 -33.41 -23.21 -18.37
CA GLU D 39 -34.73 -22.97 -17.80
C GLU D 39 -35.43 -21.81 -18.52
N ALA D 40 -34.68 -20.86 -19.06
CA ALA D 40 -35.29 -19.84 -19.91
C ALA D 40 -35.84 -20.47 -21.19
N ALA D 41 -35.08 -21.40 -21.78
CA ALA D 41 -35.58 -22.11 -22.95
C ALA D 41 -36.83 -22.91 -22.62
N ALA D 42 -36.85 -23.56 -21.45
CA ALA D 42 -38.02 -24.33 -21.04
C ALA D 42 -39.19 -23.43 -20.72
N ALA D 43 -38.93 -22.18 -20.31
CA ALA D 43 -40.02 -21.25 -20.01
C ALA D 43 -40.80 -20.86 -21.25
N GLY D 44 -40.22 -21.01 -22.43
CA GLY D 44 -40.91 -20.71 -23.68
C GLY D 44 -41.04 -21.92 -24.57
N LEU D 48 -38.67 -22.78 -30.09
CA LEU D 48 -38.58 -21.40 -29.62
C LEU D 48 -37.15 -21.00 -29.36
N ALA D 49 -36.54 -21.62 -28.36
CA ALA D 49 -35.20 -21.28 -27.92
C ALA D 49 -34.23 -22.43 -28.22
N ARG D 50 -33.05 -22.08 -28.71
CA ARG D 50 -31.98 -23.04 -28.96
C ARG D 50 -30.74 -22.59 -28.22
N LEU D 51 -30.22 -23.45 -27.34
CA LEU D 51 -29.03 -23.13 -26.58
C LEU D 51 -27.83 -23.87 -27.15
N PHE D 52 -26.75 -23.13 -27.42
CA PHE D 52 -25.56 -23.73 -27.99
C PHE D 52 -24.34 -22.96 -27.50
N SER D 53 -23.17 -23.35 -27.97
CA SER D 53 -21.92 -22.71 -27.60
C SER D 53 -21.14 -22.37 -28.86
N ILE D 54 -20.73 -21.10 -28.97
CA ILE D 54 -19.90 -20.67 -30.10
C ILE D 54 -18.43 -21.03 -29.92
N GLY D 55 -18.07 -21.63 -28.80
CA GLY D 55 -16.69 -21.98 -28.54
C GLY D 55 -16.49 -22.23 -27.06
N ARG D 56 -15.22 -22.16 -26.64
CA ARG D 56 -14.86 -22.32 -25.25
C ARG D 56 -13.86 -21.25 -24.86
N SER D 57 -13.85 -20.90 -23.58
CA SER D 57 -12.94 -19.90 -23.06
C SER D 57 -11.57 -20.55 -22.84
N VAL D 58 -10.68 -19.82 -22.15
CA VAL D 58 -9.34 -20.35 -21.87
C VAL D 58 -9.43 -21.57 -20.98
N GLU D 59 -10.25 -21.49 -19.93
CA GLU D 59 -10.46 -22.63 -19.04
C GLU D 59 -11.47 -23.64 -19.59
N GLY D 60 -11.82 -23.53 -20.86
CA GLY D 60 -12.81 -24.43 -21.43
C GLY D 60 -14.24 -24.12 -21.06
N ARG D 61 -14.50 -22.98 -20.42
CA ARG D 61 -15.86 -22.61 -20.08
C ARG D 61 -16.61 -22.25 -21.36
N PRO D 62 -17.73 -22.90 -21.66
CA PRO D 62 -18.41 -22.65 -22.93
C PRO D 62 -18.98 -21.24 -23.01
N LEU D 63 -19.01 -20.71 -24.22
CA LEU D 63 -19.61 -19.41 -24.50
C LEU D 63 -21.06 -19.65 -24.91
N TRP D 64 -21.97 -19.55 -23.95
CA TRP D 64 -23.35 -19.93 -24.17
C TRP D 64 -24.09 -18.85 -24.96
N VAL D 65 -24.80 -19.27 -26.00
CA VAL D 65 -25.63 -18.40 -26.82
C VAL D 65 -27.01 -19.02 -26.95
N LEU D 66 -28.04 -18.22 -26.73
CA LEU D 66 -29.43 -18.64 -26.83
C LEU D 66 -30.07 -17.94 -28.01
N ARG D 67 -30.54 -18.71 -28.98
CA ARG D 67 -31.26 -18.17 -30.13
C ARG D 67 -32.75 -18.22 -29.87
N LEU D 68 -33.42 -17.08 -30.07
CA LEU D 68 -34.85 -16.94 -29.90
C LEU D 68 -35.45 -16.56 -31.25
N THR D 69 -36.45 -17.33 -31.68
CA THR D 69 -37.05 -17.12 -33.00
C THR D 69 -38.47 -17.69 -33.07
N ALA D 91 -26.96 -22.41 -33.42
CA ALA D 91 -27.30 -23.78 -33.79
C ALA D 91 -28.56 -23.80 -34.65
N GLY D 92 -28.62 -24.74 -35.59
CA GLY D 92 -29.75 -24.88 -36.46
C GLY D 92 -29.65 -24.00 -37.69
N PRO D 93 -30.57 -24.18 -38.64
CA PRO D 93 -30.54 -23.39 -39.86
C PRO D 93 -30.98 -21.95 -39.64
N LEU D 94 -30.65 -21.11 -40.63
CA LEU D 94 -30.93 -19.69 -40.56
C LEU D 94 -32.22 -19.40 -41.34
N LEU D 95 -33.26 -19.03 -40.62
CA LEU D 95 -34.56 -18.82 -41.24
C LEU D 95 -34.54 -17.57 -42.11
N PRO D 96 -35.16 -17.59 -43.28
CA PRO D 96 -35.22 -16.38 -44.11
C PRO D 96 -36.12 -15.32 -43.49
N GLY D 97 -35.83 -14.07 -43.84
CA GLY D 97 -36.66 -12.95 -43.43
C GLY D 97 -36.50 -12.54 -41.99
N ARG D 98 -35.50 -13.06 -41.29
CA ARG D 98 -35.32 -12.78 -39.86
C ARG D 98 -34.06 -11.96 -39.66
N PRO D 99 -34.19 -10.66 -39.38
CA PRO D 99 -32.99 -9.84 -39.12
C PRO D 99 -32.32 -10.27 -37.83
N GLN D 100 -31.06 -10.70 -37.93
CA GLN D 100 -30.35 -11.20 -36.77
C GLN D 100 -30.05 -10.06 -35.80
N VAL D 101 -30.28 -10.31 -34.51
CA VAL D 101 -29.88 -9.40 -33.45
C VAL D 101 -29.12 -10.20 -32.41
N LYS D 102 -27.89 -9.79 -32.12
CA LYS D 102 -27.08 -10.44 -31.09
C LYS D 102 -26.77 -9.44 -30.00
N LEU D 103 -26.97 -9.85 -28.75
CA LEU D 103 -26.72 -9.02 -27.58
C LEU D 103 -25.60 -9.66 -26.77
N VAL D 104 -24.41 -9.09 -26.86
CA VAL D 104 -23.23 -9.64 -26.20
C VAL D 104 -22.95 -8.81 -24.95
N GLY D 105 -22.91 -9.46 -23.80
CA GLY D 105 -22.62 -8.81 -22.56
C GLY D 105 -21.43 -9.45 -21.87
N ASN D 106 -21.02 -8.83 -20.76
CA ASN D 106 -19.94 -9.36 -19.92
C ASN D 106 -18.67 -9.56 -20.73
N MET D 107 -18.34 -8.59 -21.60
CA MET D 107 -17.04 -8.60 -22.25
C MET D 107 -15.92 -8.51 -21.23
N HIS D 108 -16.07 -7.65 -20.24
CA HIS D 108 -15.14 -7.54 -19.13
C HIS D 108 -15.73 -8.28 -17.94
N GLY D 109 -14.92 -9.15 -17.33
CA GLY D 109 -15.44 -10.04 -16.31
C GLY D 109 -16.05 -9.31 -15.13
N ASP D 110 -15.46 -8.18 -14.75
CA ASP D 110 -16.01 -7.42 -13.63
C ASP D 110 -17.30 -6.69 -13.99
N GLU D 111 -17.55 -6.46 -15.28
CA GLU D 111 -18.80 -5.87 -15.73
C GLU D 111 -19.86 -6.97 -15.78
N THR D 112 -20.70 -7.03 -14.76
CA THR D 112 -21.60 -8.16 -14.59
C THR D 112 -23.08 -7.80 -14.60
N VAL D 113 -23.43 -6.52 -14.62
CA VAL D 113 -24.83 -6.18 -14.85
C VAL D 113 -25.28 -6.69 -16.20
N SER D 114 -24.37 -6.70 -17.17
CA SER D 114 -24.70 -7.19 -18.51
C SER D 114 -25.13 -8.65 -18.48
N ARG D 115 -24.37 -9.49 -17.78
CA ARG D 115 -24.70 -10.92 -17.72
C ARG D 115 -26.10 -11.14 -17.15
N GLN D 116 -26.40 -10.49 -16.02
CA GLN D 116 -27.68 -10.68 -15.37
C GLN D 116 -28.82 -10.13 -16.22
N VAL D 117 -28.65 -8.94 -16.80
CA VAL D 117 -29.74 -8.39 -17.60
C VAL D 117 -29.96 -9.21 -18.86
N LEU D 118 -28.89 -9.79 -19.42
CA LEU D 118 -29.05 -10.68 -20.57
C LEU D 118 -29.85 -11.92 -20.20
N ILE D 119 -29.53 -12.51 -19.05
CA ILE D 119 -30.27 -13.69 -18.59
C ILE D 119 -31.73 -13.34 -18.37
N TYR D 120 -31.98 -12.22 -17.68
CA TYR D 120 -33.35 -11.82 -17.39
C TYR D 120 -34.11 -11.48 -18.66
N LEU D 121 -33.45 -10.86 -19.64
CA LEU D 121 -34.09 -10.56 -20.91
C LEU D 121 -34.46 -11.83 -21.66
N ALA D 122 -33.57 -12.83 -21.66
CA ALA D 122 -33.91 -14.10 -22.30
C ALA D 122 -35.10 -14.75 -21.63
N ARG D 123 -35.11 -14.77 -20.29
CA ARG D 123 -36.22 -15.36 -19.57
C ARG D 123 -37.52 -14.61 -19.83
N GLU D 124 -37.46 -13.28 -19.83
CA GLU D 124 -38.66 -12.46 -20.05
C GLU D 124 -39.18 -12.62 -21.46
N LEU D 125 -38.29 -12.70 -22.45
CA LEU D 125 -38.73 -12.92 -23.82
C LEU D 125 -39.41 -14.28 -23.96
N ALA D 126 -38.83 -15.32 -23.35
CA ALA D 126 -39.44 -16.63 -23.41
C ALA D 126 -40.82 -16.63 -22.74
N ALA D 127 -40.93 -15.99 -21.58
CA ALA D 127 -42.21 -15.93 -20.88
C ALA D 127 -43.24 -15.14 -21.68
N GLY D 128 -42.81 -14.04 -22.30
CA GLY D 128 -43.74 -13.24 -23.09
C GLY D 128 -44.24 -13.97 -24.32
N TYR D 129 -43.36 -14.71 -24.99
CA TYR D 129 -43.81 -15.53 -26.10
C TYR D 129 -44.75 -16.63 -25.62
N ARG D 130 -44.43 -17.25 -24.49
CA ARG D 130 -45.30 -18.29 -23.94
C ARG D 130 -46.66 -17.72 -23.53
N ARG D 131 -46.66 -16.54 -22.91
CA ARG D 131 -47.91 -15.93 -22.50
C ARG D 131 -48.61 -15.27 -23.68
N PRO D 134 -47.66 -10.56 -27.18
CA PRO D 134 -47.96 -9.45 -28.08
C PRO D 134 -46.70 -8.77 -28.60
N ARG D 135 -46.19 -7.78 -27.86
CA ARG D 135 -44.96 -7.10 -28.26
C ARG D 135 -43.80 -8.08 -28.31
N LEU D 136 -43.62 -8.88 -27.26
CA LEU D 136 -42.56 -9.87 -27.25
C LEU D 136 -42.85 -10.99 -28.25
N VAL D 137 -44.12 -11.35 -28.41
CA VAL D 137 -44.48 -12.39 -29.38
C VAL D 137 -44.13 -11.93 -30.78
N ARG D 138 -44.49 -10.70 -31.13
CA ARG D 138 -44.16 -10.16 -32.44
C ARG D 138 -42.64 -10.03 -32.61
N LEU D 139 -41.95 -9.59 -31.56
CA LEU D 139 -40.51 -9.44 -31.63
C LEU D 139 -39.82 -10.76 -31.91
N LEU D 140 -40.25 -11.83 -31.22
CA LEU D 140 -39.65 -13.13 -31.44
C LEU D 140 -40.14 -13.80 -32.72
N ASN D 141 -41.28 -13.37 -33.26
CA ASN D 141 -41.78 -13.93 -34.50
C ASN D 141 -41.18 -13.28 -35.75
N THR D 142 -40.78 -12.02 -35.66
CA THR D 142 -40.22 -11.32 -36.81
C THR D 142 -38.73 -11.05 -36.68
N THR D 143 -38.12 -11.36 -35.53
CA THR D 143 -36.70 -11.08 -35.33
C THR D 143 -36.03 -12.29 -34.71
N ASP D 144 -34.87 -12.65 -35.25
CA ASP D 144 -34.02 -13.69 -34.67
C ASP D 144 -33.08 -13.02 -33.68
N VAL D 145 -33.22 -13.33 -32.41
CA VAL D 145 -32.48 -12.65 -31.35
C VAL D 145 -31.48 -13.63 -30.74
N TYR D 146 -30.21 -13.28 -30.80
CA TYR D 146 -29.16 -14.07 -30.18
C TYR D 146 -28.73 -13.42 -28.88
N LEU D 147 -28.75 -14.20 -27.80
CA LEU D 147 -28.47 -13.70 -26.46
C LEU D 147 -27.18 -14.37 -26.00
N LEU D 148 -26.16 -13.57 -25.70
CA LEU D 148 -24.85 -14.08 -25.26
C LEU D 148 -24.54 -13.45 -23.91
N PRO D 149 -24.96 -14.08 -22.81
CA PRO D 149 -24.81 -13.43 -21.50
C PRO D 149 -23.38 -13.13 -21.10
N SER D 150 -22.42 -13.96 -21.49
CA SER D 150 -21.05 -13.79 -21.03
C SER D 150 -20.08 -14.21 -22.13
N LEU D 151 -19.28 -13.27 -22.61
CA LEU D 151 -18.17 -13.59 -23.48
C LEU D 151 -16.89 -13.87 -22.70
N ASN D 152 -16.84 -13.50 -21.43
CA ASN D 152 -15.66 -13.69 -20.58
C ASN D 152 -16.08 -14.35 -19.29
N PRO D 153 -16.51 -15.62 -19.33
CA PRO D 153 -16.86 -16.31 -18.08
C PRO D 153 -15.69 -16.43 -17.13
N ASP D 154 -14.47 -16.56 -17.65
CA ASP D 154 -13.29 -16.66 -16.79
C ASP D 154 -13.15 -15.43 -15.93
N GLY D 155 -13.22 -14.25 -16.54
CA GLY D 155 -13.13 -13.01 -15.79
C GLY D 155 -14.28 -12.84 -14.82
N PHE D 156 -15.48 -13.28 -15.22
CA PHE D 156 -16.62 -13.20 -14.31
C PHE D 156 -16.38 -14.03 -13.06
N GLU D 157 -15.84 -15.24 -13.22
CA GLU D 157 -15.49 -16.04 -12.05
C GLU D 157 -14.40 -15.36 -11.24
N ARG D 158 -13.42 -14.76 -11.91
CA ARG D 158 -12.35 -14.06 -11.18
C ARG D 158 -12.83 -12.75 -10.58
N ALA D 159 -14.01 -12.27 -10.94
CA ALA D 159 -14.52 -11.02 -10.40
C ALA D 159 -14.94 -11.19 -8.94
N ARG D 160 -14.92 -10.08 -8.20
CA ARG D 160 -15.19 -10.09 -6.77
C ARG D 160 -16.50 -9.36 -6.47
N GLU D 161 -17.05 -9.63 -5.29
CA GLU D 161 -18.33 -9.10 -4.87
C GLU D 161 -18.21 -7.62 -4.51
N GLY D 162 -18.98 -6.78 -5.20
CA GLY D 162 -19.15 -5.40 -4.80
C GLY D 162 -17.97 -4.48 -5.02
N ASP D 163 -17.05 -4.81 -5.92
CA ASP D 163 -15.91 -3.93 -6.16
C ASP D 163 -16.35 -2.61 -6.80
N CYS D 164 -17.30 -2.68 -7.73
CA CYS D 164 -17.90 -1.54 -8.43
C CYS D 164 -16.94 -0.86 -9.39
N GLY D 165 -15.67 -1.27 -9.45
CA GLY D 165 -14.73 -0.66 -10.36
C GLY D 165 -14.02 0.55 -9.80
N PHE D 166 -14.75 1.39 -9.05
CA PHE D 166 -14.17 2.60 -8.47
C PHE D 166 -13.84 2.40 -6.99
N ALA D 174 -6.48 -9.12 -11.24
CA ALA D 174 -6.73 -8.01 -10.35
C ALA D 174 -8.24 -7.83 -10.12
N SER D 175 -8.98 -7.72 -11.23
CA SER D 175 -10.42 -7.55 -11.16
C SER D 175 -11.19 -8.46 -12.11
N GLY D 176 -10.52 -9.22 -12.97
CA GLY D 176 -11.20 -10.06 -13.91
C GLY D 176 -11.63 -9.39 -15.19
N ARG D 177 -11.23 -8.14 -15.41
CA ARG D 177 -11.60 -7.45 -16.64
C ARG D 177 -11.06 -8.18 -17.86
N ASP D 178 -9.83 -8.63 -17.80
CA ASP D 178 -9.21 -9.37 -18.90
C ASP D 178 -9.51 -10.86 -18.77
N ASN D 179 -9.24 -11.59 -19.84
CA ASN D 179 -9.44 -13.03 -19.83
C ASN D 179 -8.33 -13.70 -19.04
N SER D 180 -8.31 -15.04 -19.08
CA SER D 180 -7.33 -15.79 -18.30
C SER D 180 -5.90 -15.53 -18.74
N ARG D 181 -5.70 -15.08 -19.97
CA ARG D 181 -4.36 -14.76 -20.46
C ARG D 181 -3.97 -13.31 -20.21
N GLY D 182 -4.82 -12.55 -19.54
CA GLY D 182 -4.53 -11.15 -19.30
C GLY D 182 -4.79 -10.22 -20.46
N ARG D 183 -5.33 -10.74 -21.55
CA ARG D 183 -5.61 -9.94 -22.74
C ARG D 183 -7.04 -9.42 -22.69
N ASP D 184 -7.20 -8.12 -22.87
CA ASP D 184 -8.52 -7.53 -22.90
C ASP D 184 -9.29 -8.02 -24.12
N LEU D 185 -10.53 -8.47 -23.89
CA LEU D 185 -11.35 -8.92 -25.02
C LEU D 185 -11.84 -7.76 -25.86
N ASN D 186 -11.87 -6.55 -25.30
CA ASN D 186 -12.22 -5.36 -26.06
C ASN D 186 -11.02 -4.71 -26.72
N ARG D 187 -9.82 -5.23 -26.49
CA ARG D 187 -8.61 -4.73 -27.12
C ARG D 187 -7.92 -5.83 -27.93
N SER D 188 -8.69 -6.82 -28.38
CA SER D 188 -8.14 -7.96 -29.10
C SER D 188 -8.80 -8.14 -30.46
N PHE D 189 -9.34 -7.07 -31.04
CA PHE D 189 -10.00 -7.14 -32.33
C PHE D 189 -9.22 -6.33 -33.37
N PRO D 190 -9.28 -6.72 -34.64
CA PRO D 190 -8.66 -5.91 -35.68
C PRO D 190 -9.31 -4.52 -35.75
N ASP D 191 -8.48 -3.52 -36.02
CA ASP D 191 -8.94 -2.13 -36.09
C ASP D 191 -8.48 -1.51 -37.39
N GLN D 192 -9.36 -0.72 -38.01
CA GLN D 192 -9.02 -0.04 -39.25
C GLN D 192 -8.02 1.09 -39.05
N PHE D 193 -7.76 1.47 -37.80
CA PHE D 193 -6.79 2.53 -37.53
C PHE D 193 -5.60 1.98 -36.74
N LEU D 201 -4.02 -13.31 -32.54
CA LEU D 201 -5.02 -14.16 -31.89
C LEU D 201 -4.37 -15.35 -31.20
N ASP D 202 -5.19 -16.37 -30.95
CA ASP D 202 -4.84 -17.65 -30.33
C ASP D 202 -4.59 -17.48 -28.84
N GLU D 203 -4.51 -16.24 -28.35
CA GLU D 203 -4.43 -15.97 -26.92
C GLU D 203 -5.77 -15.54 -26.35
N VAL D 204 -6.75 -15.25 -27.20
CA VAL D 204 -8.10 -14.87 -26.78
C VAL D 204 -9.10 -15.78 -27.49
N PRO D 205 -9.27 -17.02 -27.04
CA PRO D 205 -10.19 -17.94 -27.74
C PRO D 205 -11.62 -17.43 -27.80
N GLU D 206 -12.06 -16.66 -26.81
CA GLU D 206 -13.39 -16.07 -26.87
C GLU D 206 -13.53 -15.09 -28.02
N VAL D 207 -12.51 -14.23 -28.21
CA VAL D 207 -12.54 -13.25 -29.29
C VAL D 207 -12.54 -13.96 -30.64
N ARG D 208 -11.68 -14.96 -30.80
CA ARG D 208 -11.63 -15.70 -32.06
C ARG D 208 -12.94 -16.43 -32.32
N ALA D 209 -13.52 -17.02 -31.27
CA ALA D 209 -14.79 -17.70 -31.43
C ALA D 209 -15.89 -16.74 -31.86
N LEU D 210 -15.94 -15.55 -31.26
CA LEU D 210 -16.95 -14.58 -31.65
C LEU D 210 -16.69 -14.06 -33.06
N ILE D 211 -15.42 -13.92 -33.44
CA ILE D 211 -15.11 -13.51 -34.81
C ILE D 211 -15.63 -14.54 -35.81
N GLU D 212 -15.39 -15.83 -35.52
CA GLU D 212 -15.89 -16.89 -36.39
C GLU D 212 -17.41 -16.91 -36.41
N TRP D 213 -18.04 -16.67 -35.25
CA TRP D 213 -19.50 -16.65 -35.18
C TRP D 213 -20.08 -15.52 -36.02
N ILE D 214 -19.47 -14.34 -35.95
CA ILE D 214 -19.92 -13.22 -36.77
C ILE D 214 -19.71 -13.52 -38.25
N ARG D 215 -18.55 -14.09 -38.60
CA ARG D 215 -18.29 -14.43 -40.00
C ARG D 215 -19.28 -15.48 -40.51
N ARG D 216 -19.76 -16.35 -39.62
CA ARG D 216 -20.71 -17.39 -40.00
C ARG D 216 -22.14 -16.88 -40.13
N ASN D 217 -22.41 -15.64 -39.71
CA ASN D 217 -23.77 -15.10 -39.78
C ASN D 217 -23.79 -13.72 -40.43
N LYS D 218 -24.95 -13.10 -40.45
CA LYS D 218 -25.17 -11.80 -41.10
C LYS D 218 -25.89 -10.85 -40.16
N PHE D 219 -25.37 -10.73 -38.93
CA PHE D 219 -25.97 -9.86 -37.93
C PHE D 219 -26.07 -8.44 -38.46
N VAL D 220 -27.24 -7.83 -38.27
CA VAL D 220 -27.48 -6.47 -38.75
C VAL D 220 -27.51 -5.46 -37.61
N LEU D 221 -27.91 -5.86 -36.41
CA LEU D 221 -27.90 -4.98 -35.25
C LEU D 221 -27.38 -5.74 -34.05
N SER D 222 -26.58 -5.07 -33.22
CA SER D 222 -26.00 -5.71 -32.06
C SER D 222 -25.83 -4.70 -30.94
N GLY D 223 -25.77 -5.20 -29.71
CA GLY D 223 -25.59 -4.36 -28.55
C GLY D 223 -24.63 -4.91 -27.52
N ASN D 224 -23.57 -4.15 -27.24
CA ASN D 224 -22.63 -4.48 -26.18
C ASN D 224 -23.08 -3.84 -24.89
N LEU D 225 -23.14 -4.63 -23.83
CA LEU D 225 -23.54 -4.16 -22.51
C LEU D 225 -22.33 -4.19 -21.60
N HIS D 226 -21.98 -3.04 -21.03
CA HIS D 226 -20.76 -2.92 -20.24
C HIS D 226 -21.04 -2.31 -18.88
N GLY D 227 -19.98 -1.97 -18.15
CA GLY D 227 -20.10 -1.32 -16.86
C GLY D 227 -19.10 -0.19 -16.73
N GLY D 228 -19.08 0.41 -15.55
CA GLY D 228 -18.19 1.51 -15.25
C GLY D 228 -18.72 2.88 -15.66
N SER D 229 -19.80 2.92 -16.45
CA SER D 229 -20.42 4.16 -16.86
C SER D 229 -21.89 3.89 -17.13
N VAL D 230 -22.64 4.93 -17.44
CA VAL D 230 -24.04 4.83 -17.83
C VAL D 230 -24.19 5.68 -19.09
N VAL D 231 -24.04 5.05 -20.26
CA VAL D 231 -24.03 5.79 -21.52
C VAL D 231 -24.22 4.80 -22.67
N ALA D 232 -24.65 5.32 -23.81
CA ALA D 232 -24.74 4.54 -25.05
C ALA D 232 -23.71 5.08 -26.03
N SER D 233 -22.66 4.32 -26.27
CA SER D 233 -21.61 4.70 -27.20
C SER D 233 -21.86 4.03 -28.55
N TYR D 234 -21.73 4.80 -29.62
CA TYR D 234 -21.89 4.28 -30.96
C TYR D 234 -20.54 4.06 -31.63
N PRO D 235 -20.50 3.32 -32.78
CA PRO D 235 -19.22 2.84 -33.32
C PRO D 235 -18.15 3.88 -33.61
N PHE D 236 -16.98 3.36 -34.04
CA PHE D 236 -15.73 4.12 -34.14
C PHE D 236 -15.27 4.61 -32.77
N ASP D 237 -15.00 3.63 -31.91
CA ASP D 237 -14.45 3.87 -30.58
C ASP D 237 -12.98 4.31 -30.64
N ASP D 238 -12.34 4.18 -31.80
CA ASP D 238 -10.97 4.64 -31.99
C ASP D 238 -10.94 5.73 -33.06
N SER D 239 -9.79 6.38 -33.18
CA SER D 239 -9.59 7.46 -34.11
C SER D 239 -8.30 7.24 -34.90
N PRO D 240 -8.22 7.78 -36.12
CA PRO D 240 -6.97 7.65 -36.88
C PRO D 240 -5.77 8.24 -36.16
N GLU D 241 -5.94 9.36 -35.46
CA GLU D 241 -4.86 9.97 -34.71
C GLU D 241 -4.65 9.34 -33.35
N HIS D 242 -5.61 8.53 -32.88
CA HIS D 242 -5.48 7.75 -31.65
C HIS D 242 -5.31 8.64 -30.42
N LYS D 243 -5.86 9.85 -30.45
CA LYS D 243 -5.91 10.66 -29.25
C LYS D 243 -6.95 10.10 -28.29
N ALA D 244 -6.65 10.21 -27.00
CA ALA D 244 -7.46 9.53 -25.99
C ALA D 244 -8.91 9.99 -26.03
N THR D 245 -9.14 11.29 -25.94
CA THR D 245 -10.48 11.85 -25.88
C THR D 245 -10.60 12.98 -26.89
N GLY D 246 -11.73 13.68 -26.84
CA GLY D 246 -11.94 14.85 -27.68
C GLY D 246 -12.23 14.61 -29.14
N ILE D 247 -11.44 13.76 -29.79
CA ILE D 247 -11.58 13.55 -31.24
C ILE D 247 -12.86 12.76 -31.50
N TYR D 248 -13.76 13.35 -32.27
CA TYR D 248 -15.01 12.70 -32.65
C TYR D 248 -14.80 11.97 -33.96
N SER D 249 -14.82 10.64 -33.92
CA SER D 249 -14.67 9.82 -35.12
C SER D 249 -16.07 9.51 -35.66
N LYS D 250 -16.38 10.08 -36.82
CA LYS D 250 -17.70 9.92 -37.44
C LYS D 250 -17.66 8.81 -38.48
N THR D 251 -18.70 7.99 -38.49
CA THR D 251 -18.80 6.88 -39.43
C THR D 251 -19.65 7.28 -40.63
N SER D 252 -19.68 6.38 -41.61
CA SER D 252 -20.60 6.55 -42.74
C SER D 252 -22.05 6.43 -42.31
N ASP D 253 -22.33 5.60 -41.31
CA ASP D 253 -23.68 5.36 -40.82
C ASP D 253 -23.86 5.97 -39.43
N ASP D 254 -23.25 7.14 -39.22
CA ASP D 254 -23.29 7.76 -37.90
C ASP D 254 -24.70 8.14 -37.48
N GLU D 255 -25.55 8.53 -38.43
CA GLU D 255 -26.93 8.90 -38.09
C GLU D 255 -27.70 7.70 -37.56
N VAL D 256 -27.51 6.52 -38.16
CA VAL D 256 -28.22 5.33 -37.70
C VAL D 256 -27.73 4.92 -36.32
N PHE D 257 -26.42 4.98 -36.11
CA PHE D 257 -25.87 4.67 -34.80
C PHE D 257 -26.40 5.63 -33.74
N LYS D 258 -26.47 6.92 -34.07
CA LYS D 258 -27.02 7.89 -33.13
C LYS D 258 -28.47 7.60 -32.83
N TYR D 259 -29.25 7.25 -33.85
CA TYR D 259 -30.66 6.92 -33.63
C TYR D 259 -30.80 5.71 -32.72
N LEU D 260 -30.00 4.67 -32.95
CA LEU D 260 -30.06 3.47 -32.11
C LEU D 260 -29.68 3.78 -30.67
N ALA D 261 -28.60 4.53 -30.48
CA ALA D 261 -28.17 4.87 -29.12
C ALA D 261 -29.22 5.72 -28.43
N LYS D 262 -29.81 6.68 -29.13
CA LYS D 262 -30.87 7.50 -28.56
C LYS D 262 -32.08 6.66 -28.19
N ALA D 263 -32.46 5.73 -29.06
CA ALA D 263 -33.62 4.89 -28.78
C ALA D 263 -33.38 4.03 -27.55
N TYR D 264 -32.17 3.48 -27.41
CA TYR D 264 -31.88 2.68 -26.22
C TYR D 264 -31.83 3.54 -24.97
N ALA D 265 -31.22 4.74 -25.05
CA ALA D 265 -31.00 5.55 -23.87
C ALA D 265 -32.25 6.26 -23.38
N SER D 266 -33.20 6.55 -24.29
CA SER D 266 -34.41 7.26 -23.88
C SER D 266 -35.22 6.45 -22.89
N ASN D 267 -35.34 5.14 -23.10
CA ASN D 267 -36.13 4.31 -22.21
C ASN D 267 -35.45 4.09 -20.86
N HIS D 268 -34.14 4.17 -20.81
CA HIS D 268 -33.43 3.95 -19.56
C HIS D 268 -33.76 5.08 -18.58
N PRO D 269 -34.09 4.75 -17.32
CA PRO D 269 -34.41 5.82 -16.35
C PRO D 269 -33.20 6.60 -15.86
N ILE D 270 -32.00 6.36 -16.42
CA ILE D 270 -30.81 7.11 -16.06
C ILE D 270 -30.18 7.77 -17.28
N MET D 271 -30.03 7.04 -18.40
CA MET D 271 -29.43 7.62 -19.58
C MET D 271 -30.31 8.63 -20.29
N LYS D 272 -31.57 8.78 -19.88
CA LYS D 272 -32.36 9.90 -20.38
C LYS D 272 -31.73 11.23 -20.00
N THR D 273 -30.92 11.24 -18.95
CA THR D 273 -30.03 12.36 -18.64
C THR D 273 -28.59 11.91 -18.87
N GLY D 274 -27.84 12.70 -19.63
CA GLY D 274 -26.49 12.30 -20.00
C GLY D 274 -25.59 12.13 -18.80
N GLU D 275 -25.76 12.97 -17.78
CA GLU D 275 -24.95 12.89 -16.58
C GLU D 275 -25.20 11.56 -15.88
N PRO D 276 -24.16 10.80 -15.53
CA PRO D 276 -24.36 9.46 -14.94
C PRO D 276 -24.51 9.48 -13.43
N HIS D 277 -24.01 10.53 -12.76
CA HIS D 277 -24.03 10.65 -11.30
C HIS D 277 -23.33 9.45 -10.65
N CYS D 278 -22.02 9.34 -10.90
CA CYS D 278 -21.24 8.25 -10.34
C CYS D 278 -19.80 8.69 -10.18
N PRO D 279 -19.04 8.06 -9.28
CA PRO D 279 -17.68 8.52 -9.01
C PRO D 279 -16.77 8.35 -10.23
N GLY D 280 -15.79 9.24 -10.33
CA GLY D 280 -14.81 9.20 -11.38
C GLY D 280 -14.86 10.37 -12.32
N ASP D 281 -16.07 10.75 -12.75
CA ASP D 281 -16.25 11.89 -13.65
C ASP D 281 -17.05 13.02 -13.01
N GLU D 282 -18.28 12.75 -12.58
CA GLU D 282 -19.16 13.72 -11.92
C GLU D 282 -19.54 14.89 -12.82
N ASP D 283 -18.99 14.95 -14.03
CA ASP D 283 -19.30 16.04 -14.95
C ASP D 283 -19.40 15.59 -16.40
N GLU D 284 -19.34 14.29 -16.68
CA GLU D 284 -19.44 13.82 -18.06
C GLU D 284 -20.88 13.91 -18.55
N THR D 285 -21.37 15.13 -18.78
CA THR D 285 -22.73 15.35 -19.24
C THR D 285 -22.80 15.01 -20.72
N PHE D 286 -23.03 13.73 -21.02
CA PHE D 286 -23.19 13.31 -22.40
C PHE D 286 -24.42 13.96 -23.00
N LYS D 287 -24.31 14.37 -24.27
CA LYS D 287 -25.42 15.00 -24.95
C LYS D 287 -26.48 13.95 -25.27
N ASP D 288 -27.67 14.13 -24.68
CA ASP D 288 -28.83 13.26 -24.92
C ASP D 288 -28.56 11.83 -24.47
N GLY D 289 -27.61 11.63 -23.56
CA GLY D 289 -27.34 10.31 -23.02
C GLY D 289 -26.57 9.38 -23.93
N ILE D 290 -26.07 9.86 -25.07
CA ILE D 290 -25.33 9.04 -26.01
C ILE D 290 -24.01 9.73 -26.32
N THR D 291 -23.05 8.95 -26.82
CA THR D 291 -21.74 9.49 -27.14
C THR D 291 -21.06 8.62 -28.18
N ASN D 292 -20.02 9.19 -28.78
CA ASN D 292 -19.13 8.45 -29.66
C ASN D 292 -18.00 7.84 -28.85
N GLY D 293 -17.59 6.63 -29.21
CA GLY D 293 -16.53 5.97 -28.47
C GLY D 293 -15.23 6.73 -28.50
N ALA D 294 -14.82 7.18 -29.70
CA ALA D 294 -13.59 7.96 -29.81
C ALA D 294 -13.74 9.30 -29.10
N HIS D 295 -14.91 9.93 -29.22
CA HIS D 295 -15.15 11.19 -28.54
C HIS D 295 -15.14 11.01 -27.03
N TRP D 296 -15.51 9.82 -26.55
CA TRP D 296 -15.52 9.56 -25.10
C TRP D 296 -14.13 9.19 -24.60
N TYR D 297 -13.58 8.08 -25.09
CA TYR D 297 -12.22 7.68 -24.74
C TYR D 297 -11.77 6.65 -25.77
N ASP D 298 -10.55 6.83 -26.29
CA ASP D 298 -10.09 6.01 -27.41
C ASP D 298 -9.86 4.58 -26.97
N VAL D 299 -10.27 3.64 -27.82
CA VAL D 299 -10.08 2.21 -27.58
C VAL D 299 -9.54 1.59 -28.86
N GLU D 300 -8.27 1.18 -28.82
CA GLU D 300 -7.66 0.51 -29.96
C GLU D 300 -8.19 -0.91 -30.07
N GLY D 301 -8.65 -1.27 -31.26
CA GLY D 301 -9.13 -2.63 -31.47
C GLY D 301 -10.38 -3.00 -30.68
N GLY D 302 -11.35 -2.10 -30.62
CA GLY D 302 -12.62 -2.42 -30.00
C GLY D 302 -13.41 -3.40 -30.84
N MET D 303 -14.54 -3.86 -30.29
CA MET D 303 -15.32 -4.84 -31.04
C MET D 303 -16.43 -4.19 -31.85
N GLN D 304 -16.99 -3.07 -31.38
CA GLN D 304 -18.03 -2.41 -32.16
C GLN D 304 -17.50 -1.90 -33.49
N ASP D 305 -16.29 -1.32 -33.49
CA ASP D 305 -15.70 -0.87 -34.74
C ASP D 305 -15.40 -2.04 -35.66
N TYR D 306 -14.95 -3.17 -35.11
CA TYR D 306 -14.73 -4.36 -35.93
C TYR D 306 -16.04 -4.83 -36.55
N ASN D 307 -17.10 -4.87 -35.75
CA ASN D 307 -18.40 -5.32 -36.24
C ASN D 307 -18.94 -4.39 -37.29
N TYR D 308 -18.60 -3.10 -37.21
CA TYR D 308 -19.00 -2.16 -38.25
C TYR D 308 -18.16 -2.29 -39.50
N VAL D 309 -16.87 -2.61 -39.37
CA VAL D 309 -15.97 -2.59 -40.52
C VAL D 309 -15.87 -3.98 -41.15
N TRP D 310 -15.37 -4.95 -40.39
CA TRP D 310 -15.18 -6.28 -40.95
C TRP D 310 -16.50 -7.00 -41.15
N ALA D 311 -17.54 -6.59 -40.43
CA ALA D 311 -18.90 -7.08 -40.65
C ALA D 311 -19.80 -5.91 -41.00
N ASN D 312 -21.03 -6.23 -41.37
CA ASN D 312 -22.03 -5.22 -41.68
C ASN D 312 -22.93 -4.90 -40.49
N CYS D 313 -22.64 -5.48 -39.33
CA CYS D 313 -23.49 -5.30 -38.17
C CYS D 313 -23.38 -3.88 -37.62
N PHE D 314 -24.46 -3.41 -37.02
CA PHE D 314 -24.51 -2.11 -36.37
C PHE D 314 -24.46 -2.37 -34.88
N GLU D 315 -23.27 -2.22 -34.31
CA GLU D 315 -22.98 -2.64 -32.94
C GLU D 315 -22.75 -1.41 -32.06
N ILE D 316 -23.49 -1.32 -30.96
CA ILE D 316 -23.44 -0.18 -30.06
C ILE D 316 -23.13 -0.68 -28.65
N THR D 317 -22.21 0.03 -27.97
CA THR D 317 -21.83 -0.32 -26.61
C THR D 317 -22.77 0.38 -25.63
N LEU D 318 -23.14 -0.32 -24.56
CA LEU D 318 -24.15 0.18 -23.62
C LEU D 318 -23.63 -0.02 -22.20
N GLU D 319 -23.06 1.03 -21.61
CA GLU D 319 -22.64 0.98 -20.21
C GLU D 319 -23.86 1.22 -19.34
N LEU D 320 -24.27 0.20 -18.58
CA LEU D 320 -25.53 0.24 -17.87
C LEU D 320 -25.39 0.95 -16.52
N SER D 321 -24.39 0.57 -15.72
CA SER D 321 -24.21 1.16 -14.40
C SER D 321 -22.74 1.45 -14.18
N CYS D 322 -22.48 2.43 -13.33
CA CYS D 322 -21.10 2.79 -12.98
C CYS D 322 -20.48 1.87 -11.95
N CYS D 323 -21.27 1.04 -11.28
CA CYS D 323 -20.75 -0.01 -10.40
C CYS D 323 -20.72 -1.30 -11.21
N LYS D 324 -19.52 -1.76 -11.54
CA LYS D 324 -19.39 -2.88 -12.47
C LYS D 324 -19.97 -4.17 -11.89
N TYR D 325 -19.76 -4.41 -10.60
CA TYR D 325 -20.20 -5.63 -9.94
C TYR D 325 -21.05 -5.25 -8.74
N PRO D 326 -22.30 -4.86 -8.96
CA PRO D 326 -23.16 -4.48 -7.84
C PRO D 326 -23.59 -5.71 -7.06
N PRO D 327 -23.97 -5.55 -5.78
CA PRO D 327 -24.53 -6.67 -5.04
C PRO D 327 -25.83 -7.14 -5.69
N ALA D 328 -26.11 -8.43 -5.53
CA ALA D 328 -27.22 -9.04 -6.24
C ALA D 328 -28.56 -8.37 -5.92
N SER D 329 -28.67 -7.74 -4.75
CA SER D 329 -29.92 -7.07 -4.39
C SER D 329 -30.25 -5.96 -5.37
N GLN D 330 -29.23 -5.34 -5.98
CA GLN D 330 -29.47 -4.29 -6.97
C GLN D 330 -29.95 -4.84 -8.29
N LEU D 331 -29.75 -6.13 -8.56
CA LEU D 331 -29.98 -6.68 -9.89
C LEU D 331 -31.41 -6.42 -10.35
N ARG D 332 -32.39 -6.73 -9.51
CA ARG D 332 -33.79 -6.47 -9.84
C ARG D 332 -33.97 -5.02 -10.26
N GLN D 333 -33.45 -4.09 -9.46
CA GLN D 333 -33.53 -2.68 -9.81
C GLN D 333 -32.90 -2.43 -11.18
N GLU D 334 -31.70 -2.99 -11.40
CA GLU D 334 -31.06 -2.85 -12.71
C GLU D 334 -31.94 -3.42 -13.80
N TRP D 335 -32.63 -4.53 -13.52
CA TRP D 335 -33.57 -5.08 -14.49
C TRP D 335 -34.65 -4.07 -14.83
N GLU D 336 -35.19 -3.41 -13.81
CA GLU D 336 -36.19 -2.37 -14.05
C GLU D 336 -35.62 -1.25 -14.89
N ASN D 337 -34.31 -1.01 -14.80
CA ASN D 337 -33.69 0.05 -15.57
C ASN D 337 -33.44 -0.35 -17.01
N ASN D 338 -33.54 -1.63 -17.34
CA ASN D 338 -33.18 -2.11 -18.67
C ASN D 338 -34.25 -2.92 -19.37
N ARG D 339 -35.25 -3.45 -18.66
CA ARG D 339 -36.21 -4.37 -19.26
C ARG D 339 -36.85 -3.77 -20.51
N GLU D 340 -37.32 -2.52 -20.41
CA GLU D 340 -37.84 -1.84 -21.59
C GLU D 340 -36.73 -1.60 -22.60
N SER D 341 -35.62 -1.00 -22.16
CA SER D 341 -34.61 -0.49 -23.09
C SER D 341 -34.12 -1.59 -24.02
N LEU D 342 -33.69 -2.72 -23.46
CA LEU D 342 -33.21 -3.83 -24.28
C LEU D 342 -34.24 -4.18 -25.35
N ILE D 343 -35.49 -4.37 -24.94
CA ILE D 343 -36.54 -4.74 -25.90
C ILE D 343 -36.60 -3.68 -27.00
N THR D 344 -36.61 -2.41 -26.61
CA THR D 344 -36.66 -1.34 -27.60
C THR D 344 -35.52 -1.50 -28.59
N LEU D 345 -34.30 -1.71 -28.08
CA LEU D 345 -33.16 -1.89 -28.97
C LEU D 345 -33.44 -2.98 -30.00
N ILE D 346 -33.93 -4.12 -29.53
CA ILE D 346 -34.23 -5.22 -30.45
C ILE D 346 -35.30 -4.78 -31.45
N GLU D 347 -36.38 -4.18 -30.95
CA GLU D 347 -37.42 -3.77 -31.87
C GLU D 347 -37.02 -2.57 -32.72
N LYS D 348 -35.81 -2.05 -32.53
CA LYS D 348 -35.28 -1.02 -33.39
C LYS D 348 -34.52 -1.60 -34.58
N VAL D 349 -34.49 -2.93 -34.73
CA VAL D 349 -33.86 -3.52 -35.91
C VAL D 349 -34.77 -3.51 -37.12
N HIS D 350 -36.06 -3.22 -36.94
CA HIS D 350 -37.04 -3.20 -38.01
C HIS D 350 -37.12 -1.86 -38.73
N ILE D 351 -36.04 -1.08 -38.70
CA ILE D 351 -36.03 0.24 -39.29
C ILE D 351 -35.25 0.18 -40.60
N GLY D 352 -35.29 1.29 -41.34
CA GLY D 352 -34.56 1.35 -42.60
C GLY D 352 -35.33 0.68 -43.71
N VAL D 353 -34.63 -0.16 -44.48
CA VAL D 353 -35.26 -0.91 -45.56
C VAL D 353 -34.89 -2.37 -45.40
N LYS D 354 -35.75 -3.24 -45.93
CA LYS D 354 -35.52 -4.68 -45.94
C LYS D 354 -35.94 -5.19 -47.30
N GLY D 355 -35.25 -6.23 -47.77
CA GLY D 355 -35.65 -6.81 -49.04
C GLY D 355 -34.80 -8.00 -49.42
N PHE D 356 -35.04 -8.48 -50.63
CA PHE D 356 -34.30 -9.60 -51.21
C PHE D 356 -33.82 -9.23 -52.61
N VAL D 357 -32.86 -9.98 -53.10
CA VAL D 357 -32.34 -9.78 -54.44
C VAL D 357 -32.54 -11.03 -55.28
N GLU D 367 -27.92 -13.02 -52.68
CA GLU D 367 -26.99 -14.09 -52.96
C GLU D 367 -25.55 -13.56 -53.02
N ASN D 368 -25.03 -13.16 -51.86
CA ASN D 368 -23.69 -12.56 -51.77
C ASN D 368 -23.57 -11.36 -52.70
N ALA D 369 -24.57 -10.48 -52.66
CA ALA D 369 -24.65 -9.32 -53.53
C ALA D 369 -24.49 -8.04 -52.72
N THR D 370 -23.75 -7.08 -53.29
CA THR D 370 -23.47 -5.83 -52.60
C THR D 370 -24.66 -4.88 -52.71
N ILE D 371 -25.08 -4.35 -51.57
CA ILE D 371 -26.17 -3.38 -51.49
C ILE D 371 -25.59 -2.08 -50.94
N SER D 372 -25.87 -0.97 -51.63
CA SER D 372 -25.30 0.32 -51.27
C SER D 372 -26.38 1.39 -51.29
N VAL D 373 -26.14 2.46 -50.55
CA VAL D 373 -27.02 3.61 -50.48
C VAL D 373 -26.22 4.85 -50.89
N ALA D 374 -26.77 5.62 -51.83
CA ALA D 374 -26.09 6.81 -52.29
C ALA D 374 -25.95 7.82 -51.16
N GLY D 375 -24.80 8.50 -51.13
CA GLY D 375 -24.49 9.42 -50.07
C GLY D 375 -23.82 8.80 -48.86
N ILE D 376 -23.69 7.48 -48.83
CA ILE D 376 -23.03 6.78 -47.74
C ILE D 376 -22.01 5.83 -48.34
N ASN D 377 -20.77 5.91 -47.86
CA ASN D 377 -19.70 5.04 -48.33
C ASN D 377 -19.58 3.79 -47.45
N HIS D 378 -20.67 3.05 -47.32
CA HIS D 378 -20.68 1.80 -46.56
C HIS D 378 -21.66 0.86 -47.24
N ASN D 379 -21.15 -0.22 -47.82
CA ASN D 379 -21.95 -1.15 -48.60
C ASN D 379 -22.09 -2.46 -47.84
N ILE D 380 -23.33 -2.95 -47.74
CA ILE D 380 -23.62 -4.20 -47.07
C ILE D 380 -23.78 -5.30 -48.12
N THR D 381 -23.78 -6.55 -47.66
CA THR D 381 -23.92 -7.70 -48.53
C THR D 381 -25.14 -8.51 -48.13
N THR D 382 -25.90 -8.96 -49.12
CA THR D 382 -27.08 -9.77 -48.86
C THR D 382 -26.69 -11.11 -48.24
N GLY D 383 -27.63 -11.69 -47.49
CA GLY D 383 -27.40 -12.93 -46.80
C GLY D 383 -27.41 -14.12 -47.73
N ARG D 384 -27.49 -15.32 -47.12
CA ARG D 384 -27.47 -16.55 -47.91
C ARG D 384 -28.69 -16.66 -48.81
N PHE D 385 -29.77 -15.96 -48.46
CA PHE D 385 -31.02 -16.03 -49.20
C PHE D 385 -31.35 -14.72 -49.90
N GLY D 386 -30.35 -13.86 -50.08
CA GLY D 386 -30.55 -12.57 -50.72
C GLY D 386 -31.14 -11.51 -49.82
N ASP D 387 -31.40 -11.82 -48.56
CA ASP D 387 -32.04 -10.87 -47.66
C ASP D 387 -31.05 -9.82 -47.19
N PHE D 388 -31.44 -8.55 -47.31
CA PHE D 388 -30.65 -7.44 -46.80
C PHE D 388 -31.54 -6.56 -45.92
N TYR D 389 -30.94 -6.08 -44.83
CA TYR D 389 -31.60 -5.26 -43.81
C TYR D 389 -30.74 -4.02 -43.63
N ARG D 390 -31.00 -2.99 -44.44
CA ARG D 390 -30.21 -1.76 -44.39
C ARG D 390 -30.86 -0.83 -43.37
N LEU D 391 -30.28 -0.76 -42.18
CA LEU D 391 -30.80 0.14 -41.15
C LEU D 391 -30.60 1.58 -41.56
N LEU D 392 -31.65 2.38 -41.45
CA LEU D 392 -31.60 3.77 -41.88
C LEU D 392 -32.53 4.61 -41.01
N VAL D 393 -32.21 5.90 -40.93
CA VAL D 393 -33.08 6.90 -40.33
C VAL D 393 -34.12 7.25 -41.39
N PRO D 394 -35.35 7.60 -41.03
CA PRO D 394 -36.36 7.90 -42.05
C PRO D 394 -35.93 8.98 -43.03
N GLY D 395 -36.27 8.78 -44.30
CA GLY D 395 -35.84 9.67 -45.35
C GLY D 395 -35.85 8.98 -46.69
N THR D 396 -35.49 9.72 -47.72
CA THR D 396 -35.48 9.20 -49.08
C THR D 396 -34.06 8.90 -49.52
N TYR D 397 -33.84 7.68 -50.02
CA TYR D 397 -32.50 7.21 -50.33
C TYR D 397 -32.48 6.54 -51.70
N ASN D 398 -31.30 6.54 -52.31
CA ASN D 398 -31.08 5.92 -53.62
C ASN D 398 -30.36 4.60 -53.40
N LEU D 399 -31.08 3.50 -53.58
CA LEU D 399 -30.51 2.17 -53.36
C LEU D 399 -29.87 1.65 -54.65
N THR D 400 -28.76 0.92 -54.48
CA THR D 400 -27.98 0.45 -55.62
C THR D 400 -27.53 -0.98 -55.35
N VAL D 401 -27.57 -1.81 -56.39
CA VAL D 401 -27.21 -3.22 -56.31
C VAL D 401 -26.00 -3.46 -57.20
N VAL D 402 -25.04 -4.24 -56.69
CA VAL D 402 -23.84 -4.59 -57.43
C VAL D 402 -23.60 -6.08 -57.26
N LEU D 403 -23.44 -6.79 -58.38
CA LEU D 403 -23.17 -8.22 -58.36
C LEU D 403 -22.58 -8.67 -59.70
N ASN D 413 -35.54 6.55 -55.85
CA ASN D 413 -36.08 7.10 -54.62
C ASN D 413 -36.84 6.02 -53.83
N VAL D 414 -36.34 5.73 -52.64
CA VAL D 414 -36.98 4.78 -51.71
C VAL D 414 -37.21 5.51 -50.39
N VAL D 415 -38.43 5.45 -49.89
CA VAL D 415 -38.84 6.20 -48.71
C VAL D 415 -38.72 5.29 -47.49
N VAL D 416 -38.23 5.87 -46.38
CA VAL D 416 -38.12 5.18 -45.10
C VAL D 416 -38.92 5.99 -44.08
N LYS D 417 -39.83 5.30 -43.39
CA LYS D 417 -40.71 5.91 -42.42
C LYS D 417 -40.48 5.29 -41.05
N GLU D 418 -40.75 6.05 -39.99
CA GLU D 418 -40.66 5.54 -38.64
C GLU D 418 -41.55 4.32 -38.45
N GLY D 419 -40.96 3.16 -38.21
CA GLY D 419 -41.70 1.93 -38.06
C GLY D 419 -41.06 0.79 -38.82
N PRO D 420 -41.88 -0.04 -39.45
CA PRO D 420 -41.35 -1.20 -40.18
C PRO D 420 -40.50 -0.78 -41.36
N ALA D 421 -39.53 -1.64 -41.69
CA ALA D 421 -38.63 -1.35 -42.80
C ALA D 421 -39.38 -1.39 -44.12
N THR D 422 -39.03 -0.47 -45.01
CA THR D 422 -39.63 -0.44 -46.34
C THR D 422 -39.16 -1.63 -47.15
N GLU D 423 -40.10 -2.33 -47.77
CA GLU D 423 -39.79 -3.53 -48.53
C GLU D 423 -39.48 -3.14 -49.98
N VAL D 424 -38.24 -3.36 -50.41
CA VAL D 424 -37.82 -3.12 -51.78
C VAL D 424 -37.20 -4.41 -52.31
N ASP D 425 -37.65 -4.83 -53.50
CA ASP D 425 -37.20 -6.08 -54.09
C ASP D 425 -36.36 -5.81 -55.33
N PHE D 426 -35.48 -6.75 -55.62
CA PHE D 426 -34.54 -6.62 -56.73
C PHE D 426 -34.54 -7.88 -57.59
N THR E 417 34.19 -48.02 21.47
CA THR E 417 33.27 -47.03 22.01
C THR E 417 32.15 -46.71 21.03
N PHE E 418 30.97 -46.43 21.56
CA PHE E 418 29.80 -46.16 20.73
C PHE E 418 29.80 -44.72 20.26
N GLU E 419 29.24 -44.50 19.06
CA GLU E 419 29.12 -43.17 18.50
C GLU E 419 28.03 -42.38 19.24
N ASP E 420 27.77 -41.16 18.77
CA ASP E 420 26.76 -40.29 19.40
C ASP E 420 25.38 -40.80 19.00
N VAL E 421 24.88 -41.75 19.79
CA VAL E 421 23.55 -42.31 19.59
C VAL E 421 22.53 -41.26 19.99
N PRO E 422 21.31 -41.30 19.46
CA PRO E 422 20.34 -40.25 19.76
C PRO E 422 19.65 -40.40 21.12
N PHE E 423 20.22 -41.18 22.03
CA PHE E 423 19.77 -41.25 23.42
C PHE E 423 18.31 -41.73 23.51
N HIS E 424 18.14 -43.01 23.17
CA HIS E 424 16.83 -43.66 23.13
C HIS E 424 15.94 -43.23 24.29
N SER E 425 14.69 -42.96 23.97
CA SER E 425 13.73 -42.40 24.93
C SER E 425 12.98 -43.55 25.60
N SER E 426 13.34 -43.82 26.85
CA SER E 426 12.66 -44.84 27.64
C SER E 426 11.59 -44.21 28.52
N TYR E 427 10.64 -43.54 27.87
CA TYR E 427 9.50 -42.92 28.54
C TYR E 427 8.28 -43.06 27.65
N ALA E 428 7.15 -42.58 28.18
CA ALA E 428 5.90 -42.51 27.44
C ALA E 428 5.34 -41.10 27.56
N HIS E 429 4.84 -40.57 26.45
CA HIS E 429 4.35 -39.20 26.45
C HIS E 429 3.12 -39.06 27.31
N SER E 430 3.05 -37.97 28.06
CA SER E 430 1.89 -37.65 28.88
C SER E 430 0.89 -36.75 28.18
N GLN E 431 1.13 -36.40 26.92
CA GLN E 431 0.24 -35.54 26.16
C GLN E 431 0.13 -36.05 24.74
N SER E 432 -1.09 -36.08 24.21
CA SER E 432 -1.27 -36.42 22.82
C SER E 432 -0.93 -35.22 21.95
N LEU E 433 -0.61 -35.50 20.69
CA LEU E 433 -0.20 -34.44 19.78
C LEU E 433 -1.34 -33.46 19.48
N ASP E 434 -2.58 -33.95 19.47
CA ASP E 434 -3.73 -33.12 19.15
C ASP E 434 -4.35 -32.47 20.38
N ARG E 435 -3.76 -32.65 21.56
CA ARG E 435 -4.24 -32.04 22.79
C ARG E 435 -3.12 -31.27 23.48
N LEU E 436 -2.34 -30.51 22.72
CA LEU E 436 -1.26 -29.73 23.27
C LEU E 436 -1.66 -28.30 23.61
N MET E 437 -2.93 -27.96 23.43
CA MET E 437 -3.38 -26.59 23.58
C MET E 437 -4.00 -26.37 24.96
N ASN E 438 -4.26 -25.10 25.25
CA ASN E 438 -4.93 -24.72 26.48
C ASN E 438 -6.42 -24.99 26.36
N PRO E 439 -7.01 -25.79 27.25
CA PRO E 439 -8.44 -26.08 27.17
C PRO E 439 -9.35 -25.01 27.74
N LEU E 440 -8.82 -23.81 28.00
CA LEU E 440 -9.61 -22.74 28.59
C LEU E 440 -9.67 -21.49 27.73
N ILE E 441 -8.80 -21.34 26.75
CA ILE E 441 -8.68 -20.12 25.98
C ILE E 441 -8.98 -20.41 24.53
N ASP E 442 -9.79 -19.56 23.91
CA ASP E 442 -10.09 -19.70 22.49
C ASP E 442 -8.87 -19.36 21.66
N GLN E 443 -8.85 -19.86 20.43
CA GLN E 443 -7.81 -19.51 19.48
C GLN E 443 -8.22 -18.28 18.69
N TYR E 444 -7.27 -17.36 18.48
CA TYR E 444 -7.56 -16.21 17.65
C TYR E 444 -7.61 -16.56 16.17
N LEU E 445 -7.21 -17.79 15.80
CA LEU E 445 -7.24 -18.24 14.43
C LEU E 445 -8.59 -18.86 14.10
N TYR E 446 -9.24 -18.35 13.06
CA TYR E 446 -10.53 -18.88 12.65
C TYR E 446 -10.36 -20.09 11.76
N TYR E 447 -11.43 -20.88 11.68
CA TYR E 447 -11.52 -22.02 10.78
C TYR E 447 -12.89 -22.01 10.13
N LEU E 448 -12.97 -22.59 8.93
CA LEU E 448 -14.21 -22.66 8.19
C LEU E 448 -15.16 -23.60 8.90
N SER E 449 -16.14 -23.05 9.62
CA SER E 449 -17.06 -23.88 10.39
C SER E 449 -18.17 -24.46 9.52
N ARG E 450 -18.76 -23.66 8.66
CA ARG E 450 -19.83 -24.15 7.80
C ARG E 450 -19.84 -23.41 6.48
N THR E 451 -20.44 -24.06 5.47
CA THR E 451 -20.60 -23.50 4.14
C THR E 451 -22.03 -23.41 3.68
N GLN E 452 -22.97 -24.08 4.35
CA GLN E 452 -24.37 -24.06 4.01
C GLN E 452 -25.15 -23.40 5.14
N THR E 453 -25.99 -22.43 4.79
CA THR E 453 -26.83 -21.75 5.79
C THR E 453 -27.83 -22.75 6.34
N THR E 454 -27.66 -23.13 7.60
CA THR E 454 -28.56 -24.08 8.23
C THR E 454 -29.82 -23.40 8.74
N ALA E 458 -35.42 -23.44 2.14
CA ALA E 458 -34.36 -24.04 1.33
C ALA E 458 -32.98 -23.55 1.78
N ASN E 459 -32.09 -24.49 2.05
CA ASN E 459 -30.74 -24.15 2.49
C ASN E 459 -29.93 -23.60 1.33
N THR E 460 -29.06 -22.64 1.61
CA THR E 460 -28.22 -22.04 0.59
C THR E 460 -26.77 -21.96 1.07
N GLN E 461 -25.92 -21.38 0.24
CA GLN E 461 -24.46 -21.43 0.44
C GLN E 461 -23.96 -20.17 1.13
N THR E 462 -23.01 -20.35 2.04
CA THR E 462 -22.38 -19.24 2.75
C THR E 462 -20.95 -19.63 3.09
N LEU E 463 -20.29 -18.80 3.90
CA LEU E 463 -18.95 -19.09 4.43
C LEU E 463 -18.89 -18.57 5.86
N GLY E 464 -19.12 -19.45 6.82
CA GLY E 464 -19.04 -19.10 8.23
C GLY E 464 -17.72 -19.55 8.83
N PHE E 465 -17.17 -18.72 9.71
CA PHE E 465 -15.90 -19.01 10.36
C PHE E 465 -16.09 -18.97 11.87
N SER E 466 -15.40 -19.88 12.56
CA SER E 466 -15.50 -19.98 14.00
C SER E 466 -14.11 -20.08 14.60
N GLN E 467 -13.98 -19.66 15.85
CA GLN E 467 -12.71 -19.73 16.56
C GLN E 467 -12.61 -21.07 17.30
N GLY E 468 -11.48 -21.74 17.12
CA GLY E 468 -11.21 -22.97 17.85
C GLY E 468 -11.16 -22.75 19.34
N GLY E 469 -11.92 -23.54 20.09
CA GLY E 469 -11.99 -23.38 21.52
C GLY E 469 -12.03 -24.70 22.27
N PRO E 470 -12.39 -24.65 23.55
CA PRO E 470 -12.46 -25.89 24.34
C PRO E 470 -13.44 -26.90 23.80
N ASN E 471 -14.53 -26.46 23.16
CA ASN E 471 -15.53 -27.39 22.66
C ASN E 471 -15.16 -27.92 21.28
N THR E 472 -14.82 -27.04 20.35
CA THR E 472 -14.41 -27.46 19.01
C THR E 472 -12.90 -27.66 18.96
N MET E 473 -12.43 -28.60 19.78
CA MET E 473 -11.00 -28.84 19.91
C MET E 473 -10.42 -29.46 18.65
N ALA E 474 -11.14 -30.39 18.02
CA ALA E 474 -10.63 -31.06 16.84
C ALA E 474 -10.46 -30.12 15.65
N ASN E 475 -11.14 -28.97 15.66
CA ASN E 475 -11.06 -28.02 14.57
C ASN E 475 -10.02 -26.92 14.81
N GLN E 476 -9.30 -26.98 15.92
CA GLN E 476 -8.32 -25.95 16.23
C GLN E 476 -7.10 -26.07 15.32
N ALA E 477 -6.38 -24.97 15.20
CA ALA E 477 -5.12 -24.95 14.47
C ALA E 477 -4.01 -25.52 15.33
N LYS E 478 -3.18 -26.39 14.74
CA LYS E 478 -2.14 -27.08 15.47
C LYS E 478 -0.84 -27.04 14.67
N ASN E 479 0.28 -27.02 15.41
CA ASN E 479 1.60 -26.82 14.82
C ASN E 479 2.22 -28.08 14.25
N TRP E 480 1.70 -29.27 14.58
CA TRP E 480 2.41 -30.51 14.28
C TRP E 480 1.44 -31.55 13.74
N LEU E 481 2.01 -32.62 13.19
CA LEU E 481 1.28 -33.74 12.62
C LEU E 481 1.82 -35.05 13.18
N PRO E 482 1.00 -36.10 13.24
CA PRO E 482 1.48 -37.39 13.69
C PRO E 482 2.47 -37.99 12.71
N GLY E 483 3.33 -38.86 13.23
CA GLY E 483 4.36 -39.50 12.45
C GLY E 483 3.85 -40.26 11.25
N PRO E 484 4.77 -40.69 10.38
CA PRO E 484 4.37 -41.32 9.12
C PRO E 484 3.60 -42.61 9.36
N CYS E 485 2.69 -42.91 8.44
CA CYS E 485 1.89 -44.12 8.53
C CYS E 485 2.51 -45.23 7.70
N MET E 526 4.93 -47.06 14.90
CA MET E 526 3.50 -46.86 14.77
C MET E 526 2.74 -47.57 15.88
N ALA E 527 1.72 -46.91 16.42
CA ALA E 527 0.99 -47.44 17.55
C ALA E 527 0.30 -48.74 17.20
N THR E 528 0.40 -49.72 18.10
CA THR E 528 -0.19 -51.03 17.84
C THR E 528 -1.70 -50.95 17.77
N HIS E 529 -2.33 -50.19 18.66
CA HIS E 529 -3.78 -50.12 18.69
C HIS E 529 -4.19 -48.82 19.37
N LYS E 530 -5.44 -48.44 19.15
CA LYS E 530 -6.01 -47.26 19.81
C LYS E 530 -6.50 -47.64 21.20
N ASP E 531 -7.27 -46.76 21.81
CA ASP E 531 -7.75 -46.98 23.16
C ASP E 531 -8.73 -48.16 23.22
N ASP E 532 -8.60 -48.96 24.28
CA ASP E 532 -9.53 -50.06 24.55
C ASP E 532 -9.55 -51.09 23.41
N GLU E 533 -8.37 -51.58 23.05
CA GLU E 533 -8.26 -52.68 22.10
C GLU E 533 -7.27 -53.72 22.62
N SER E 564 4.03 -54.62 22.41
CA SER E 564 2.96 -53.65 22.19
C SER E 564 3.47 -52.22 22.25
N GLU E 565 3.14 -51.44 21.24
CA GLU E 565 3.58 -50.05 21.13
C GLU E 565 2.46 -49.09 21.53
N GLU E 566 1.64 -49.50 22.50
CA GLU E 566 0.54 -48.69 22.99
C GLU E 566 0.98 -47.36 23.58
N GLU E 567 2.26 -47.23 23.95
CA GLU E 567 2.73 -46.02 24.62
C GLU E 567 2.93 -44.86 23.67
N ILE E 568 2.96 -45.10 22.35
CA ILE E 568 3.30 -44.06 21.39
C ILE E 568 2.08 -43.64 20.57
N LYS E 569 0.87 -44.02 21.00
CA LYS E 569 -0.32 -43.57 20.29
C LYS E 569 -0.54 -42.07 20.44
N THR E 570 0.14 -41.43 21.39
CA THR E 570 0.05 -39.99 21.53
C THR E 570 0.58 -39.27 20.30
N THR E 571 1.63 -39.80 19.69
CA THR E 571 2.27 -39.18 18.53
C THR E 571 2.14 -40.02 17.27
N ASN E 572 2.56 -41.28 17.31
CA ASN E 572 2.44 -42.12 16.15
C ASN E 572 0.99 -42.51 15.89
N PRO E 573 0.57 -42.59 14.64
CA PRO E 573 -0.77 -43.13 14.35
C PRO E 573 -0.84 -44.63 14.60
N VAL E 574 -2.06 -45.10 14.83
CA VAL E 574 -2.28 -46.52 15.08
C VAL E 574 -1.94 -47.30 13.82
N ALA E 575 -1.23 -48.41 14.00
CA ALA E 575 -0.73 -49.18 12.86
C ALA E 575 -1.85 -49.81 12.03
N THR E 576 -3.04 -49.97 12.58
CA THR E 576 -4.10 -50.72 11.93
C THR E 576 -5.22 -49.82 11.40
N GLU E 577 -4.89 -48.60 10.97
CA GLU E 577 -5.87 -47.72 10.36
C GLU E 577 -5.15 -46.66 9.55
N GLU E 578 -5.94 -45.73 9.02
CA GLU E 578 -5.44 -44.72 8.09
C GLU E 578 -4.63 -43.66 8.81
N TYR E 579 -3.76 -43.01 8.02
CA TYR E 579 -3.06 -41.85 8.56
C TYR E 579 -3.99 -40.67 8.72
N GLY E 580 -4.81 -40.41 7.71
CA GLY E 580 -5.65 -39.22 7.76
C GLY E 580 -6.54 -39.12 6.56
N ILE E 581 -7.17 -37.96 6.45
CA ILE E 581 -8.27 -37.68 5.53
C ILE E 581 -7.83 -36.51 4.66
N VAL E 582 -7.84 -36.70 3.34
CA VAL E 582 -7.37 -35.68 2.40
C VAL E 582 -8.42 -35.47 1.32
N ALA E 583 -8.20 -34.44 0.51
CA ALA E 583 -9.09 -34.10 -0.59
C ALA E 583 -8.75 -34.95 -1.81
N ASP E 584 -9.76 -35.58 -2.40
CA ASP E 584 -9.60 -36.45 -3.54
C ASP E 584 -9.92 -35.77 -4.87
N ASN E 585 -10.95 -34.92 -4.91
CA ASN E 585 -11.38 -34.27 -6.13
C ASN E 585 -11.34 -32.76 -5.94
N LEU E 586 -11.88 -32.03 -6.92
CA LEU E 586 -11.96 -30.58 -6.89
C LEU E 586 -13.44 -30.21 -7.06
N GLN E 587 -14.03 -29.64 -6.02
CA GLN E 587 -15.48 -29.45 -5.99
C GLN E 587 -15.91 -28.38 -6.99
N GLN E 588 -17.21 -28.39 -7.29
CA GLN E 588 -17.86 -27.40 -8.15
C GLN E 588 -19.27 -27.20 -7.63
N GLN E 589 -20.11 -26.55 -8.44
CA GLN E 589 -21.53 -26.47 -8.11
C GLN E 589 -22.15 -27.86 -8.04
N ASN E 590 -21.81 -28.73 -8.99
CA ASN E 590 -22.40 -30.05 -9.11
C ASN E 590 -21.53 -31.14 -8.48
N THR E 591 -20.22 -31.09 -8.68
CA THR E 591 -19.33 -32.11 -8.15
C THR E 591 -19.27 -31.97 -6.64
N ALA E 592 -20.00 -32.83 -5.93
CA ALA E 592 -19.87 -32.88 -4.48
C ALA E 592 -18.46 -33.31 -4.14
N PRO E 593 -17.87 -32.78 -3.06
CA PRO E 593 -16.47 -33.09 -2.77
C PRO E 593 -16.28 -34.57 -2.47
N GLN E 594 -15.28 -35.16 -3.12
CA GLN E 594 -14.89 -36.54 -2.86
C GLN E 594 -13.69 -36.56 -1.93
N ILE E 595 -13.54 -37.65 -1.21
CA ILE E 595 -12.68 -37.70 -0.04
C ILE E 595 -11.75 -38.89 -0.20
N GLY E 596 -10.53 -38.76 0.32
CA GLY E 596 -9.53 -39.80 0.18
C GLY E 596 -8.91 -40.24 1.50
N THR E 597 -8.83 -41.55 1.68
CA THR E 597 -8.28 -42.16 2.90
C THR E 597 -6.81 -42.45 2.70
N VAL E 598 -5.94 -41.81 3.48
CA VAL E 598 -4.50 -42.03 3.32
C VAL E 598 -4.08 -43.24 4.15
N ASN E 599 -3.54 -44.25 3.47
CA ASN E 599 -3.08 -45.46 4.16
C ASN E 599 -1.58 -45.48 4.38
N SER E 600 -0.79 -44.91 3.48
CA SER E 600 0.65 -44.81 3.63
C SER E 600 1.05 -43.36 3.45
N GLN E 601 1.57 -42.74 4.51
CA GLN E 601 1.96 -41.34 4.48
C GLN E 601 3.45 -41.22 4.75
N GLY E 602 4.15 -40.51 3.88
CA GLY E 602 5.56 -40.25 4.08
C GLY E 602 5.79 -39.07 5.01
N ALA E 603 7.04 -38.66 5.10
CA ALA E 603 7.40 -37.56 5.99
C ALA E 603 6.87 -36.24 5.44
N LEU E 604 6.36 -35.41 6.33
CA LEU E 604 5.87 -34.07 6.04
C LEU E 604 6.51 -33.09 7.01
N PRO E 605 6.62 -31.82 6.63
CA PRO E 605 7.15 -30.83 7.57
C PRO E 605 6.24 -30.70 8.78
N GLY E 606 6.86 -30.49 9.94
CA GLY E 606 6.12 -30.42 11.18
C GLY E 606 5.64 -31.76 11.69
N MET E 607 6.08 -32.86 11.08
CA MET E 607 5.70 -34.19 11.50
C MET E 607 6.69 -34.69 12.55
N VAL E 608 6.16 -35.11 13.70
CA VAL E 608 6.98 -35.66 14.77
C VAL E 608 6.51 -37.08 15.05
N TRP E 609 7.42 -37.91 15.53
CA TRP E 609 7.11 -39.30 15.78
C TRP E 609 8.05 -39.86 16.83
N GLN E 610 7.65 -40.99 17.40
CA GLN E 610 8.47 -41.74 18.35
C GLN E 610 9.01 -42.99 17.67
N ASN E 611 9.98 -43.61 18.33
CA ASN E 611 10.58 -44.85 17.83
C ASN E 611 10.08 -46.04 18.64
N ARG E 612 10.19 -47.21 18.02
CA ARG E 612 9.74 -48.44 18.67
C ARG E 612 10.56 -48.69 19.93
N ASP E 613 9.89 -49.21 20.96
CA ASP E 613 10.54 -49.44 22.24
C ASP E 613 11.52 -50.61 22.14
N VAL E 614 12.42 -50.67 23.11
CA VAL E 614 13.38 -51.75 23.22
C VAL E 614 12.91 -52.71 24.30
N TYR E 615 13.50 -53.91 24.31
CA TYR E 615 13.09 -54.94 25.26
C TYR E 615 14.28 -55.76 25.76
N ASP F 220 13.49 0.65 46.27
CA ASP F 220 12.34 -0.19 46.59
C ASP F 220 11.44 0.49 47.61
N GLY F 221 10.17 0.13 47.60
CA GLY F 221 9.21 0.68 48.54
C GLY F 221 7.82 0.72 47.94
N VAL F 222 6.85 1.05 48.80
CA VAL F 222 5.46 1.11 48.38
C VAL F 222 5.22 2.31 47.47
N GLY F 223 5.84 3.44 47.78
CA GLY F 223 5.58 4.66 47.05
C GLY F 223 6.65 5.02 46.03
N SER F 224 7.38 4.02 45.55
CA SER F 224 8.41 4.22 44.53
C SER F 224 8.13 3.29 43.36
N SER F 225 8.21 3.84 42.15
CA SER F 225 7.95 3.03 40.96
C SER F 225 9.02 1.95 40.82
N SER F 226 8.59 0.75 40.45
CA SER F 226 9.48 -0.39 40.34
C SER F 226 9.99 -0.61 38.92
N GLY F 227 9.68 0.28 38.00
CA GLY F 227 10.15 0.15 36.64
C GLY F 227 9.60 1.28 35.79
N ASN F 228 10.15 1.39 34.58
CA ASN F 228 9.75 2.42 33.65
C ASN F 228 9.11 1.80 32.41
N TRP F 229 8.37 2.62 31.69
CA TRP F 229 7.65 2.19 30.49
C TRP F 229 8.63 2.28 29.31
N HIS F 230 9.27 1.15 29.00
CA HIS F 230 10.16 1.07 27.85
C HIS F 230 9.40 0.38 26.72
N CYS F 231 9.11 1.12 25.65
CA CYS F 231 8.36 0.57 24.53
C CYS F 231 8.75 1.35 23.28
N ASP F 232 9.66 0.77 22.49
CA ASP F 232 10.08 1.37 21.23
C ASP F 232 10.83 0.31 20.44
N SER F 233 11.47 0.73 19.36
CA SER F 233 12.35 -0.12 18.58
C SER F 233 13.64 0.63 18.29
N THR F 234 14.74 -0.11 18.25
CA THR F 234 16.06 0.44 17.97
C THR F 234 16.71 -0.41 16.89
N TRP F 235 17.13 0.23 15.81
CA TRP F 235 17.72 -0.46 14.67
C TRP F 235 19.21 -0.14 14.58
N LEU F 236 20.05 -1.15 14.79
CA LEU F 236 21.49 -1.03 14.66
C LEU F 236 21.94 -2.03 13.61
N GLY F 237 22.02 -1.57 12.35
CA GLY F 237 22.50 -2.41 11.28
C GLY F 237 21.69 -3.67 11.09
N ASP F 238 22.26 -4.81 11.46
CA ASP F 238 21.62 -6.10 11.31
C ASP F 238 20.82 -6.52 12.53
N ARG F 239 20.70 -5.66 13.53
CA ARG F 239 19.95 -5.97 14.74
C ARG F 239 18.79 -4.99 14.89
N VAL F 240 17.65 -5.51 15.33
CA VAL F 240 16.51 -4.67 15.72
C VAL F 240 16.04 -5.13 17.10
N ILE F 241 16.07 -4.22 18.06
CA ILE F 241 15.65 -4.50 19.42
C ILE F 241 14.29 -3.84 19.61
N THR F 242 13.25 -4.65 19.76
CA THR F 242 11.89 -4.17 19.95
C THR F 242 11.46 -4.47 21.37
N THR F 243 11.24 -3.42 22.16
CA THR F 243 10.71 -3.56 23.50
C THR F 243 9.30 -3.00 23.53
N SER F 244 8.43 -3.67 24.29
CA SER F 244 7.03 -3.28 24.39
C SER F 244 6.57 -3.46 25.82
N THR F 245 5.93 -2.44 26.36
CA THR F 245 5.35 -2.47 27.69
C THR F 245 3.84 -2.40 27.58
N ARG F 246 3.16 -3.19 28.40
CA ARG F 246 1.71 -3.23 28.44
C ARG F 246 1.26 -3.24 29.90
N THR F 247 0.03 -2.81 30.11
CA THR F 247 -0.60 -2.88 31.43
C THR F 247 -1.47 -4.13 31.47
N TRP F 248 -1.29 -4.94 32.51
CA TRP F 248 -2.00 -6.18 32.66
C TRP F 248 -2.79 -6.19 33.95
N ALA F 249 -3.90 -6.92 33.95
CA ALA F 249 -4.76 -7.12 35.12
C ALA F 249 -5.01 -8.61 35.27
N LEU F 250 -4.49 -9.19 36.34
CA LEU F 250 -4.66 -10.60 36.62
C LEU F 250 -5.73 -10.79 37.68
N PRO F 251 -6.84 -11.45 37.36
CA PRO F 251 -7.83 -11.74 38.40
C PRO F 251 -7.51 -13.01 39.15
N THR F 252 -8.39 -13.41 40.05
CA THR F 252 -8.28 -14.70 40.71
C THR F 252 -9.01 -15.75 39.89
N TYR F 253 -8.32 -16.82 39.54
CA TYR F 253 -8.85 -17.85 38.68
C TYR F 253 -9.25 -19.07 39.49
N ASN F 254 -10.46 -19.57 39.25
CA ASN F 254 -10.96 -20.79 39.87
C ASN F 254 -11.05 -20.70 41.39
N ASN F 255 -10.99 -19.49 41.95
CA ASN F 255 -10.96 -19.28 43.40
C ASN F 255 -9.80 -20.06 44.02
N HIS F 256 -8.62 -19.93 43.41
CA HIS F 256 -7.39 -20.58 43.88
C HIS F 256 -7.55 -22.09 43.97
N LEU F 257 -8.16 -22.69 42.95
CA LEU F 257 -8.42 -24.12 42.94
C LEU F 257 -7.97 -24.72 41.62
N TYR F 258 -7.51 -25.96 41.69
CA TYR F 258 -7.22 -26.75 40.51
C TYR F 258 -8.43 -27.61 40.20
N LYS F 259 -9.02 -27.42 39.03
CA LYS F 259 -10.27 -28.07 38.67
C LYS F 259 -10.05 -29.06 37.54
N GLN F 260 -10.48 -30.29 37.76
CA GLN F 260 -10.42 -31.30 36.70
C GLN F 260 -11.50 -31.03 35.68
N ILE F 261 -11.09 -30.67 34.46
CA ILE F 261 -12.03 -30.38 33.39
C ILE F 261 -11.92 -31.48 32.34
N SER F 262 -13.03 -31.74 31.66
CA SER F 262 -13.08 -32.82 30.69
C SER F 262 -14.33 -32.70 29.84
N ASN F 263 -14.24 -33.22 28.62
CA ASN F 263 -15.38 -33.40 27.73
C ASN F 263 -15.34 -34.82 27.18
N GLY F 264 -16.49 -35.49 27.22
CA GLY F 264 -16.59 -36.85 26.74
C GLY F 264 -17.63 -36.97 25.65
N THR F 265 -17.74 -38.18 25.11
CA THR F 265 -18.71 -38.43 24.04
C THR F 265 -20.13 -38.23 24.54
N SER F 266 -20.44 -38.72 25.73
CA SER F 266 -21.77 -38.56 26.31
C SER F 266 -21.97 -37.14 26.83
N ALA F 269 -21.21 -33.85 22.40
CA ALA F 269 -19.80 -33.79 22.02
C ALA F 269 -19.36 -35.08 21.35
N THR F 270 -18.67 -34.95 20.21
CA THR F 270 -18.19 -36.10 19.48
C THR F 270 -16.89 -36.61 20.09
N ASN F 271 -16.46 -37.80 19.62
CA ASN F 271 -15.23 -38.39 20.10
C ASN F 271 -14.01 -37.57 19.72
N ASP F 272 -14.09 -36.77 18.67
CA ASP F 272 -12.94 -35.99 18.24
C ASP F 272 -12.64 -34.84 19.18
N ASN F 273 -13.65 -34.34 19.89
CA ASN F 273 -13.49 -33.20 20.78
C ASN F 273 -13.31 -33.59 22.24
N THR F 274 -13.26 -34.88 22.56
CA THR F 274 -13.10 -35.31 23.93
C THR F 274 -11.72 -34.90 24.46
N TYR F 275 -11.69 -34.45 25.71
CA TYR F 275 -10.43 -34.06 26.33
C TYR F 275 -10.51 -34.30 27.83
N PHE F 276 -9.34 -34.42 28.44
CA PHE F 276 -9.19 -34.45 29.88
C PHE F 276 -8.03 -33.55 30.24
N GLY F 277 -8.16 -32.79 31.32
CA GLY F 277 -7.09 -31.90 31.71
C GLY F 277 -7.43 -31.19 33.00
N TYR F 278 -6.57 -30.25 33.36
CA TYR F 278 -6.72 -29.51 34.59
C TYR F 278 -6.64 -28.02 34.32
N SER F 279 -7.53 -27.27 34.95
CA SER F 279 -7.52 -25.81 34.93
C SER F 279 -6.92 -25.32 36.23
N THR F 280 -5.90 -24.53 36.14
CA THR F 280 -5.14 -24.05 37.28
C THR F 280 -5.51 -22.61 37.61
N PRO F 281 -5.37 -22.21 38.87
CA PRO F 281 -5.62 -20.81 39.24
C PRO F 281 -4.58 -19.84 38.69
N TRP F 282 -3.55 -20.33 38.03
CA TRP F 282 -2.49 -19.47 37.54
C TRP F 282 -2.85 -18.87 36.19
N GLY F 283 -2.53 -17.60 36.02
CA GLY F 283 -2.50 -17.02 34.70
C GLY F 283 -1.12 -17.11 34.10
N TYR F 284 -1.03 -16.93 32.78
CA TYR F 284 0.25 -17.02 32.11
C TYR F 284 0.45 -15.86 31.17
N PHE F 285 1.66 -15.28 31.20
CA PHE F 285 2.05 -14.25 30.25
C PHE F 285 2.42 -14.90 28.93
N ASP F 286 1.87 -14.38 27.84
CA ASP F 286 2.14 -14.92 26.51
C ASP F 286 2.31 -13.78 25.54
N PHE F 287 3.52 -13.65 25.00
CA PHE F 287 3.80 -12.62 24.01
C PHE F 287 4.25 -13.27 22.72
N ASN F 288 3.51 -14.30 22.29
CA ASN F 288 3.85 -15.10 21.12
C ASN F 288 3.10 -14.67 19.87
N ARG F 289 2.87 -13.37 19.71
CA ARG F 289 2.34 -12.81 18.48
C ARG F 289 3.26 -11.69 18.04
N PHE F 290 3.42 -11.55 16.72
CA PHE F 290 4.40 -10.60 16.21
C PHE F 290 4.00 -9.16 16.49
N HIS F 291 2.70 -8.86 16.55
CA HIS F 291 2.29 -7.49 16.83
C HIS F 291 2.49 -7.10 18.30
N CYS F 292 2.80 -8.06 19.17
CA CYS F 292 3.15 -7.72 20.55
C CYS F 292 4.43 -6.90 20.62
N HIS F 293 5.31 -7.02 19.63
CA HIS F 293 6.61 -6.37 19.65
C HIS F 293 6.84 -5.42 18.50
N PHE F 294 6.29 -5.70 17.32
CA PHE F 294 6.48 -4.86 16.15
C PHE F 294 5.25 -3.99 15.94
N SER F 295 5.48 -2.69 15.83
CA SER F 295 4.45 -1.80 15.33
C SER F 295 4.27 -2.07 13.84
N PRO F 296 3.11 -1.72 13.28
CA PRO F 296 2.92 -1.88 11.83
C PRO F 296 4.00 -1.18 11.02
N ARG F 297 4.45 0.00 11.46
CA ARG F 297 5.56 0.66 10.80
C ARG F 297 6.85 -0.13 10.99
N ASP F 298 7.06 -0.68 12.19
CA ASP F 298 8.22 -1.53 12.41
C ASP F 298 8.16 -2.78 11.54
N TRP F 299 6.98 -3.37 11.40
CA TRP F 299 6.83 -4.52 10.52
C TRP F 299 7.13 -4.14 9.08
N GLN F 300 6.68 -2.96 8.65
CA GLN F 300 6.98 -2.50 7.30
C GLN F 300 8.47 -2.32 7.09
N ARG F 301 9.15 -1.73 8.08
CA ARG F 301 10.61 -1.62 8.01
C ARG F 301 11.25 -2.99 7.90
N LEU F 302 10.74 -3.95 8.67
CA LEU F 302 11.35 -5.28 8.72
C LEU F 302 11.19 -6.03 7.41
N ILE F 303 9.99 -6.01 6.84
CA ILE F 303 9.70 -6.89 5.71
C ILE F 303 10.04 -6.25 4.37
N ASN F 304 10.18 -4.93 4.31
CA ASN F 304 10.51 -4.26 3.06
C ASN F 304 12.01 -4.17 2.82
N ASN F 305 12.84 -4.54 3.79
CA ASN F 305 14.28 -4.31 3.70
C ASN F 305 15.13 -5.52 4.06
N ASN F 306 14.55 -6.58 4.64
CA ASN F 306 15.33 -7.68 5.15
C ASN F 306 14.89 -8.99 4.52
N TRP F 307 15.86 -9.80 4.12
CA TRP F 307 15.59 -11.12 3.55
C TRP F 307 15.28 -12.15 4.62
N GLY F 308 15.56 -11.86 5.87
CA GLY F 308 15.29 -12.80 6.93
C GLY F 308 15.48 -12.16 8.29
N PHE F 309 14.91 -12.79 9.30
CA PHE F 309 15.06 -12.35 10.68
C PHE F 309 14.86 -13.53 11.60
N ARG F 310 15.42 -13.42 12.80
CA ARG F 310 15.26 -14.46 13.80
C ARG F 310 15.50 -13.84 15.17
N PRO F 311 14.76 -14.24 16.19
CA PRO F 311 15.01 -13.70 17.53
C PRO F 311 16.35 -14.15 18.06
N LYS F 312 16.96 -13.28 18.87
CA LYS F 312 18.25 -13.57 19.48
C LYS F 312 18.17 -13.74 20.98
N ARG F 313 17.56 -12.80 21.68
CA ARG F 313 17.39 -12.90 23.12
C ARG F 313 16.29 -11.94 23.55
N LEU F 314 15.60 -12.32 24.61
CA LEU F 314 14.54 -11.49 25.18
C LEU F 314 14.82 -11.21 26.65
N SER F 315 14.39 -10.03 27.07
CA SER F 315 14.41 -9.61 28.47
C SER F 315 12.98 -9.34 28.89
N PHE F 316 12.55 -9.97 29.98
CA PHE F 316 11.18 -9.88 30.45
C PHE F 316 11.19 -9.24 31.84
N LYS F 317 10.34 -8.24 32.03
CA LYS F 317 10.23 -7.52 33.28
C LYS F 317 8.77 -7.38 33.68
N LEU F 318 8.54 -7.39 34.98
CA LEU F 318 7.21 -7.31 35.58
C LEU F 318 7.33 -6.34 36.75
N PHE F 319 6.71 -5.18 36.63
CA PHE F 319 6.98 -4.10 37.56
C PHE F 319 5.70 -3.33 37.86
N ASN F 320 5.84 -2.39 38.81
CA ASN F 320 4.72 -1.57 39.26
C ASN F 320 3.53 -2.44 39.66
N ILE F 321 3.85 -3.56 40.31
CA ILE F 321 2.83 -4.50 40.72
C ILE F 321 2.01 -3.89 41.86
N GLN F 322 0.69 -4.01 41.76
CA GLN F 322 -0.20 -3.51 42.78
C GLN F 322 -1.41 -4.43 42.87
N VAL F 323 -1.64 -4.98 44.07
CA VAL F 323 -2.72 -5.91 44.31
C VAL F 323 -3.85 -5.15 45.01
N LYS F 324 -5.04 -5.21 44.43
CA LYS F 324 -6.19 -4.48 44.92
C LYS F 324 -7.28 -5.46 45.30
N GLU F 325 -7.87 -5.25 46.47
CA GLU F 325 -8.97 -6.08 46.94
C GLU F 325 -10.28 -5.34 46.77
N VAL F 326 -11.30 -6.08 46.34
CA VAL F 326 -12.63 -5.52 46.08
C VAL F 326 -13.59 -6.05 47.14
N THR F 327 -14.41 -5.16 47.68
CA THR F 327 -15.37 -5.49 48.72
C THR F 327 -16.76 -5.11 48.23
N GLN F 328 -17.72 -6.01 48.41
CA GLN F 328 -19.08 -5.80 47.96
C GLN F 328 -19.98 -5.44 49.13
N ASN F 329 -20.84 -4.45 48.93
CA ASN F 329 -21.75 -4.00 49.97
C ASN F 329 -23.18 -4.40 49.65
N LYS F 333 -19.49 -2.11 45.63
CA LYS F 333 -18.20 -2.50 45.07
C LYS F 333 -17.16 -1.40 45.28
N THR F 334 -16.30 -1.58 46.28
CA THR F 334 -15.22 -0.66 46.58
C THR F 334 -13.89 -1.37 46.45
N ILE F 335 -12.98 -0.80 45.68
CA ILE F 335 -11.68 -1.40 45.40
C ILE F 335 -10.62 -0.59 46.16
N ALA F 336 -9.83 -1.28 46.97
CA ALA F 336 -8.83 -0.64 47.82
C ALA F 336 -7.49 -1.34 47.66
N ASN F 337 -6.42 -0.58 47.79
CA ASN F 337 -5.08 -1.12 47.69
C ASN F 337 -4.80 -2.08 48.82
N ASN F 338 -4.23 -3.23 48.50
CA ASN F 338 -3.77 -4.20 49.50
C ASN F 338 -2.25 -4.23 49.42
N LEU F 339 -1.61 -3.46 50.29
CA LEU F 339 -0.17 -3.29 50.21
C LEU F 339 0.58 -4.56 50.57
N THR F 340 0.05 -5.37 51.48
CA THR F 340 0.75 -6.54 51.97
C THR F 340 0.50 -7.79 51.14
N SER F 341 -0.40 -7.73 50.15
CA SER F 341 -0.66 -8.88 49.30
C SER F 341 0.46 -9.09 48.30
N THR F 342 0.76 -10.34 48.00
CA THR F 342 1.83 -10.70 47.09
C THR F 342 1.25 -11.42 45.88
N ILE F 343 2.09 -11.55 44.84
CA ILE F 343 1.78 -12.37 43.68
C ILE F 343 2.97 -13.29 43.42
N GLN F 344 2.68 -14.52 43.01
CA GLN F 344 3.70 -15.51 42.72
C GLN F 344 3.94 -15.55 41.22
N VAL F 345 5.18 -15.31 40.81
CA VAL F 345 5.59 -15.36 39.42
C VAL F 345 6.78 -16.29 39.30
N PHE F 346 6.73 -17.20 38.33
CA PHE F 346 7.85 -18.09 38.08
C PHE F 346 7.92 -18.45 36.60
N THR F 347 9.08 -18.91 36.18
CA THR F 347 9.30 -19.33 34.81
C THR F 347 9.77 -20.78 34.81
N ASP F 348 9.20 -21.60 33.94
CA ASP F 348 9.61 -23.01 33.82
C ASP F 348 10.83 -23.12 32.91
N SER F 349 11.95 -22.60 33.41
CA SER F 349 13.19 -22.63 32.65
C SER F 349 13.61 -24.03 32.26
N GLU F 350 13.19 -25.05 33.02
CA GLU F 350 13.48 -26.43 32.69
C GLU F 350 12.38 -27.11 31.90
N TYR F 351 11.33 -26.37 31.53
CA TYR F 351 10.24 -26.90 30.71
C TYR F 351 9.61 -28.14 31.34
N GLN F 352 9.40 -28.08 32.66
CA GLN F 352 8.77 -29.19 33.37
C GLN F 352 7.26 -29.15 33.29
N LEU F 353 6.68 -28.03 32.88
CA LEU F 353 5.24 -27.86 32.76
C LEU F 353 4.81 -28.10 31.33
N PRO F 354 3.55 -28.50 31.12
CA PRO F 354 3.03 -28.57 29.75
C PRO F 354 3.10 -27.20 29.09
N TYR F 355 3.52 -27.19 27.83
CA TYR F 355 3.75 -25.95 27.11
C TYR F 355 2.49 -25.62 26.31
N VAL F 356 1.67 -24.73 26.86
CA VAL F 356 0.46 -24.30 26.18
C VAL F 356 0.71 -23.11 25.26
N LEU F 357 1.88 -22.49 25.35
CA LEU F 357 2.23 -21.44 24.41
C LEU F 357 2.51 -22.04 23.04
N GLY F 358 2.35 -21.21 22.01
CA GLY F 358 2.51 -21.69 20.65
C GLY F 358 1.30 -22.38 20.07
N SER F 359 0.22 -22.49 20.83
CA SER F 359 -1.03 -23.06 20.34
C SER F 359 -1.94 -22.00 19.75
N ALA F 360 -1.46 -20.76 19.64
CA ALA F 360 -2.20 -19.66 19.02
C ALA F 360 -3.51 -19.38 19.76
N HIS F 361 -3.37 -19.11 21.05
CA HIS F 361 -4.49 -18.75 21.90
C HIS F 361 -4.57 -17.25 22.09
N GLN F 362 -5.72 -16.79 22.55
CA GLN F 362 -5.88 -15.39 22.89
C GLN F 362 -5.15 -15.10 24.20
N GLY F 363 -5.26 -13.86 24.65
CA GLY F 363 -4.53 -13.45 25.84
C GLY F 363 -3.13 -12.95 25.60
N CYS F 364 -2.73 -12.80 24.34
CA CYS F 364 -1.44 -12.24 24.03
C CYS F 364 -1.39 -10.78 24.46
N LEU F 365 -0.18 -10.22 24.47
CA LEU F 365 -0.04 -8.79 24.66
C LEU F 365 -0.75 -8.07 23.51
N PRO F 366 -1.56 -7.06 23.79
CA PRO F 366 -2.32 -6.42 22.73
C PRO F 366 -1.38 -5.77 21.72
N PRO F 367 -1.78 -5.74 20.45
CA PRO F 367 -0.97 -5.00 19.47
C PRO F 367 -0.86 -3.53 19.78
N PHE F 368 -1.87 -2.93 20.40
CA PHE F 368 -1.84 -1.52 20.76
C PHE F 368 -1.31 -1.35 22.17
N PRO F 369 -0.24 -0.59 22.38
CA PRO F 369 0.32 -0.45 23.73
C PRO F 369 -0.63 0.21 24.72
N ALA F 370 -1.63 0.93 24.25
CA ALA F 370 -2.56 1.60 25.15
C ALA F 370 -3.65 0.69 25.67
N ASP F 371 -3.72 -0.55 25.18
CA ASP F 371 -4.75 -1.49 25.60
C ASP F 371 -4.30 -2.24 26.84
N VAL F 372 -5.11 -2.17 27.90
CA VAL F 372 -4.88 -2.98 29.08
C VAL F 372 -5.50 -4.35 28.85
N PHE F 373 -4.75 -5.41 29.10
CA PHE F 373 -5.17 -6.74 28.73
C PHE F 373 -5.31 -7.64 29.95
N MET F 374 -6.22 -8.60 29.84
CA MET F 374 -6.39 -9.63 30.84
C MET F 374 -5.37 -10.74 30.65
N ILE F 375 -4.86 -11.26 31.76
CA ILE F 375 -3.92 -12.37 31.71
C ILE F 375 -4.70 -13.66 31.53
N PRO F 376 -4.42 -14.44 30.48
CA PRO F 376 -5.19 -15.67 30.25
C PRO F 376 -4.93 -16.69 31.34
N GLN F 377 -5.98 -17.45 31.68
CA GLN F 377 -5.85 -18.50 32.68
C GLN F 377 -5.02 -19.65 32.11
N TYR F 378 -4.20 -20.26 32.96
CA TYR F 378 -3.37 -21.37 32.54
C TYR F 378 -4.04 -22.70 32.88
N GLY F 379 -4.15 -23.56 31.87
CA GLY F 379 -4.59 -24.92 32.06
C GLY F 379 -3.76 -25.83 31.18
N TYR F 380 -4.05 -27.12 31.25
CA TYR F 380 -3.35 -28.05 30.38
C TYR F 380 -4.20 -29.29 30.17
N LEU F 381 -3.88 -30.02 29.11
CA LEU F 381 -4.53 -31.27 28.76
C LEU F 381 -3.57 -32.43 28.98
N THR F 382 -4.15 -33.62 29.13
CA THR F 382 -3.36 -34.81 29.38
C THR F 382 -4.05 -35.95 28.65
N LEU F 383 -3.46 -37.14 28.72
CA LEU F 383 -4.05 -38.29 28.03
C LEU F 383 -5.43 -38.60 28.56
N ASN F 384 -6.32 -38.97 27.65
CA ASN F 384 -7.71 -39.25 28.00
C ASN F 384 -8.21 -40.43 27.21
N ASN F 385 -9.17 -41.15 27.80
CA ASN F 385 -9.93 -42.18 27.12
C ASN F 385 -11.39 -41.71 27.17
N GLY F 386 -11.77 -40.88 26.21
CA GLY F 386 -13.02 -40.17 26.33
C GLY F 386 -12.87 -39.08 27.37
N SER F 387 -13.85 -38.97 28.27
CA SER F 387 -13.77 -38.00 29.35
C SER F 387 -12.92 -38.47 30.51
N GLN F 388 -12.59 -39.76 30.58
CA GLN F 388 -11.85 -40.30 31.70
C GLN F 388 -10.35 -40.10 31.50
N ALA F 389 -9.60 -40.36 32.56
CA ALA F 389 -8.15 -40.29 32.54
C ALA F 389 -7.55 -41.68 32.48
N VAL F 390 -6.24 -41.73 32.23
CA VAL F 390 -5.52 -42.99 32.15
C VAL F 390 -4.46 -43.02 33.23
N GLY F 391 -3.74 -44.14 33.34
CA GLY F 391 -2.69 -44.23 34.33
C GLY F 391 -1.55 -43.27 34.09
N ARG F 392 -1.23 -43.01 32.83
CA ARG F 392 -0.15 -42.12 32.47
C ARG F 392 -0.53 -40.64 32.60
N SER F 393 -1.77 -40.34 32.95
CA SER F 393 -2.18 -38.95 33.11
C SER F 393 -1.38 -38.29 34.23
N SER F 394 -0.88 -37.08 33.96
CA SER F 394 -0.04 -36.36 34.88
C SER F 394 -0.78 -35.14 35.42
N PHE F 395 -0.76 -34.99 36.74
CA PHE F 395 -1.30 -33.81 37.40
C PHE F 395 -0.13 -32.94 37.83
N TYR F 396 -0.10 -31.70 37.33
CA TYR F 396 0.97 -30.76 37.63
C TYR F 396 0.42 -29.68 38.56
N CYS F 397 0.87 -29.70 39.80
CA CYS F 397 0.55 -28.65 40.77
C CYS F 397 1.60 -27.55 40.63
N LEU F 398 1.18 -26.38 40.15
CA LEU F 398 2.14 -25.31 39.88
C LEU F 398 2.72 -24.70 41.13
N GLU F 399 2.15 -24.98 42.30
CA GLU F 399 2.76 -24.53 43.55
C GLU F 399 4.02 -25.30 43.88
N TYR F 400 4.21 -26.48 43.29
CA TYR F 400 5.38 -27.30 43.57
C TYR F 400 6.66 -26.68 43.03
N PHE F 401 6.56 -25.68 42.17
CA PHE F 401 7.70 -24.97 41.62
C PHE F 401 8.08 -23.80 42.52
N PRO F 402 9.37 -23.50 42.64
CA PRO F 402 9.78 -22.31 43.41
C PRO F 402 9.40 -21.04 42.68
N SER F 403 8.44 -20.29 43.20
CA SER F 403 7.93 -19.09 42.57
C SER F 403 8.31 -17.86 43.38
N GLN F 404 8.80 -16.84 42.72
CA GLN F 404 9.15 -15.60 43.40
C GLN F 404 7.89 -14.85 43.81
N MET F 405 7.83 -14.44 45.07
CA MET F 405 6.68 -13.71 45.60
C MET F 405 7.00 -12.22 45.62
N LEU F 406 6.05 -11.42 45.14
CA LEU F 406 6.27 -10.00 44.94
C LEU F 406 5.21 -9.20 45.68
N ARG F 407 5.64 -8.20 46.43
CA ARG F 407 4.76 -7.21 47.03
C ARG F 407 4.56 -6.08 46.02
N THR F 408 4.01 -4.96 46.48
CA THR F 408 3.82 -3.82 45.59
C THR F 408 5.15 -3.29 45.07
N GLY F 409 6.16 -3.23 45.94
CA GLY F 409 7.43 -2.66 45.57
C GLY F 409 8.40 -3.58 44.87
N ASN F 410 8.06 -4.85 44.68
CA ASN F 410 8.97 -5.81 44.07
C ASN F 410 8.76 -5.86 42.56
N ASN F 411 9.81 -6.29 41.86
CA ASN F 411 9.77 -6.50 40.42
C ASN F 411 10.38 -7.85 40.09
N PHE F 412 9.88 -8.45 39.02
CA PHE F 412 10.37 -9.72 38.51
C PHE F 412 11.06 -9.46 37.18
N GLN F 413 12.12 -10.22 36.89
CA GLN F 413 12.78 -10.06 35.61
C GLN F 413 13.60 -11.29 35.31
N PHE F 414 13.72 -11.59 34.02
CA PHE F 414 14.63 -12.65 33.58
C PHE F 414 15.06 -12.39 32.15
N THR F 415 16.12 -13.07 31.73
CA THR F 415 16.64 -12.97 30.37
C THR F 415 16.73 -14.37 29.79
N TYR F 416 16.24 -14.51 28.56
CA TYR F 416 16.28 -15.77 27.85
C TYR F 416 17.03 -15.56 26.54
N THR F 417 17.84 -16.54 26.16
CA THR F 417 18.62 -16.48 24.92
C THR F 417 18.09 -17.53 23.96
N PHE F 418 17.68 -17.08 22.77
CA PHE F 418 17.14 -17.99 21.79
C PHE F 418 18.23 -18.91 21.25
N GLU F 419 17.88 -20.18 21.06
CA GLU F 419 18.81 -21.12 20.49
C GLU F 419 18.95 -20.85 18.98
N ASP F 420 19.97 -21.46 18.39
CA ASP F 420 20.24 -21.26 16.96
C ASP F 420 19.06 -21.74 16.13
N VAL F 421 18.38 -20.81 15.47
CA VAL F 421 17.22 -21.12 14.64
C VAL F 421 17.45 -20.48 13.28
N PRO F 422 17.12 -21.16 12.18
CA PRO F 422 17.35 -20.57 10.87
C PRO F 422 16.51 -19.33 10.64
N PHE F 423 17.05 -18.41 9.84
CA PHE F 423 16.33 -17.18 9.51
C PHE F 423 15.00 -17.51 8.83
N HIS F 424 13.96 -16.79 9.22
CA HIS F 424 12.69 -16.92 8.52
C HIS F 424 12.81 -16.28 7.14
N SER F 425 12.23 -16.93 6.13
CA SER F 425 12.32 -16.47 4.76
C SER F 425 11.35 -15.30 4.56
N SER F 426 11.86 -14.08 4.69
CA SER F 426 11.06 -12.90 4.39
C SER F 426 11.22 -12.48 2.94
N TYR F 427 11.03 -13.44 2.04
CA TYR F 427 11.21 -13.19 0.61
C TYR F 427 10.37 -14.19 -0.17
N ALA F 428 10.02 -13.79 -1.38
CA ALA F 428 9.31 -14.66 -2.32
C ALA F 428 10.21 -14.86 -3.53
N HIS F 429 10.33 -16.12 -3.96
CA HIS F 429 11.31 -16.46 -4.99
C HIS F 429 10.97 -15.81 -6.31
N SER F 430 11.99 -15.31 -6.99
CA SER F 430 11.84 -14.74 -8.33
C SER F 430 11.79 -15.80 -9.41
N GLN F 431 12.06 -17.06 -9.08
CA GLN F 431 12.12 -18.13 -10.05
C GLN F 431 11.31 -19.32 -9.56
N SER F 432 10.48 -19.86 -10.43
CA SER F 432 9.80 -21.10 -10.10
C SER F 432 10.77 -22.27 -10.19
N LEU F 433 10.44 -23.36 -9.49
CA LEU F 433 11.34 -24.50 -9.44
C LEU F 433 11.53 -25.15 -10.80
N ASP F 434 10.52 -25.12 -11.65
CA ASP F 434 10.60 -25.71 -12.97
C ASP F 434 11.11 -24.74 -14.02
N ARG F 435 11.51 -23.54 -13.63
CA ARG F 435 12.01 -22.53 -14.56
C ARG F 435 13.39 -22.05 -14.11
N LEU F 436 14.27 -22.99 -13.78
CA LEU F 436 15.64 -22.68 -13.40
C LEU F 436 16.61 -22.90 -14.54
N MET F 437 16.12 -23.17 -15.74
CA MET F 437 16.96 -23.51 -16.88
C MET F 437 17.23 -22.29 -17.74
N ASN F 438 18.27 -22.40 -18.55
CA ASN F 438 18.57 -21.38 -19.55
C ASN F 438 17.57 -21.52 -20.69
N PRO F 439 16.77 -20.49 -20.99
CA PRO F 439 15.76 -20.60 -22.05
C PRO F 439 16.30 -20.48 -23.46
N LEU F 440 17.61 -20.58 -23.66
CA LEU F 440 18.21 -20.45 -24.97
C LEU F 440 19.04 -21.65 -25.40
N ILE F 441 19.48 -22.49 -24.46
CA ILE F 441 20.37 -23.60 -24.74
C ILE F 441 19.60 -24.90 -24.54
N ASP F 442 19.60 -25.74 -25.58
CA ASP F 442 18.97 -27.04 -25.46
C ASP F 442 19.73 -27.91 -24.46
N GLN F 443 19.01 -28.76 -23.75
CA GLN F 443 19.66 -29.71 -22.86
C GLN F 443 20.40 -30.76 -23.67
N TYR F 444 21.53 -31.21 -23.15
CA TYR F 444 22.26 -32.30 -23.80
C TYR F 444 21.71 -33.67 -23.46
N LEU F 445 20.72 -33.74 -22.57
CA LEU F 445 20.08 -34.99 -22.22
C LEU F 445 18.78 -35.14 -23.01
N TYR F 446 18.40 -36.39 -23.25
CA TYR F 446 17.21 -36.69 -24.02
C TYR F 446 16.09 -37.21 -23.13
N TYR F 447 14.87 -37.04 -23.60
CA TYR F 447 13.69 -37.60 -22.95
C TYR F 447 12.86 -38.32 -24.00
N LEU F 448 12.13 -39.35 -23.55
CA LEU F 448 11.31 -40.14 -24.44
C LEU F 448 10.12 -39.29 -24.88
N SER F 449 10.21 -38.72 -26.08
CA SER F 449 9.16 -37.86 -26.60
C SER F 449 8.09 -38.65 -27.32
N PHE F 465 12.93 -39.65 -29.54
CA PHE F 465 13.64 -38.96 -28.48
C PHE F 465 13.96 -37.53 -28.87
N SER F 466 13.92 -36.63 -27.89
CA SER F 466 14.16 -35.22 -28.14
C SER F 466 14.96 -34.63 -26.98
N GLN F 467 15.68 -33.55 -27.27
CA GLN F 467 16.41 -32.81 -26.25
C GLN F 467 15.52 -31.72 -25.67
N GLY F 468 15.46 -31.64 -24.35
CA GLY F 468 14.72 -30.59 -23.69
C GLY F 468 15.22 -29.22 -24.08
N GLY F 469 14.32 -28.34 -24.52
CA GLY F 469 14.71 -27.04 -24.98
C GLY F 469 13.78 -25.95 -24.50
N PRO F 470 13.86 -24.77 -25.12
CA PRO F 470 12.97 -23.68 -24.70
C PRO F 470 11.50 -23.97 -24.97
N ASN F 471 11.17 -24.46 -26.16
CA ASN F 471 9.77 -24.73 -26.49
C ASN F 471 9.23 -25.90 -25.67
N THR F 472 10.00 -26.98 -25.57
CA THR F 472 9.60 -28.14 -24.78
C THR F 472 10.19 -28.06 -23.37
N MET F 473 9.87 -26.96 -22.70
CA MET F 473 10.47 -26.65 -21.40
C MET F 473 9.95 -27.53 -20.28
N ALA F 474 8.74 -28.07 -20.39
CA ALA F 474 8.20 -28.92 -19.34
C ALA F 474 8.81 -30.30 -19.31
N ASN F 475 9.45 -30.73 -20.41
CA ASN F 475 10.04 -32.06 -20.50
C ASN F 475 11.52 -32.07 -20.13
N GLN F 476 12.10 -30.91 -19.83
CA GLN F 476 13.52 -30.85 -19.52
C GLN F 476 13.83 -31.61 -18.24
N ALA F 477 14.98 -32.27 -18.22
CA ALA F 477 15.46 -32.90 -16.99
C ALA F 477 15.74 -31.84 -15.95
N LYS F 478 15.28 -32.07 -14.72
CA LYS F 478 15.39 -31.09 -13.65
C LYS F 478 16.00 -31.75 -12.42
N ASN F 479 16.62 -30.91 -11.59
CA ASN F 479 17.37 -31.39 -10.44
C ASN F 479 16.53 -31.55 -9.18
N TRP F 480 15.41 -30.84 -9.06
CA TRP F 480 14.67 -30.80 -7.82
C TRP F 480 13.18 -30.97 -8.09
N LEU F 481 12.47 -31.42 -7.06
CA LEU F 481 11.03 -31.63 -7.03
C LEU F 481 10.37 -30.64 -6.08
N PRO F 482 9.09 -30.33 -6.29
CA PRO F 482 8.41 -29.39 -5.37
C PRO F 482 8.29 -29.99 -3.98
N GLY F 483 7.87 -29.15 -3.05
CA GLY F 483 7.74 -29.56 -1.67
C GLY F 483 6.68 -30.61 -1.48
N PRO F 484 6.65 -31.21 -0.29
CA PRO F 484 5.66 -32.25 -0.01
C PRO F 484 4.25 -31.69 -0.03
N CYS F 485 3.30 -32.54 -0.38
CA CYS F 485 1.91 -32.14 -0.56
C CYS F 485 1.00 -32.94 0.35
N TYR F 486 -0.10 -32.30 0.76
CA TYR F 486 -1.17 -32.94 1.53
C TYR F 486 -2.46 -32.25 1.10
N ARG F 487 -3.13 -32.85 0.12
CA ARG F 487 -4.16 -32.13 -0.63
C ARG F 487 -5.27 -31.63 0.28
N GLN F 488 -5.71 -30.40 0.03
CA GLN F 488 -6.77 -29.75 0.78
C GLN F 488 -7.96 -29.50 -0.12
N GLN F 489 -9.15 -29.47 0.47
CA GLN F 489 -10.36 -29.18 -0.28
C GLN F 489 -10.39 -27.70 -0.65
N ARG F 490 -10.75 -27.41 -1.89
CA ARG F 490 -10.76 -26.04 -2.39
C ARG F 490 -12.09 -25.37 -2.09
N VAL F 491 -12.04 -24.17 -1.52
CA VAL F 491 -13.23 -23.39 -1.23
C VAL F 491 -13.06 -22.02 -1.88
N SER F 492 -14.14 -21.52 -2.48
CA SER F 492 -14.12 -20.23 -3.17
C SER F 492 -14.66 -19.14 -2.25
N THR F 493 -13.95 -18.02 -2.19
CA THR F 493 -14.47 -16.87 -1.44
C THR F 493 -15.75 -16.35 -2.09
N THR F 494 -15.85 -16.46 -3.41
CA THR F 494 -17.10 -16.21 -4.09
C THR F 494 -18.04 -17.38 -3.81
N THR F 495 -18.90 -17.23 -2.80
CA THR F 495 -19.66 -18.35 -2.26
C THR F 495 -20.54 -19.02 -3.30
N GLY F 496 -20.91 -18.31 -4.37
CA GLY F 496 -21.75 -18.91 -5.39
C GLY F 496 -21.12 -20.08 -6.11
N GLN F 497 -19.79 -20.16 -6.16
CA GLN F 497 -19.11 -21.23 -6.88
C GLN F 497 -18.91 -22.49 -6.05
N ASN F 498 -19.12 -22.42 -4.74
CA ASN F 498 -18.91 -23.57 -3.88
C ASN F 498 -20.08 -24.56 -4.00
N ASN F 499 -19.83 -25.79 -3.60
CA ASN F 499 -20.88 -26.80 -3.55
C ASN F 499 -21.91 -26.43 -2.50
N ASN F 500 -23.17 -26.76 -2.79
CA ASN F 500 -24.28 -26.48 -1.87
C ASN F 500 -24.39 -27.60 -0.83
N SER F 501 -23.37 -27.72 0.01
CA SER F 501 -23.35 -28.70 1.08
C SER F 501 -22.48 -28.18 2.21
N ASN F 502 -22.72 -28.71 3.40
CA ASN F 502 -21.93 -28.35 4.58
C ASN F 502 -20.74 -29.29 4.69
N PHE F 503 -19.76 -29.05 3.82
CA PHE F 503 -18.58 -29.88 3.69
C PHE F 503 -17.39 -29.33 4.46
N ALA F 504 -17.60 -28.34 5.32
CA ALA F 504 -16.49 -27.71 6.02
C ALA F 504 -15.73 -28.69 6.89
N TRP F 505 -16.41 -29.73 7.38
CA TRP F 505 -15.78 -30.73 8.24
C TRP F 505 -15.57 -32.06 7.55
N THR F 506 -16.62 -32.62 6.93
CA THR F 506 -16.52 -33.94 6.33
C THR F 506 -15.50 -33.96 5.20
N ALA F 507 -15.51 -32.94 4.35
CA ALA F 507 -14.59 -32.87 3.22
C ALA F 507 -13.26 -32.22 3.59
N GLY F 508 -13.12 -31.70 4.80
CA GLY F 508 -11.88 -31.06 5.18
C GLY F 508 -10.75 -32.06 5.33
N THR F 509 -9.53 -31.57 5.11
CA THR F 509 -8.35 -32.41 5.28
C THR F 509 -8.08 -32.65 6.75
N LYS F 510 -7.94 -33.92 7.12
CA LYS F 510 -7.80 -34.31 8.52
C LYS F 510 -6.65 -35.29 8.67
N TYR F 511 -6.22 -35.48 9.91
CA TYR F 511 -5.28 -36.52 10.28
C TYR F 511 -5.87 -37.37 11.39
N HIS F 512 -5.50 -38.64 11.39
CA HIS F 512 -6.01 -39.61 12.35
C HIS F 512 -4.96 -39.85 13.42
N LEU F 513 -5.37 -39.74 14.68
CA LEU F 513 -4.47 -39.93 15.81
C LEU F 513 -5.24 -40.58 16.95
N ASN F 514 -4.88 -41.81 17.29
CA ASN F 514 -5.52 -42.56 18.38
C ASN F 514 -7.03 -42.64 18.18
N GLY F 515 -7.44 -42.86 16.93
CA GLY F 515 -8.86 -42.95 16.64
C GLY F 515 -9.62 -41.66 16.82
N ARG F 516 -8.91 -40.54 16.87
CA ARG F 516 -9.49 -39.23 17.13
C ARG F 516 -9.13 -38.33 15.95
N ASN F 517 -10.02 -38.25 14.98
CA ASN F 517 -9.77 -37.44 13.79
C ASN F 517 -9.65 -35.97 14.18
N SER F 518 -8.62 -35.32 13.67
CA SER F 518 -8.35 -33.92 13.97
C SER F 518 -8.11 -33.18 12.67
N LEU F 519 -8.34 -31.88 12.70
CA LEU F 519 -8.26 -31.07 11.49
C LEU F 519 -6.81 -30.66 11.26
N ALA F 520 -6.32 -30.89 10.04
CA ALA F 520 -4.94 -30.53 9.68
C ALA F 520 -4.86 -29.02 9.42
N ASN F 521 -5.06 -28.26 10.49
CA ASN F 521 -5.15 -26.82 10.42
C ASN F 521 -3.88 -26.21 10.98
N PRO F 522 -3.12 -25.44 10.19
CA PRO F 522 -3.30 -25.15 8.76
C PRO F 522 -2.56 -26.13 7.86
N GLY F 523 -2.07 -27.24 8.40
CA GLY F 523 -1.41 -28.22 7.59
C GLY F 523 -0.02 -27.79 7.16
N ILE F 524 0.58 -28.61 6.29
CA ILE F 524 1.91 -28.31 5.81
C ILE F 524 1.88 -27.07 4.91
N ALA F 525 3.03 -26.41 4.82
CA ALA F 525 3.15 -25.18 4.07
C ALA F 525 3.03 -25.47 2.58
N MET F 526 1.92 -25.05 1.98
CA MET F 526 1.69 -25.19 0.56
C MET F 526 1.10 -23.90 0.02
N ALA F 527 1.26 -23.70 -1.28
CA ALA F 527 0.70 -22.51 -1.92
C ALA F 527 -0.82 -22.50 -1.77
N THR F 528 -1.35 -21.35 -1.36
CA THR F 528 -2.80 -21.24 -1.16
C THR F 528 -3.55 -21.47 -2.46
N HIS F 529 -3.07 -20.90 -3.56
CA HIS F 529 -3.74 -21.01 -4.85
C HIS F 529 -2.71 -20.82 -5.94
N LYS F 530 -3.04 -21.29 -7.14
CA LYS F 530 -2.16 -21.11 -8.28
C LYS F 530 -2.43 -19.74 -8.91
N ASP F 531 -1.88 -19.51 -10.09
CA ASP F 531 -1.98 -18.21 -10.73
C ASP F 531 -3.42 -17.88 -11.10
N ASP F 532 -3.82 -16.64 -10.83
CA ASP F 532 -5.15 -16.13 -11.18
C ASP F 532 -6.26 -16.96 -10.53
N GLU F 533 -6.04 -17.38 -9.29
CA GLU F 533 -7.02 -18.14 -8.52
C GLU F 533 -7.13 -17.58 -7.11
N GLU F 534 -6.98 -16.26 -6.96
CA GLU F 534 -6.96 -15.67 -5.63
C GLU F 534 -8.26 -15.87 -4.87
N ARG F 535 -9.36 -16.16 -5.57
CA ARG F 535 -10.62 -16.37 -4.88
C ARG F 535 -10.61 -17.69 -4.11
N PHE F 536 -9.87 -18.69 -4.59
CA PHE F 536 -9.87 -19.99 -3.95
C PHE F 536 -8.88 -20.04 -2.80
N PHE F 537 -9.13 -20.95 -1.87
CA PHE F 537 -8.24 -21.18 -0.74
C PHE F 537 -8.45 -22.60 -0.25
N PRO F 538 -7.44 -23.21 0.35
CA PRO F 538 -7.64 -24.54 0.95
C PRO F 538 -8.65 -24.45 2.09
N SER F 539 -9.42 -25.53 2.26
CA SER F 539 -10.50 -25.51 3.23
C SER F 539 -10.00 -25.23 4.63
N ASN F 540 -8.88 -25.84 5.02
CA ASN F 540 -8.31 -25.61 6.34
C ASN F 540 -6.79 -25.50 6.27
N GLY F 541 -6.27 -25.06 5.13
CA GLY F 541 -4.83 -24.98 4.91
C GLY F 541 -4.23 -23.60 5.02
N ILE F 542 -4.95 -22.63 5.58
CA ILE F 542 -4.45 -21.27 5.71
C ILE F 542 -4.75 -20.76 7.11
N LEU F 543 -4.06 -19.67 7.47
CA LEU F 543 -4.36 -18.94 8.69
C LEU F 543 -5.44 -17.92 8.41
N ILE F 544 -6.53 -17.98 9.16
CA ILE F 544 -7.67 -17.10 8.98
C ILE F 544 -7.75 -16.22 10.23
N PHE F 545 -7.23 -14.99 10.13
CA PHE F 545 -7.29 -14.10 11.27
C PHE F 545 -8.64 -13.43 11.37
N GLY F 546 -8.93 -12.86 12.54
CA GLY F 546 -10.20 -12.21 12.78
C GLY F 546 -10.04 -10.70 12.78
N LYS F 547 -10.97 -10.03 12.12
CA LYS F 547 -11.00 -8.58 12.15
C LYS F 547 -11.44 -8.11 13.54
N GLN F 548 -11.21 -6.82 13.79
CA GLN F 548 -11.62 -6.25 15.07
C GLN F 548 -13.13 -6.32 15.21
N ASN F 549 -13.59 -6.75 16.39
CA ASN F 549 -15.01 -6.94 16.68
C ASN F 549 -15.62 -7.94 15.68
N ALA F 550 -15.09 -9.15 15.71
CA ALA F 550 -15.59 -10.25 14.89
C ALA F 550 -16.14 -11.33 15.80
N ALA F 551 -17.23 -11.96 15.37
CA ALA F 551 -17.89 -12.96 16.19
C ALA F 551 -16.98 -14.15 16.42
N ARG F 552 -17.09 -14.74 17.61
CA ARG F 552 -16.30 -15.93 17.93
C ARG F 552 -16.66 -17.09 17.02
N ASP F 553 -17.94 -17.27 16.74
CA ASP F 553 -18.42 -18.39 15.95
C ASP F 553 -19.32 -17.89 14.82
N ASN F 554 -19.31 -18.62 13.71
CA ASN F 554 -20.13 -18.32 12.55
C ASN F 554 -19.90 -16.90 12.04
N ALA F 555 -18.65 -16.47 12.07
CA ALA F 555 -18.30 -15.15 11.55
C ALA F 555 -18.35 -15.16 10.03
N ASP F 556 -18.92 -14.10 9.46
CA ASP F 556 -19.02 -14.01 8.01
C ASP F 556 -17.65 -13.78 7.40
N TYR F 557 -17.56 -14.03 6.09
CA TYR F 557 -16.30 -13.85 5.38
C TYR F 557 -15.80 -12.41 5.47
N SER F 558 -16.71 -11.44 5.60
CA SER F 558 -16.31 -10.05 5.73
C SER F 558 -15.61 -9.76 7.05
N ASP F 559 -15.82 -10.60 8.07
CA ASP F 559 -15.25 -10.38 9.39
C ASP F 559 -13.94 -11.11 9.60
N VAL F 560 -13.42 -11.79 8.58
CA VAL F 560 -12.16 -12.52 8.70
C VAL F 560 -11.22 -12.08 7.59
N MET F 561 -9.93 -12.18 7.87
CA MET F 561 -8.88 -11.87 6.91
C MET F 561 -8.16 -13.17 6.58
N LEU F 562 -8.22 -13.57 5.31
CA LEU F 562 -7.59 -14.80 4.86
C LEU F 562 -6.15 -14.51 4.46
N THR F 563 -5.22 -15.26 5.04
CA THR F 563 -3.84 -15.19 4.59
C THR F 563 -3.65 -16.01 3.33
N SER F 564 -2.81 -15.52 2.43
CA SER F 564 -2.50 -16.18 1.18
C SER F 564 -1.03 -16.55 1.18
N GLU F 565 -0.74 -17.83 0.92
CA GLU F 565 0.62 -18.31 0.75
C GLU F 565 1.01 -18.42 -0.72
N GLU F 566 0.44 -17.56 -1.56
CA GLU F 566 0.76 -17.54 -2.98
C GLU F 566 2.22 -17.19 -3.26
N GLU F 567 2.93 -16.62 -2.29
CA GLU F 567 4.33 -16.27 -2.50
C GLU F 567 5.22 -17.49 -2.64
N ILE F 568 4.73 -18.67 -2.26
CA ILE F 568 5.53 -19.90 -2.31
C ILE F 568 5.07 -20.81 -3.44
N LYS F 569 4.38 -20.26 -4.45
CA LYS F 569 4.04 -21.02 -5.64
C LYS F 569 5.27 -21.53 -6.36
N THR F 570 6.42 -20.87 -6.15
CA THR F 570 7.63 -21.23 -6.89
C THR F 570 8.11 -22.62 -6.53
N THR F 571 8.10 -22.98 -5.25
CA THR F 571 8.62 -24.26 -4.79
C THR F 571 7.55 -25.16 -4.20
N ASN F 572 6.73 -24.64 -3.31
CA ASN F 572 5.69 -25.47 -2.70
C ASN F 572 4.59 -25.78 -3.70
N PRO F 573 4.04 -26.99 -3.68
CA PRO F 573 2.88 -27.27 -4.53
C PRO F 573 1.65 -26.54 -4.03
N VAL F 574 0.70 -26.35 -4.94
CA VAL F 574 -0.54 -25.67 -4.58
C VAL F 574 -1.35 -26.57 -3.67
N ALA F 575 -1.87 -26.00 -2.58
CA ALA F 575 -2.56 -26.78 -1.56
C ALA F 575 -3.86 -27.37 -2.05
N THR F 576 -4.37 -26.93 -3.20
CA THR F 576 -5.69 -27.36 -3.64
C THR F 576 -5.63 -28.60 -4.52
N GLU F 577 -4.77 -28.61 -5.53
CA GLU F 577 -4.72 -29.74 -6.47
C GLU F 577 -3.55 -30.65 -6.16
N GLU F 578 -3.44 -31.71 -6.94
CA GLU F 578 -2.57 -32.85 -6.64
C GLU F 578 -1.10 -32.48 -6.77
N TYR F 579 -0.26 -33.32 -6.18
CA TYR F 579 1.18 -33.11 -6.25
C TYR F 579 1.72 -33.45 -7.63
N GLY F 580 1.23 -34.54 -8.22
CA GLY F 580 1.73 -34.97 -9.52
C GLY F 580 1.02 -36.22 -9.96
N ILE F 581 1.54 -36.81 -11.03
CA ILE F 581 0.97 -38.02 -11.62
C ILE F 581 2.03 -39.11 -11.62
N VAL F 582 1.66 -40.28 -11.12
CA VAL F 582 2.52 -41.46 -11.20
C VAL F 582 1.84 -42.46 -12.12
N ALA F 583 2.47 -43.60 -12.35
CA ALA F 583 1.95 -44.61 -13.27
C ALA F 583 1.48 -45.83 -12.48
N ASP F 584 0.49 -46.53 -13.02
CA ASP F 584 0.02 -47.76 -12.41
C ASP F 584 0.07 -48.91 -13.41
N ILE F 595 -2.23 -44.48 -15.06
CA ILE F 595 -1.68 -43.40 -14.24
C ILE F 595 -2.60 -43.10 -13.06
N GLY F 596 -2.05 -42.42 -12.06
CA GLY F 596 -2.80 -42.02 -10.89
C GLY F 596 -2.29 -40.73 -10.30
N THR F 597 -3.20 -39.84 -9.91
CA THR F 597 -2.79 -38.57 -9.33
C THR F 597 -2.51 -38.76 -7.85
N VAL F 598 -1.33 -38.33 -7.41
CA VAL F 598 -0.96 -38.39 -6.00
C VAL F 598 -1.42 -37.10 -5.33
N ASN F 599 -2.28 -37.24 -4.32
CA ASN F 599 -2.80 -36.09 -3.60
C ASN F 599 -1.94 -35.76 -2.39
N SER F 600 -1.45 -36.77 -1.69
CA SER F 600 -0.55 -36.60 -0.55
C SER F 600 0.80 -37.19 -0.91
N GLN F 601 1.84 -36.36 -0.84
CA GLN F 601 3.20 -36.80 -1.17
C GLN F 601 4.11 -36.49 0.00
N GLY F 602 4.80 -37.52 0.48
CA GLY F 602 5.75 -37.35 1.56
C GLY F 602 7.07 -36.81 1.06
N ALA F 603 8.05 -36.82 1.95
CA ALA F 603 9.37 -36.31 1.61
C ALA F 603 10.05 -37.22 0.59
N LEU F 604 10.64 -36.60 -0.42
CA LEU F 604 11.43 -37.29 -1.43
C LEU F 604 12.77 -36.59 -1.58
N PRO F 605 13.83 -37.32 -1.91
CA PRO F 605 15.12 -36.68 -2.12
C PRO F 605 15.05 -35.65 -3.24
N GLY F 606 15.73 -34.53 -3.03
CA GLY F 606 15.71 -33.46 -3.99
C GLY F 606 14.53 -32.52 -3.89
N MET F 607 13.62 -32.73 -2.94
CA MET F 607 12.48 -31.85 -2.78
C MET F 607 12.87 -30.63 -1.97
N VAL F 608 12.45 -29.45 -2.43
CA VAL F 608 12.70 -28.19 -1.75
C VAL F 608 11.37 -27.49 -1.53
N TRP F 609 11.23 -26.83 -0.39
CA TRP F 609 9.98 -26.18 -0.04
C TRP F 609 10.24 -24.98 0.84
N GLN F 610 9.26 -24.09 0.90
CA GLN F 610 9.29 -22.93 1.78
C GLN F 610 8.37 -23.17 2.97
N ASN F 611 8.76 -22.66 4.12
CA ASN F 611 7.91 -22.73 5.30
C ASN F 611 6.76 -21.75 5.17
N ARG F 612 5.74 -21.94 6.01
CA ARG F 612 4.60 -21.03 6.01
C ARG F 612 5.04 -19.64 6.44
N ASP F 613 4.47 -18.63 5.80
CA ASP F 613 4.82 -17.25 6.09
C ASP F 613 4.37 -16.86 7.50
N VAL F 614 5.14 -15.98 8.13
CA VAL F 614 4.74 -15.40 9.41
C VAL F 614 4.02 -14.09 9.12
N TYR F 615 3.14 -13.70 10.03
CA TYR F 615 2.31 -12.51 9.87
C TYR F 615 2.38 -11.67 11.12
N LEU F 616 2.07 -10.39 10.97
CA LEU F 616 2.13 -9.46 12.09
C LEU F 616 1.23 -9.91 13.24
N GLN F 617 0.11 -10.56 12.91
CA GLN F 617 -0.81 -11.09 13.91
C GLN F 617 -0.55 -12.55 14.22
N GLY F 618 0.42 -13.17 13.57
CA GLY F 618 0.64 -14.59 13.69
C GLY F 618 1.61 -14.96 14.79
N PRO F 619 1.69 -16.25 15.11
CA PRO F 619 2.60 -16.70 16.17
C PRO F 619 4.05 -16.52 15.78
N ILE F 620 4.89 -16.31 16.79
CA ILE F 620 6.32 -16.13 16.57
C ILE F 620 7.06 -17.45 16.66
N TRP F 621 6.79 -18.24 17.69
CA TRP F 621 7.53 -19.47 17.92
C TRP F 621 6.58 -20.55 18.41
N ALA F 622 7.01 -21.80 18.24
CA ALA F 622 6.33 -22.95 18.83
C ALA F 622 7.40 -23.89 19.37
N LYS F 623 7.02 -24.66 20.39
CA LYS F 623 7.94 -25.60 20.99
C LYS F 623 7.94 -26.90 20.21
N ILE F 624 9.12 -27.33 19.77
CA ILE F 624 9.21 -28.64 19.13
C ILE F 624 8.95 -29.72 20.17
N PRO F 625 8.02 -30.63 19.94
CA PRO F 625 7.77 -31.70 20.92
C PRO F 625 9.02 -32.53 21.14
N HIS F 626 9.24 -32.91 22.39
CA HIS F 626 10.42 -33.68 22.76
C HIS F 626 10.21 -35.12 22.32
N THR F 627 10.47 -35.37 21.04
CA THR F 627 10.28 -36.67 20.43
C THR F 627 11.59 -37.18 19.85
N ASP F 628 11.65 -38.49 19.64
CA ASP F 628 12.83 -39.11 19.06
C ASP F 628 13.05 -38.64 17.63
N GLY F 629 12.00 -38.66 16.83
CA GLY F 629 12.09 -38.30 15.43
C GLY F 629 11.24 -37.08 15.11
N ASN F 630 11.71 -36.28 14.18
CA ASN F 630 10.96 -35.15 13.64
C ASN F 630 11.53 -34.77 12.29
N PHE F 631 10.68 -34.25 11.42
CA PHE F 631 11.08 -33.86 10.08
C PHE F 631 10.82 -32.38 9.89
N HIS F 632 11.89 -31.62 9.63
CA HIS F 632 11.82 -30.18 9.41
C HIS F 632 10.99 -29.53 10.51
N PRO F 633 11.49 -29.47 11.74
CA PRO F 633 10.67 -29.01 12.85
C PRO F 633 10.35 -27.52 12.79
N SER F 634 9.59 -27.11 11.79
CA SER F 634 9.08 -25.76 11.73
C SER F 634 7.58 -25.75 12.00
N PRO F 635 7.09 -24.83 12.82
CA PRO F 635 5.67 -24.82 13.17
C PRO F 635 4.80 -24.67 11.94
N LEU F 636 3.70 -25.41 11.92
CA LEU F 636 2.84 -25.41 10.73
C LEU F 636 2.03 -24.12 10.61
N MET F 637 1.84 -23.39 11.70
CA MET F 637 1.24 -22.06 11.60
C MET F 637 2.27 -20.99 11.24
N GLY F 638 3.52 -21.37 11.06
CA GLY F 638 4.58 -20.42 10.80
C GLY F 638 5.32 -20.05 12.07
N GLY F 639 6.48 -19.44 11.88
CA GLY F 639 7.29 -19.04 13.01
C GLY F 639 8.55 -19.84 13.13
N PHE F 640 9.06 -19.98 14.35
CA PHE F 640 10.33 -20.64 14.61
C PHE F 640 10.09 -21.85 15.50
N GLY F 641 10.57 -23.01 15.08
CA GLY F 641 10.50 -24.20 15.89
C GLY F 641 11.68 -24.27 16.85
N LEU F 642 11.39 -24.14 18.14
CA LEU F 642 12.43 -24.09 19.16
C LEU F 642 12.30 -25.28 20.09
N LYS F 643 13.40 -26.01 20.28
CA LYS F 643 13.41 -27.08 21.27
C LYS F 643 13.30 -26.51 22.68
N HIS F 644 13.89 -25.33 22.91
CA HIS F 644 13.83 -24.65 24.19
C HIS F 644 13.29 -23.26 23.94
N PRO F 645 11.99 -23.12 23.77
CA PRO F 645 11.40 -21.81 23.49
C PRO F 645 11.48 -20.91 24.71
N PRO F 646 11.08 -19.65 24.60
CA PRO F 646 10.99 -18.80 25.77
C PRO F 646 10.13 -19.44 26.84
N PRO F 647 10.64 -19.58 28.06
CA PRO F 647 9.86 -20.24 29.11
C PRO F 647 8.58 -19.47 29.40
N GLN F 648 7.50 -20.21 29.61
CA GLN F 648 6.22 -19.57 29.89
C GLN F 648 6.20 -19.04 31.31
N ILE F 649 5.79 -17.79 31.46
CA ILE F 649 5.80 -17.11 32.75
C ILE F 649 4.43 -17.28 33.39
N LEU F 650 4.40 -17.83 34.60
CA LEU F 650 3.17 -18.10 35.31
C LEU F 650 3.06 -17.14 36.49
N ILE F 651 1.91 -16.48 36.60
CA ILE F 651 1.67 -15.45 37.59
C ILE F 651 0.31 -15.70 38.23
N LYS F 652 0.25 -15.59 39.56
CA LYS F 652 -0.97 -15.92 40.29
C LYS F 652 -1.06 -15.06 41.54
N ASN F 653 -2.26 -14.56 41.82
CA ASN F 653 -2.47 -13.84 43.07
C ASN F 653 -2.38 -14.79 44.24
N THR F 654 -1.60 -14.42 45.25
CA THR F 654 -1.49 -15.24 46.44
C THR F 654 -2.81 -15.19 47.21
N PRO F 655 -3.39 -16.34 47.56
CA PRO F 655 -4.67 -16.31 48.29
C PRO F 655 -4.52 -15.69 49.67
N VAL F 656 -5.53 -14.91 50.06
CA VAL F 656 -5.57 -14.29 51.38
C VAL F 656 -6.85 -14.74 52.07
N PRO F 657 -6.79 -15.60 53.08
CA PRO F 657 -8.00 -16.12 53.70
C PRO F 657 -8.81 -15.02 54.37
N ALA F 658 -10.13 -15.21 54.36
CA ALA F 658 -11.03 -14.23 54.96
C ALA F 658 -11.67 -14.80 56.23
N SER F 667 -9.76 -28.75 58.02
CA SER F 667 -10.12 -28.68 56.60
C SER F 667 -9.52 -27.45 55.95
N LYS F 668 -9.47 -27.46 54.61
CA LYS F 668 -8.90 -26.35 53.87
C LYS F 668 -9.77 -25.12 53.98
N LEU F 669 -9.15 -23.95 53.85
CA LEU F 669 -9.87 -22.69 53.83
C LEU F 669 -10.32 -22.38 52.42
N ASN F 670 -11.59 -22.02 52.28
CA ASN F 670 -12.15 -21.68 50.98
C ASN F 670 -12.76 -20.29 50.92
N SER F 671 -12.68 -19.53 52.01
CA SER F 671 -13.20 -18.15 52.05
C SER F 671 -12.00 -17.21 51.93
N PHE F 672 -11.84 -16.62 50.75
CA PHE F 672 -10.76 -15.68 50.50
C PHE F 672 -11.33 -14.31 50.17
N ILE F 673 -10.58 -13.27 50.52
CA ILE F 673 -10.96 -11.92 50.11
C ILE F 673 -10.72 -11.78 48.61
N THR F 674 -11.71 -11.23 47.92
CA THR F 674 -11.62 -11.13 46.47
C THR F 674 -10.54 -10.12 46.09
N GLN F 675 -9.49 -10.61 45.45
CA GLN F 675 -8.34 -9.79 45.09
C GLN F 675 -8.05 -9.93 43.62
N TYR F 676 -7.38 -8.92 43.07
CA TYR F 676 -6.85 -8.99 41.72
C TYR F 676 -5.64 -8.08 41.66
N SER F 677 -4.62 -8.52 40.92
CA SER F 677 -3.43 -7.71 40.77
C SER F 677 -3.43 -7.00 39.43
N THR F 678 -2.63 -5.95 39.33
CA THR F 678 -2.41 -5.29 38.05
C THR F 678 -1.04 -4.65 38.08
N GLY F 679 -0.46 -4.49 36.91
CA GLY F 679 0.88 -3.96 36.83
C GLY F 679 1.31 -3.80 35.39
N GLN F 680 2.61 -3.70 35.17
CA GLN F 680 3.15 -3.53 33.83
C GLN F 680 4.09 -4.68 33.49
N VAL F 681 3.97 -5.16 32.26
CA VAL F 681 4.83 -6.21 31.72
C VAL F 681 5.58 -5.62 30.54
N SER F 682 6.90 -5.76 30.57
CA SER F 682 7.76 -5.22 29.53
C SER F 682 8.59 -6.35 28.95
N VAL F 683 8.40 -6.63 27.66
CA VAL F 683 9.15 -7.68 26.98
C VAL F 683 9.96 -7.05 25.86
N GLU F 684 11.24 -7.39 25.79
CA GLU F 684 12.16 -6.79 24.83
C GLU F 684 12.88 -7.91 24.09
N ILE F 685 12.63 -8.03 22.79
CA ILE F 685 13.23 -9.08 21.98
C ILE F 685 14.19 -8.45 20.99
N GLU F 686 15.38 -9.03 20.84
CA GLU F 686 16.36 -8.60 19.87
C GLU F 686 16.38 -9.59 18.71
N TRP F 687 16.23 -9.07 17.49
CA TRP F 687 16.16 -9.88 16.29
C TRP F 687 17.36 -9.60 15.40
N GLU F 688 17.97 -10.66 14.89
CA GLU F 688 19.07 -10.53 13.95
C GLU F 688 18.52 -10.50 12.53
N LEU F 689 18.89 -9.47 11.78
CA LEU F 689 18.38 -9.25 10.44
C LEU F 689 19.31 -9.83 9.39
N GLN F 690 18.74 -10.20 8.26
CA GLN F 690 19.49 -10.65 7.09
C GLN F 690 19.43 -9.52 6.06
N LYS F 691 20.53 -8.80 5.91
CA LYS F 691 20.58 -7.74 4.91
C LYS F 691 20.51 -8.35 3.50
N GLU F 692 19.71 -7.73 2.65
CA GLU F 692 19.52 -8.19 1.29
C GLU F 692 20.56 -7.55 0.37
N ASN F 693 21.18 -8.36 -0.48
CA ASN F 693 22.10 -7.89 -1.51
C ASN F 693 21.63 -8.42 -2.86
N SER F 694 20.65 -7.74 -3.43
CA SER F 694 20.01 -8.17 -4.66
C SER F 694 20.40 -7.22 -5.78
N LYS F 695 20.99 -7.77 -6.84
CA LYS F 695 21.32 -7.00 -8.03
C LYS F 695 20.17 -6.90 -9.00
N ARG F 696 18.95 -7.18 -8.53
CA ARG F 696 17.75 -7.00 -9.34
C ARG F 696 17.63 -5.54 -9.76
N TRP F 697 17.28 -5.32 -11.03
CA TRP F 697 17.24 -3.96 -11.56
C TRP F 697 15.93 -3.26 -11.23
N ASN F 698 14.81 -3.87 -11.61
CA ASN F 698 13.50 -3.26 -11.39
C ASN F 698 13.18 -3.22 -9.90
N PRO F 699 12.32 -2.28 -9.49
CA PRO F 699 11.80 -2.32 -8.13
C PRO F 699 10.88 -3.51 -7.94
N GLU F 700 10.78 -3.98 -6.70
CA GLU F 700 9.92 -5.11 -6.39
C GLU F 700 8.71 -4.64 -5.60
N ILE F 701 7.92 -5.61 -5.14
CA ILE F 701 6.75 -5.30 -4.33
C ILE F 701 7.20 -4.94 -2.92
N GLN F 702 6.77 -3.77 -2.46
CA GLN F 702 6.99 -3.34 -1.10
C GLN F 702 5.63 -3.15 -0.44
N TYR F 703 5.54 -3.42 0.86
CA TYR F 703 4.29 -3.19 1.56
C TYR F 703 4.09 -1.70 1.75
N THR F 704 2.99 -1.18 1.22
CA THR F 704 2.66 0.24 1.32
C THR F 704 1.22 0.40 1.73
N SER F 705 0.94 1.50 2.41
CA SER F 705 -0.43 1.82 2.77
C SER F 705 -1.15 2.46 1.59
N ASN F 706 -2.48 2.33 1.59
CA ASN F 706 -3.27 2.90 0.51
C ASN F 706 -3.14 4.41 0.51
N TYR F 707 -2.92 4.98 -0.67
CA TYR F 707 -2.79 6.43 -0.79
C TYR F 707 -4.15 7.12 -0.68
N TYR F 708 -5.18 6.55 -1.31
CA TYR F 708 -6.46 7.23 -1.42
C TYR F 708 -7.06 7.49 -0.04
N LYS F 709 -7.88 8.54 0.03
CA LYS F 709 -8.47 8.94 1.30
C LYS F 709 -9.40 7.86 1.84
N SER F 710 -9.41 7.73 3.17
CA SER F 710 -10.23 6.74 3.83
C SER F 710 -10.90 7.37 5.04
N THR F 711 -11.98 6.75 5.49
CA THR F 711 -12.70 7.26 6.65
C THR F 711 -11.82 7.28 7.90
N SER F 712 -11.06 6.21 8.11
CA SER F 712 -10.16 6.10 9.24
C SER F 712 -8.82 5.56 8.77
N VAL F 713 -7.77 5.87 9.52
CA VAL F 713 -6.43 5.44 9.17
C VAL F 713 -6.28 3.95 9.45
N ASP F 714 -5.67 3.23 8.50
CA ASP F 714 -5.39 1.82 8.71
C ASP F 714 -4.38 1.65 9.84
N PHE F 715 -4.55 0.58 10.61
CA PHE F 715 -3.70 0.30 11.77
C PHE F 715 -3.69 1.48 12.74
N ALA F 716 -4.87 2.05 12.96
CA ALA F 716 -5.01 3.16 13.89
C ALA F 716 -6.39 3.07 14.53
N VAL F 717 -6.54 3.78 15.64
CA VAL F 717 -7.81 3.75 16.38
C VAL F 717 -8.89 4.45 15.58
N ASN F 718 -10.13 4.04 15.81
CA ASN F 718 -11.29 4.66 15.18
C ASN F 718 -11.81 5.78 16.07
N THR F 719 -13.01 6.29 15.76
CA THR F 719 -13.59 7.36 16.56
C THR F 719 -13.88 6.91 17.98
N GLU F 720 -14.19 5.63 18.17
CA GLU F 720 -14.53 5.10 19.48
C GLU F 720 -13.31 4.64 20.28
N GLY F 721 -12.11 4.77 19.72
CA GLY F 721 -10.92 4.37 20.43
C GLY F 721 -10.55 2.91 20.35
N VAL F 722 -11.00 2.21 19.31
CA VAL F 722 -10.75 0.78 19.17
C VAL F 722 -9.68 0.59 18.11
N TYR F 723 -8.52 0.07 18.52
CA TYR F 723 -7.45 -0.20 17.58
C TYR F 723 -7.78 -1.44 16.75
N SER F 724 -7.56 -1.35 15.44
CA SER F 724 -7.93 -2.42 14.53
C SER F 724 -6.80 -2.66 13.53
N GLU F 725 -6.63 -3.92 13.16
CA GLU F 725 -5.73 -4.30 12.09
C GLU F 725 -6.55 -4.65 10.86
N PRO F 726 -6.50 -3.86 9.79
CA PRO F 726 -7.44 -4.05 8.68
C PRO F 726 -7.10 -5.26 7.80
N ARG F 727 -5.81 -5.53 7.62
CA ARG F 727 -5.36 -6.62 6.79
C ARG F 727 -4.23 -7.35 7.50
N PRO F 728 -4.04 -8.63 7.21
CA PRO F 728 -2.89 -9.35 7.76
C PRO F 728 -1.64 -9.08 6.93
N ILE F 729 -0.71 -8.31 7.49
CA ILE F 729 0.51 -8.02 6.76
C ILE F 729 1.37 -9.27 6.70
N GLY F 730 1.72 -9.69 5.49
CA GLY F 730 2.58 -10.84 5.33
C GLY F 730 4.00 -10.52 5.67
N THR F 731 4.94 -11.29 5.13
CA THR F 731 6.35 -11.05 5.38
C THR F 731 7.20 -11.18 4.11
N ARG F 732 6.69 -11.78 3.05
CA ARG F 732 7.47 -12.08 1.85
C ARG F 732 7.13 -11.06 0.78
N TYR F 733 7.83 -9.93 0.81
CA TYR F 733 7.68 -8.90 -0.20
C TYR F 733 8.93 -8.71 -1.06
N LEU F 734 10.12 -8.81 -0.48
CA LEU F 734 11.34 -8.81 -1.27
C LEU F 734 11.45 -10.12 -2.03
N THR F 735 12.35 -10.14 -3.02
CA THR F 735 12.50 -11.28 -3.88
C THR F 735 13.93 -11.81 -3.85
N ARG F 736 14.04 -13.13 -3.92
CA ARG F 736 15.33 -13.81 -3.99
C ARG F 736 15.21 -14.92 -5.01
N ASN F 737 16.08 -14.91 -6.02
CA ASN F 737 16.07 -15.97 -7.02
C ASN F 737 16.47 -17.30 -6.39
N LEU F 738 15.88 -18.38 -6.89
CA LEU F 738 16.16 -19.72 -6.37
C LEU F 738 17.63 -20.08 -6.51
N ASN G 254 23.07 -11.01 -28.65
CA ASN G 254 21.82 -10.37 -29.07
C ASN G 254 22.08 -8.98 -29.65
N ASN G 255 23.18 -8.83 -30.39
CA ASN G 255 23.63 -7.52 -30.84
C ASN G 255 23.79 -6.56 -29.68
N HIS G 256 24.40 -7.04 -28.60
CA HIS G 256 24.65 -6.25 -27.39
C HIS G 256 23.35 -5.68 -26.82
N LEU G 257 22.31 -6.51 -26.80
CA LEU G 257 21.01 -6.10 -26.28
C LEU G 257 20.49 -7.13 -25.30
N TYR G 258 19.74 -6.66 -24.31
CA TYR G 258 18.94 -7.52 -23.45
C TYR G 258 17.56 -7.63 -24.05
N LYS G 259 17.17 -8.84 -24.43
CA LYS G 259 15.87 -9.04 -25.07
C LYS G 259 14.95 -9.85 -24.16
N GLN G 260 13.78 -9.28 -23.87
CA GLN G 260 12.71 -10.03 -23.23
C GLN G 260 12.30 -11.21 -24.12
N ILE G 261 12.16 -12.37 -23.51
CA ILE G 261 11.72 -13.57 -24.20
C ILE G 261 10.57 -14.19 -23.42
N SER G 262 9.43 -14.34 -24.08
CA SER G 262 8.24 -14.93 -23.46
C SER G 262 7.62 -15.90 -24.44
N ASN G 263 7.11 -17.01 -23.90
CA ASN G 263 6.39 -18.00 -24.68
C ASN G 263 5.14 -18.40 -23.92
N GLY G 264 3.99 -17.96 -24.40
CA GLY G 264 2.71 -18.32 -23.82
C GLY G 264 2.16 -19.58 -24.45
N THR G 265 0.84 -19.70 -24.44
CA THR G 265 0.17 -20.83 -25.06
C THR G 265 -0.16 -20.60 -26.52
N SER G 266 0.21 -19.45 -27.08
CA SER G 266 -0.05 -19.14 -28.47
C SER G 266 0.96 -19.81 -29.39
N GLY G 268 -0.21 -23.45 -30.25
CA GLY G 268 0.93 -24.34 -30.32
C GLY G 268 1.35 -24.89 -28.96
N ALA G 269 2.13 -24.10 -28.23
CA ALA G 269 2.59 -24.51 -26.91
C ALA G 269 1.43 -24.56 -25.93
N THR G 270 1.56 -25.42 -24.92
CA THR G 270 0.56 -25.53 -23.87
C THR G 270 0.97 -24.68 -22.68
N ASN G 271 0.19 -24.74 -21.60
CA ASN G 271 0.51 -23.98 -20.40
C ASN G 271 1.75 -24.47 -19.68
N ASP G 272 2.11 -25.75 -19.85
CA ASP G 272 3.28 -26.28 -19.17
C ASP G 272 4.59 -25.77 -19.75
N ASN G 273 4.58 -25.25 -20.97
CA ASN G 273 5.79 -24.78 -21.63
C ASN G 273 5.91 -23.26 -21.62
N THR G 274 4.96 -22.55 -21.03
CA THR G 274 5.04 -21.10 -20.98
C THR G 274 6.21 -20.66 -20.12
N TYR G 275 6.89 -19.59 -20.56
CA TYR G 275 7.99 -19.06 -19.78
C TYR G 275 8.12 -17.57 -20.03
N PHE G 276 8.76 -16.88 -19.09
CA PHE G 276 9.12 -15.48 -19.22
C PHE G 276 10.54 -15.30 -18.69
N GLY G 277 11.32 -14.49 -19.39
CA GLY G 277 12.68 -14.26 -18.96
C GLY G 277 13.37 -13.27 -19.86
N TYR G 278 14.69 -13.21 -19.72
CA TYR G 278 15.50 -12.29 -20.49
C TYR G 278 16.72 -13.01 -21.04
N SER G 279 17.01 -12.77 -22.32
CA SER G 279 18.23 -13.23 -22.96
C SER G 279 19.20 -12.07 -23.00
N THR G 280 20.27 -12.19 -22.29
CA THR G 280 21.36 -11.25 -22.14
C THR G 280 22.37 -11.42 -23.27
N PRO G 281 23.13 -10.37 -23.60
CA PRO G 281 24.18 -10.51 -24.62
C PRO G 281 25.42 -11.23 -24.13
N TRP G 282 25.42 -11.73 -22.90
CA TRP G 282 26.60 -12.38 -22.35
C TRP G 282 26.69 -13.83 -22.78
N ASN G 288 30.91 -28.27 -16.46
CA ASN G 288 29.98 -28.93 -15.54
C ASN G 288 29.65 -30.34 -16.02
N ARG G 289 30.65 -31.01 -16.60
CA ARG G 289 30.54 -32.40 -17.01
C ARG G 289 31.81 -33.13 -16.59
N PHE G 290 31.64 -34.37 -16.14
CA PHE G 290 32.78 -35.18 -15.75
C PHE G 290 33.63 -35.56 -16.97
N PHE G 309 34.22 -40.40 -4.55
CA PHE G 309 34.98 -39.20 -4.86
C PHE G 309 34.14 -37.94 -4.68
N ARG G 310 34.80 -36.80 -4.55
CA ARG G 310 34.13 -35.53 -4.39
C ARG G 310 35.08 -34.42 -4.83
N PRO G 311 34.55 -33.25 -5.23
CA PRO G 311 35.42 -32.15 -5.65
C PRO G 311 36.12 -31.46 -4.47
N ASP G 348 30.30 -14.49 -11.11
CA ASP G 348 29.32 -14.11 -10.10
C ASP G 348 29.65 -14.91 -8.85
N SER G 349 30.51 -14.34 -8.01
CA SER G 349 30.96 -15.05 -6.81
C SER G 349 29.91 -15.05 -5.72
N GLU G 350 29.01 -14.06 -5.70
CA GLU G 350 28.07 -13.88 -4.61
C GLU G 350 26.71 -14.51 -4.90
N TYR G 351 26.54 -15.14 -6.06
CA TYR G 351 25.31 -15.85 -6.42
C TYR G 351 24.11 -14.90 -6.41
N GLN G 352 24.31 -13.71 -6.99
CA GLN G 352 23.23 -12.75 -7.13
C GLN G 352 22.49 -12.85 -8.46
N LEU G 353 22.97 -13.65 -9.39
CA LEU G 353 22.32 -13.87 -10.67
C LEU G 353 21.58 -15.20 -10.65
N PRO G 354 20.58 -15.37 -11.50
CA PRO G 354 20.00 -16.71 -11.68
C PRO G 354 21.07 -17.70 -12.09
N TYR G 355 21.03 -18.88 -11.48
CA TYR G 355 22.06 -19.89 -11.69
C TYR G 355 21.54 -20.92 -12.68
N VAL G 356 21.68 -20.58 -13.96
CA VAL G 356 21.21 -21.47 -15.02
C VAL G 356 22.08 -22.72 -15.12
N LEU G 357 23.28 -22.70 -14.57
CA LEU G 357 24.13 -23.87 -14.57
C LEU G 357 23.49 -24.97 -13.72
N GLY G 358 23.85 -26.22 -14.03
CA GLY G 358 23.26 -27.35 -13.35
C GLY G 358 21.98 -27.85 -13.96
N SER G 359 21.45 -27.16 -14.97
CA SER G 359 20.28 -27.63 -15.71
C SER G 359 20.66 -28.50 -16.90
N ALA G 360 21.95 -28.80 -17.05
CA ALA G 360 22.46 -29.73 -18.07
C ALA G 360 22.16 -29.23 -19.49
N HIS G 361 22.72 -28.06 -19.80
CA HIS G 361 22.64 -27.49 -21.13
C HIS G 361 23.91 -27.80 -21.92
N GLN G 362 23.80 -27.66 -23.24
CA GLN G 362 24.96 -27.88 -24.09
C GLN G 362 25.98 -26.76 -23.93
N GLN G 377 25.55 -18.62 -24.60
CA GLN G 377 24.83 -17.39 -24.31
C GLN G 377 24.04 -17.52 -23.02
N TYR G 378 24.15 -16.52 -22.15
CA TYR G 378 23.49 -16.54 -20.86
C TYR G 378 22.11 -15.90 -20.97
N GLY G 379 21.08 -16.68 -20.68
CA GLY G 379 19.75 -16.14 -20.52
C GLY G 379 19.09 -16.81 -19.33
N TYR G 380 18.18 -16.08 -18.70
CA TYR G 380 17.55 -16.57 -17.48
C TYR G 380 16.04 -16.39 -17.56
N LEU G 381 15.34 -17.09 -16.69
CA LEU G 381 13.90 -17.03 -16.58
C LEU G 381 13.52 -16.45 -15.23
N THR G 382 12.25 -16.09 -15.10
CA THR G 382 11.72 -15.56 -13.86
C THR G 382 10.25 -15.93 -13.77
N LEU G 383 9.55 -15.32 -12.80
CA LEU G 383 8.15 -15.64 -12.60
C LEU G 383 7.33 -15.22 -13.81
N ASN G 384 6.29 -16.00 -14.11
CA ASN G 384 5.45 -15.73 -15.26
C ASN G 384 4.03 -16.18 -14.97
N ASN G 385 3.09 -15.60 -15.71
CA ASN G 385 1.70 -16.05 -15.75
C ASN G 385 1.34 -16.12 -17.23
N GLY G 386 1.63 -17.27 -17.84
CA GLY G 386 1.58 -17.34 -19.29
C GLY G 386 2.76 -16.60 -19.89
N SER G 387 2.52 -15.92 -21.01
CA SER G 387 3.55 -15.05 -21.57
C SER G 387 3.70 -13.76 -20.78
N GLN G 388 2.77 -13.44 -19.90
CA GLN G 388 2.85 -12.25 -19.07
C GLN G 388 3.86 -12.47 -17.94
N ALA G 389 4.25 -11.36 -17.33
CA ALA G 389 5.16 -11.37 -16.18
C ALA G 389 4.50 -10.68 -15.01
N VAL G 390 4.47 -11.37 -13.86
CA VAL G 390 3.91 -10.78 -12.66
C VAL G 390 4.88 -9.72 -12.14
N GLY G 391 4.41 -8.89 -11.21
CA GLY G 391 5.25 -7.84 -10.65
C GLY G 391 6.43 -8.36 -9.86
N ARG G 392 6.38 -9.62 -9.44
CA ARG G 392 7.48 -10.23 -8.71
C ARG G 392 8.63 -10.65 -9.62
N SER G 393 8.46 -10.57 -10.93
CA SER G 393 9.53 -10.93 -11.84
C SER G 393 10.72 -10.00 -11.67
N SER G 394 11.92 -10.57 -11.68
CA SER G 394 13.14 -9.83 -11.48
C SER G 394 13.86 -9.69 -12.81
N PHE G 395 14.27 -8.46 -13.13
CA PHE G 395 15.13 -8.19 -14.27
C PHE G 395 16.54 -7.94 -13.77
N TYR G 396 17.50 -8.69 -14.29
CA TYR G 396 18.88 -8.60 -13.86
C TYR G 396 19.72 -8.05 -15.02
N CYS G 397 20.43 -6.96 -14.78
CA CYS G 397 21.36 -6.40 -15.74
C CYS G 397 22.76 -6.85 -15.35
N LEU G 398 23.42 -7.57 -16.26
CA LEU G 398 24.73 -8.11 -15.94
C LEU G 398 25.84 -7.07 -16.01
N GLU G 399 25.64 -5.98 -16.75
CA GLU G 399 26.59 -4.88 -16.68
C GLU G 399 26.53 -4.17 -15.35
N TYR G 400 25.49 -4.42 -14.55
CA TYR G 400 25.40 -3.86 -13.22
C TYR G 400 26.27 -4.62 -12.21
N PHE G 401 27.20 -5.45 -12.70
CA PHE G 401 28.16 -6.16 -11.89
C PHE G 401 29.57 -5.66 -12.18
N PRO G 402 30.46 -5.64 -11.17
CA PRO G 402 31.85 -5.23 -11.37
C PRO G 402 32.63 -6.12 -12.34
N VAL G 421 30.60 -31.46 0.94
CA VAL G 421 29.63 -32.43 0.45
C VAL G 421 30.17 -33.84 0.59
N PRO G 422 29.29 -34.79 0.85
CA PRO G 422 29.73 -36.17 1.05
C PRO G 422 30.31 -36.78 -0.22
N PHE G 423 31.18 -37.77 -0.03
CA PHE G 423 31.76 -38.48 -1.15
C PHE G 423 30.66 -39.10 -2.00
N HIS G 424 30.83 -39.04 -3.31
CA HIS G 424 29.91 -39.72 -4.20
C HIS G 424 30.17 -41.23 -4.14
N SER G 425 29.10 -42.00 -4.04
CA SER G 425 29.21 -43.45 -3.96
C SER G 425 29.62 -44.04 -5.31
N GLY G 483 13.75 -47.51 0.23
CA GLY G 483 13.99 -46.40 -0.66
C GLY G 483 12.70 -45.72 -1.10
N PRO G 484 12.74 -44.40 -1.25
CA PRO G 484 11.54 -43.67 -1.67
C PRO G 484 11.14 -44.06 -3.08
N CYS G 485 9.84 -43.99 -3.35
CA CYS G 485 9.28 -44.41 -4.62
C CYS G 485 8.43 -43.29 -5.21
N TYR G 486 8.64 -43.00 -6.50
CA TYR G 486 7.75 -42.16 -7.31
C TYR G 486 7.59 -42.94 -8.61
N ARG G 487 6.57 -43.79 -8.65
CA ARG G 487 6.53 -44.86 -9.64
C ARG G 487 6.50 -44.31 -11.06
N GLN G 488 7.30 -44.93 -11.93
CA GLN G 488 7.41 -44.57 -13.32
C GLN G 488 6.54 -45.49 -14.18
N GLN G 489 6.62 -45.29 -15.49
CA GLN G 489 5.83 -46.08 -16.42
C GLN G 489 6.70 -47.11 -17.16
N ALA G 504 3.89 -41.43 -23.60
CA ALA G 504 5.13 -40.67 -23.62
C ALA G 504 5.04 -39.46 -22.69
N TRP G 505 4.04 -38.61 -22.94
CA TRP G 505 3.76 -37.47 -22.09
C TRP G 505 2.48 -37.63 -21.29
N THR G 506 1.42 -38.16 -21.91
CA THR G 506 0.16 -38.34 -21.19
C THR G 506 0.31 -39.36 -20.07
N ALA G 507 0.99 -40.47 -20.33
CA ALA G 507 1.21 -41.50 -19.33
C ALA G 507 2.51 -41.31 -18.57
N GLY G 508 3.30 -40.29 -18.90
CA GLY G 508 4.56 -40.09 -18.21
C GLY G 508 4.36 -39.57 -16.81
N THR G 509 5.36 -39.82 -15.96
CA THR G 509 5.34 -39.37 -14.57
C THR G 509 5.66 -37.89 -14.52
N LYS G 510 4.75 -37.10 -13.95
CA LYS G 510 4.88 -35.66 -13.89
C LYS G 510 4.64 -35.18 -12.47
N TYR G 511 5.03 -33.94 -12.19
CA TYR G 511 4.68 -33.28 -10.95
C TYR G 511 3.99 -31.96 -11.25
N HIS G 512 3.05 -31.60 -10.38
CA HIS G 512 2.23 -30.40 -10.56
C HIS G 512 2.81 -29.27 -9.74
N LEU G 513 3.01 -28.11 -10.38
CA LEU G 513 3.55 -26.95 -9.70
C LEU G 513 2.94 -25.70 -10.33
N ASN G 514 2.11 -25.00 -9.56
CA ASN G 514 1.45 -23.76 -10.01
C ASN G 514 0.67 -23.99 -11.30
N GLY G 515 -0.13 -25.05 -11.31
CA GLY G 515 -0.95 -25.34 -12.48
C GLY G 515 -0.14 -25.65 -13.72
N ARG G 516 1.00 -26.30 -13.58
CA ARG G 516 1.87 -26.61 -14.70
C ARG G 516 2.49 -27.97 -14.47
N ASN G 517 2.07 -28.96 -15.25
CA ASN G 517 2.59 -30.32 -15.13
C ASN G 517 3.97 -30.36 -15.76
N SER G 518 5.00 -30.53 -14.93
CA SER G 518 6.37 -30.62 -15.39
C SER G 518 6.83 -32.07 -15.31
N LEU G 519 7.47 -32.54 -16.38
CA LEU G 519 7.92 -33.92 -16.44
C LEU G 519 8.89 -34.21 -15.32
N ALA G 520 8.67 -35.31 -14.60
CA ALA G 520 9.52 -35.70 -13.48
C ALA G 520 10.75 -36.44 -14.00
N ASN G 521 11.58 -35.69 -14.72
CA ASN G 521 12.75 -36.23 -15.39
C ASN G 521 14.00 -35.76 -14.69
N PRO G 522 14.87 -36.66 -14.20
CA PRO G 522 14.74 -38.11 -14.17
C PRO G 522 14.07 -38.61 -12.90
N GLY G 523 13.55 -37.70 -12.07
CA GLY G 523 12.92 -38.11 -10.84
C GLY G 523 13.93 -38.56 -9.81
N ILE G 524 13.41 -39.15 -8.74
CA ILE G 524 14.27 -39.66 -7.68
C ILE G 524 14.97 -40.93 -8.17
N ALA G 525 16.14 -41.20 -7.60
CA ALA G 525 16.92 -42.35 -8.03
C ALA G 525 16.22 -43.64 -7.63
N MET G 526 16.10 -44.56 -8.59
CA MET G 526 15.48 -45.85 -8.33
C MET G 526 16.39 -46.98 -8.78
N SER G 539 9.79 -44.37 -18.18
CA SER G 539 9.35 -43.37 -19.16
C SER G 539 10.27 -42.16 -19.18
N ASN G 540 10.54 -41.59 -18.00
CA ASN G 540 11.35 -40.38 -17.92
C ASN G 540 12.27 -40.46 -16.71
N GLY G 541 12.63 -41.67 -16.30
CA GLY G 541 13.35 -41.89 -15.06
C GLY G 541 14.84 -42.15 -15.17
N ILE G 542 15.45 -41.97 -16.34
CA ILE G 542 16.88 -42.17 -16.52
C ILE G 542 17.44 -41.04 -17.35
N LEU G 543 18.76 -40.86 -17.24
CA LEU G 543 19.46 -39.89 -18.06
C LEU G 543 19.74 -40.49 -19.43
N ILE G 544 19.38 -39.75 -20.48
CA ILE G 544 19.53 -40.24 -21.84
C ILE G 544 20.19 -39.17 -22.72
N THR G 597 -2.02 -51.15 -2.99
CA THR G 597 -0.69 -51.01 -3.56
C THR G 597 -0.19 -49.58 -3.43
N VAL G 598 1.10 -49.43 -3.17
CA VAL G 598 1.72 -48.13 -2.97
C VAL G 598 2.54 -47.80 -4.21
N ASN G 599 2.15 -46.75 -4.92
CA ASN G 599 2.89 -46.31 -6.11
C ASN G 599 3.90 -45.22 -5.76
N SER G 600 3.51 -44.25 -4.94
CA SER G 600 4.39 -43.19 -4.49
C SER G 600 4.53 -43.29 -2.98
N GLN G 601 5.76 -43.42 -2.50
CA GLN G 601 6.04 -43.52 -1.08
C GLN G 601 7.07 -42.48 -0.69
N GLY G 602 6.73 -41.65 0.29
CA GLY G 602 7.64 -40.64 0.79
C GLY G 602 8.61 -41.21 1.81
N ALA G 603 9.33 -40.31 2.46
CA ALA G 603 10.34 -40.71 3.42
C ALA G 603 9.71 -41.37 4.64
N LEU G 604 10.34 -42.45 5.09
CA LEU G 604 9.97 -43.14 6.31
C LEU G 604 11.21 -43.38 7.14
N PRO G 605 11.08 -43.43 8.47
CA PRO G 605 12.23 -43.75 9.31
C PRO G 605 12.77 -45.15 9.01
N GLY G 606 14.09 -45.28 9.07
CA GLY G 606 14.74 -46.53 8.74
C GLY G 606 14.91 -46.80 7.26
N MET G 607 14.54 -45.86 6.41
CA MET G 607 14.65 -46.04 4.97
C MET G 607 16.04 -45.62 4.49
N VAL G 608 16.62 -46.44 3.62
CA VAL G 608 17.96 -46.21 3.10
C VAL G 608 17.92 -46.28 1.58
N TRP G 609 18.66 -45.39 0.93
CA TRP G 609 18.66 -45.33 -0.53
C TRP G 609 19.99 -44.79 -1.01
N GLN G 610 20.27 -45.00 -2.30
CA GLN G 610 21.48 -44.52 -2.95
C GLN G 610 21.12 -43.46 -3.98
N ASN G 611 22.00 -42.48 -4.12
CA ASN G 611 21.77 -41.41 -5.08
C ASN G 611 22.02 -41.91 -6.50
N ARG G 612 21.52 -41.15 -7.47
CA ARG G 612 21.72 -41.49 -8.87
C ARG G 612 23.21 -41.44 -9.22
N ASP G 613 23.63 -42.35 -10.09
CA ASP G 613 25.03 -42.41 -10.48
C ASP G 613 25.40 -41.19 -11.31
N VAL G 614 26.70 -40.96 -11.42
CA VAL G 614 27.23 -39.88 -12.26
C VAL G 614 27.90 -40.50 -13.47
N TYR G 615 27.96 -39.75 -14.56
CA TYR G 615 28.49 -40.26 -15.81
C TYR G 615 29.46 -39.27 -16.45
N GLY G 618 27.85 -36.56 -17.71
CA GLY G 618 26.87 -36.18 -16.71
C GLY G 618 27.27 -34.94 -15.94
N PRO G 619 26.29 -34.26 -15.35
CA PRO G 619 26.60 -33.03 -14.60
C PRO G 619 27.42 -33.32 -13.36
N ILE G 620 28.44 -32.48 -13.13
CA ILE G 620 29.25 -32.63 -11.93
C ILE G 620 28.45 -32.23 -10.70
N TRP G 621 27.74 -31.11 -10.77
CA TRP G 621 27.10 -30.54 -9.59
C TRP G 621 25.84 -29.80 -10.00
N ALA G 622 25.13 -29.29 -8.99
CA ALA G 622 24.01 -28.39 -9.19
C ALA G 622 23.89 -27.54 -7.94
N LYS G 623 23.24 -26.39 -8.08
CA LYS G 623 23.04 -25.47 -6.97
C LYS G 623 21.76 -25.85 -6.24
N ILE G 624 21.88 -26.08 -4.94
CA ILE G 624 20.71 -26.33 -4.10
C ILE G 624 19.94 -25.01 -4.01
N PRO G 625 18.66 -24.99 -4.36
CA PRO G 625 17.89 -23.74 -4.26
C PRO G 625 17.85 -23.25 -2.82
N HIS G 626 17.94 -21.93 -2.66
CA HIS G 626 17.92 -21.34 -1.32
C HIS G 626 16.48 -21.35 -0.82
N THR G 627 16.11 -22.47 -0.21
CA THR G 627 14.81 -22.65 0.40
C THR G 627 15.00 -22.93 1.89
N ASP G 628 13.91 -22.73 2.65
CA ASP G 628 13.98 -22.97 4.08
C ASP G 628 14.24 -24.43 4.39
N GLY G 629 13.63 -25.34 3.62
CA GLY G 629 13.78 -26.75 3.85
C GLY G 629 14.06 -27.50 2.56
N ASN G 630 14.84 -28.56 2.70
CA ASN G 630 15.09 -29.50 1.60
C ASN G 630 15.41 -30.86 2.21
N PHE G 631 14.94 -31.91 1.55
CA PHE G 631 15.17 -33.27 2.01
C PHE G 631 16.16 -33.95 1.07
N HIS G 632 17.32 -34.32 1.61
CA HIS G 632 18.40 -34.92 0.83
C HIS G 632 18.70 -34.05 -0.38
N PRO G 633 19.30 -32.88 -0.20
CA PRO G 633 19.47 -31.96 -1.33
C PRO G 633 20.50 -32.43 -2.33
N SER G 634 20.33 -33.65 -2.84
CA SER G 634 21.20 -34.10 -3.91
C SER G 634 20.53 -33.92 -5.26
N PRO G 635 21.25 -33.48 -6.28
CA PRO G 635 20.61 -33.26 -7.59
C PRO G 635 20.08 -34.57 -8.15
N LEU G 636 18.79 -34.56 -8.51
CA LEU G 636 18.18 -35.75 -9.06
C LEU G 636 18.81 -36.17 -10.39
N MET G 637 19.39 -35.22 -11.11
CA MET G 637 20.14 -35.53 -12.32
C MET G 637 21.47 -36.19 -12.02
N GLY G 638 21.88 -36.23 -10.75
CA GLY G 638 23.16 -36.78 -10.37
C GLY G 638 24.18 -35.69 -10.10
N GLY G 639 25.20 -36.05 -9.33
CA GLY G 639 26.26 -35.11 -9.01
C GLY G 639 26.30 -34.73 -7.55
N PHE G 640 26.84 -33.55 -7.26
CA PHE G 640 27.01 -33.05 -5.90
C PHE G 640 26.11 -31.85 -5.68
N GLY G 641 25.33 -31.89 -4.61
CA GLY G 641 24.47 -30.77 -4.28
C GLY G 641 25.21 -29.71 -3.49
N LEU G 642 25.56 -28.61 -4.15
CA LEU G 642 26.34 -27.54 -3.53
C LEU G 642 25.40 -26.39 -3.19
N LYS G 643 25.40 -25.98 -1.92
CA LYS G 643 24.65 -24.79 -1.53
C LYS G 643 25.23 -23.55 -2.18
N HIS G 644 26.56 -23.50 -2.32
CA HIS G 644 27.27 -22.41 -2.98
C HIS G 644 28.22 -23.02 -4.00
N PRO G 645 27.72 -23.35 -5.20
CA PRO G 645 28.49 -24.06 -6.22
C PRO G 645 29.64 -23.26 -6.81
N THR G 663 26.53 15.33 -35.48
CA THR G 663 25.37 15.86 -34.77
C THR G 663 24.90 14.88 -33.70
N PHE G 664 24.74 15.38 -32.49
CA PHE G 664 24.37 14.54 -31.36
C PHE G 664 22.99 13.94 -31.55
N ASN G 665 22.83 12.70 -31.10
CA ASN G 665 21.54 12.01 -31.11
C ASN G 665 21.29 11.40 -29.74
N GLN G 666 20.10 11.64 -29.20
CA GLN G 666 19.75 11.10 -27.88
C GLN G 666 19.61 9.59 -27.93
N SER G 667 19.17 9.05 -29.06
CA SER G 667 18.90 7.62 -29.15
C SER G 667 20.18 6.81 -28.99
N LYS G 668 20.07 5.67 -28.31
CA LYS G 668 21.23 4.83 -28.06
C LYS G 668 21.79 4.28 -29.36
N LEU G 669 23.11 4.12 -29.38
CA LEU G 669 23.77 3.60 -30.57
C LEU G 669 23.43 2.14 -30.79
N ASN G 670 23.25 1.77 -32.05
CA ASN G 670 22.90 0.41 -32.41
C ASN G 670 23.52 0.02 -33.75
#